data_6UGM
#
_entry.id   6UGM
#
_cell.length_a   1.00
_cell.length_b   1.00
_cell.length_c   1.00
_cell.angle_alpha   90.00
_cell.angle_beta   90.00
_cell.angle_gamma   90.00
#
_symmetry.space_group_name_H-M   'P 1'
#
loop_
_entity.id
_entity.type
_entity.pdbx_description
1 polymer 'Histone H3'
2 polymer 'Histone H4'
3 polymer 'Histone H2A'
4 polymer 'Histone H2B'
5 polymer 'Histone H2B 1.1'
6 polymer 'DNA (146-MER)'
7 polymer 'DNA (146-MER)'
8 polymer Swd3
9 polymer 'Histone-lysine N-methyltransferase, H3 lysine-4 specific'
10 polymer Swd1
11 polymer 'H3 N-terminus'
12 polymer Spp1
13 polymer Bre2
14 polymer Sdc1
15 non-polymer S-ADENOSYLMETHIONINE
16 non-polymer 'ZINC ION'
#
loop_
_entity_poly.entity_id
_entity_poly.type
_entity_poly.pdbx_seq_one_letter_code
_entity_poly.pdbx_strand_id
1 'polypeptide(L)'
;ARTKQTARKSTGGKAPRKQLATKAARKSAPATGGVKKPHRYRPGTVALREIRRYQKSTELLIRKLPFQRLVREIAQDFKT
DLRFQSSAVMALQEASEAYLVGLFEDTNLCGIHAKRVTIMPKDIQLARRIRGERA
;
A,E
2 'polypeptide(L)'
;SGRGKGGKGLGKGGAKRHRKVLRDNIQGITKPAIRRLARRGGVKRISGLIYEETRGVLKVFLENVIRDAVTYTEHAKRKT
VTAMDVVYALKRQGRTLYGFGG
;
B,F
3 'polypeptide(L)'
;AKAKTRSSRAGLQFPVGRVHRLLRKGNYAERVGAGAPVYLAAVLEYLTAEILELAGNAARDNKKTRIIPRHLQLAVRNDE
ELNKLLGRVTIAQGGVLPNIQSVLLPK
;
C,G
4 'polypeptide(L)'
;PEPAKSAPAPKKGSKKAVTKTQKKDGKKRRKTRKESYAIYVYKVLKQVHPDTGISSKAMSIMNSFVNDVFERIAGEASRL
AHYNKRSTITSREIQTAVRLLLPGELAKHAVSEGTKAVTKYTSAK
;
D
5 'polypeptide(L)'
;PEPAKSAPAPKKGSKKAVTKTQKKDGKKRRKSRKESYAIYVYKVLKQVHPDTGISSKAMSIMNSFVNDVFERIAGEASRL
AHYNKRSTITSREIQTAVRLLLPGELAKHAVSEGTKAVTKYTSAK
;
H
6 'polydeoxyribonucleotide'
;(DC)(DT)(DC)(DG)(DA)(DG)(DA)(DA)(DT)(DC)(DC)(DC)(DG)(DG)(DT)(DG)(DC)(DC)(DG)(DA)
(DG)(DG)(DC)(DC)(DG)(DC)(DT)(DC)(DA)(DA)(DT)(DT)(DG)(DG)(DT)(DC)(DG)(DT)(DA)(DG)
(DA)(DC)(DA)(DG)(DC)(DT)(DC)(DT)(DA)(DG)(DC)(DA)(DC)(DC)(DG)(DC)(DT)(DT)(DA)(DA)
(DA)(DC)(DG)(DC)(DA)(DC)(DG)(DT)(DA)(DC)(DG)(DC)(DG)(DC)(DT)(DG)(DT)(DC)(DC)(DC)
(DC)(DC)(DG)(DC)(DG)(DT)(DT)(DT)(DT)(DA)(DA)(DC)(DC)(DG)(DC)(DC)(DA)(DA)(DG)(DG)
(DG)(DG)(DA)(DT)(DT)(DA)(DC)(DT)(DC)(DC)(DC)(DT)(DA)(DG)(DT)(DC)(DT)(DC)(DC)(DA)
(DG)(DG)(DC)(DA)(DC)(DG)(DT)(DG)(DT)(DC)(DA)(DG)(DA)(DT)(DA)(DT)(DA)(DT)(DA)(DC)
(DA)(DT)(DC)(DC)(DG)(DA)(DT)
;
I
7 'polydeoxyribonucleotide'
;(DA)(DT)(DC)(DG)(DG)(DA)(DT)(DG)(DT)(DA)(DT)(DA)(DT)(DA)(DT)(DC)(DT)(DG)(DA)(DC)
(DA)(DC)(DG)(DT)(DG)(DC)(DC)(DT)(DG)(DG)(DA)(DG)(DA)(DC)(DT)(DA)(DG)(DG)(DG)(DA)
(DG)(DT)(DA)(DA)(DT)(DC)(DC)(DC)(DC)(DT)(DT)(DG)(DG)(DC)(DG)(DG)(DT)(DT)(DA)(DA)
(DA)(DA)(DC)(DG)(DC)(DG)(DG)(DG)(DG)(DG)(DA)(DC)(DA)(DG)(DC)(DG)(DC)(DG)(DT)(DA)
(DC)(DG)(DT)(DG)(DC)(DG)(DT)(DT)(DT)(DA)(DA)(DG)(DC)(DG)(DG)(DT)(DG)(DC)(DT)(DA)
(DG)(DA)(DG)(DC)(DT)(DG)(DT)(DC)(DT)(DA)(DC)(DG)(DA)(DC)(DC)(DA)(DA)(DT)(DT)(DG)
(DA)(DG)(DC)(DG)(DG)(DC)(DC)(DT)(DC)(DG)(DG)(DC)(DA)(DC)(DC)(DG)(DG)(DG)(DA)(DT)
(DT)(DC)(DT)(DC)(DG)(DA)
;
J
8 'polypeptide(L)'
;MCDLDSVSDLTLTLRMLQFDKQVLPASGKISTSCQISPDGELIAICQNTDMLVYEISSSKMMKLTTTHKECINCLCWSPD
SKCIASGSEDFTVEITHIIYGRIRRLMGHTAPVISICYNNKGNILCSSSMDESIKEWHVLSGTALKTMSAHSDAVVSIDI
PKFDSSILSSGSYDGLIRIFDTESGHCLKTLTYDKDWIAEDGVVPISTVKFSRNGKFLLVKSLDNVVKLWEYTRGTVVRT
FLWPHQETKAKLKYNCGLELIYPQGKDPLVISGNDSGSMCVWNVYSKNLVQKIDEKHRNSPLISISASYDKVATLSLNGE
CNLFRVH
;
K
9 'polypeptide(L)'
;YQQIEQNGIIRDNQIALNEKEFDSTLASTTGSFIAEGFKKIPDKLKSSYLLHHRRLAQPLNTVHNHQEQNFMALNGTEST
NQEADLEQDNHNASSRLNRVFQRRFQQDIEAQRAAIGFESDLLSLNQLTKRKKPVTFARSAIHNWGLYALEPIAAKEMII
EYVGESIRQPVAEMREKRYIKSGIGSSYLFRIDENTVIDATKRGGIARFINHCCEPSCTAKIIKVDGRKRIVIYALRDIG
TNEELTYDYKFERETDEGERLPCLCGAPSCKGFLN
;
M
10 'polypeptide(L)'
;MANLLLQDPFGVLKEYPEKLTHTLEVPVAAVCVKFSPRGDYLAVGCSNGAIIIYDMDSLKPIAMLGTHSGAHTRSVQSVC
WSNDGRYLWSSGRDWYAKLWDMTQPTKCFQQYKFDGPLWSCHVVRWNVCIVTVVEEPTAYVLTLTDRQNAFHCFPLLEQD
QDISGHGYTLVACPHPTIESIIITGTSKGWINAFQLDLESGFEDKIRCCYEEKIANANIKQIIISPSGTRIAINGSDRTI
RQYQLIVEDNESEGGSSHSVSIELEHKYQDIINRLQWNTIFFSNHSGEYLVASAHGSSAHDLYLWETSSGSLVRVLEGAD
EELLDIDWNFYSMRIASNGFESGWVYMWSIVIPPKWSALAPDFEEVEENIDYQEKENEFDIMDDDNNLQAMTEAEEIAID
LCTPEKYDVRGNDISMPSFVIPIDYEGVIIQQHWAHQEQ
;
N
11 'polypeptide(L)' TMQ R
12 'polypeptide(L)'
;MSLPSWCPRYDSRKHDPKTGEEVYCICKKPDTGELMVGCDGCDDWFHFSCLKIPEKYRDLVFSFYCSYCSAGITGPALIN
GGKLPKTLWKRKCRLPECYTECDANSRSKYCSKKHAVQYVQSIVDKLNLPGVDKIALLRQLLNETTSLEEFKTLGRDKLP
EVTSPLSKDQYSKLLENDQHLNKLINEHDELVSVKLSKLNEEDAVIEKYVNWIGEVNERLSPHFNQPTGRKKSKSASKVT
ICGYHNEFTIPRSVEEFLDKLLQLKEDENSNITSVDGVCVKTKCAKHQDWITLSQNDLSEQKDSLENVKRRLDLLISVRT
NQLRISFFEQEMSNRVLPGVKT
;
X
13 'polypeptide(L)'
;MSVPVIPYLDYDIVDLGSDIKKPDFPQLSESHRINEQQYYITEDTPLNKRNFMYQPCAANLMLDKLKYCGTDYFDKSSIN
LMDRSDKLAFSLDDHSVSVSENCGWRSVRSDVCMKEGKIYWEVEVKNVSDTSHIRCGISRREASTETPVGCDFYGYSIRD
KGLQVIHEGRLHTVLKPHEMQAGDRIGFLLTLPSLQSQSEQAMDYSLKRIQELNNDDSRTNKRNKKFNKEFYKFLLRSCE
PTNVVRDQIAIRYKNQLFYESTDYVKTTKPEYYDNRDDMQKFYELENSSFEVFVNGVSHGIAFEGLTPFLPPFSELQYNE
KFYLHHWNKRNVTKGIEIRNKYVNNNRLGYYATLSSFQGGTASIITEAMELKFLPKDVDIKTLNDIYNEQIASDIVWDLI
DEIDT
;
L
14 'polypeptide(L)'
;MSEPVMENMAPEDVVKLEKEEHIVPDIGVSSISTTEPLSPSGIPRESSGTVTSATAATTEREVSPKKELQIDHDRVDPVA
MIGGSTTRRYLNEHVTKHLLEGMKLIAREKPEDPLRVLGQFLIDASEMNQKPSS
;
O,P
#
loop_
_chem_comp.id
_chem_comp.type
_chem_comp.name
_chem_comp.formula
DA DNA linking 2'-DEOXYADENOSINE-5'-MONOPHOSPHATE 'C10 H14 N5 O6 P'
DC DNA linking 2'-DEOXYCYTIDINE-5'-MONOPHOSPHATE 'C9 H14 N3 O7 P'
DG DNA linking 2'-DEOXYGUANOSINE-5'-MONOPHOSPHATE 'C10 H14 N5 O7 P'
DT DNA linking THYMIDINE-5'-MONOPHOSPHATE 'C10 H15 N2 O8 P'
SAM non-polymer S-ADENOSYLMETHIONINE 'C15 H22 N6 O5 S'
ZN non-polymer 'ZINC ION' 'Zn 2'
#
# COMPACT_ATOMS: atom_id res chain seq x y z
N PRO A 38 -1.38 -14.61 -51.27
CA PRO A 38 -0.44 -13.92 -50.37
C PRO A 38 -0.82 -14.09 -48.90
N HIS A 39 -0.04 -13.47 -48.02
CA HIS A 39 -0.40 -13.41 -46.60
C HIS A 39 -1.42 -12.29 -46.44
N ARG A 40 -2.68 -12.66 -46.32
CA ARG A 40 -3.77 -11.70 -46.28
C ARG A 40 -4.21 -11.48 -44.84
N TYR A 41 -4.16 -10.23 -44.40
CA TYR A 41 -4.76 -9.85 -43.13
C TYR A 41 -6.27 -9.87 -43.28
N ARG A 42 -6.95 -10.49 -42.33
CA ARG A 42 -8.39 -10.67 -42.34
C ARG A 42 -9.10 -9.34 -42.19
N PRO A 43 -10.35 -9.21 -42.66
CA PRO A 43 -11.09 -7.95 -42.44
C PRO A 43 -11.44 -7.77 -40.98
N GLY A 44 -10.73 -6.90 -40.29
CA GLY A 44 -10.97 -6.70 -38.88
C GLY A 44 -9.75 -6.47 -38.02
N THR A 45 -8.58 -6.94 -38.45
CA THR A 45 -7.38 -6.76 -37.64
C THR A 45 -6.32 -5.98 -38.39
N VAL A 46 -6.73 -5.03 -39.22
CA VAL A 46 -5.92 -3.84 -39.39
C VAL A 46 -6.56 -2.74 -38.56
N ALA A 47 -7.87 -2.84 -38.35
CA ALA A 47 -8.63 -1.99 -37.46
C ALA A 47 -8.17 -2.09 -36.02
N LEU A 48 -8.20 -3.28 -35.43
CA LEU A 48 -7.82 -3.43 -34.02
C LEU A 48 -6.31 -3.39 -33.77
N ARG A 49 -5.51 -3.20 -34.82
CA ARG A 49 -4.17 -2.69 -34.65
C ARG A 49 -4.16 -1.18 -34.64
N GLU A 50 -4.92 -0.55 -35.54
CA GLU A 50 -4.86 0.89 -35.67
C GLU A 50 -5.65 1.58 -34.57
N ILE A 51 -6.50 0.84 -33.85
CA ILE A 51 -7.09 1.36 -32.63
C ILE A 51 -5.96 1.45 -31.62
N ARG A 52 -5.26 0.33 -31.39
CA ARG A 52 -4.28 0.28 -30.32
C ARG A 52 -3.01 1.03 -30.67
N ARG A 53 -2.80 1.36 -31.94
CA ARG A 53 -1.72 2.28 -32.27
C ARG A 53 -2.11 3.71 -31.92
N TYR A 54 -3.27 4.14 -32.38
CA TYR A 54 -3.61 5.57 -32.31
C TYR A 54 -4.05 5.96 -30.91
N GLN A 55 -4.52 5.02 -30.12
CA GLN A 55 -4.86 5.34 -28.74
C GLN A 55 -3.61 5.43 -27.89
N LYS A 56 -2.51 4.87 -28.35
CA LYS A 56 -1.22 4.90 -27.67
C LYS A 56 -0.32 5.96 -28.30
N SER A 57 -0.92 7.05 -28.76
CA SER A 57 -0.14 8.09 -29.42
C SER A 57 -0.83 9.41 -29.20
N THR A 58 -0.08 10.49 -29.39
CA THR A 58 -0.52 11.82 -29.02
C THR A 58 -0.81 12.72 -30.21
N GLU A 59 -0.06 12.58 -31.29
CA GLU A 59 0.17 13.66 -32.23
C GLU A 59 -1.04 13.93 -33.09
N LEU A 60 -1.00 15.02 -33.86
CA LEU A 60 -2.17 15.55 -34.53
C LEU A 60 -2.52 14.70 -35.74
N LEU A 61 -3.82 14.46 -35.91
CA LEU A 61 -4.30 13.54 -36.93
C LEU A 61 -4.89 14.25 -38.14
N ILE A 62 -5.26 15.51 -37.99
CA ILE A 62 -5.70 16.32 -39.12
C ILE A 62 -4.50 17.13 -39.53
N ARG A 63 -4.14 17.08 -40.82
CA ARG A 63 -2.98 17.79 -41.34
C ARG A 63 -3.17 19.28 -41.21
N LYS A 64 -2.08 19.99 -40.95
CA LYS A 64 -2.20 21.36 -40.47
C LYS A 64 -2.55 22.34 -41.58
N LEU A 65 -1.99 22.16 -42.74
CA LEU A 65 -2.33 23.01 -43.87
C LEU A 65 -3.74 22.87 -44.45
N PRO A 66 -4.47 21.76 -44.30
CA PRO A 66 -5.90 21.84 -44.53
C PRO A 66 -6.69 22.20 -43.30
N PHE A 67 -6.02 22.58 -42.23
CA PHE A 67 -6.72 23.20 -41.11
C PHE A 67 -6.37 24.66 -40.97
N GLN A 68 -5.23 25.07 -41.49
CA GLN A 68 -4.92 26.49 -41.53
C GLN A 68 -5.83 27.19 -42.53
N ARG A 69 -6.15 26.52 -43.63
CA ARG A 69 -7.01 27.12 -44.63
C ARG A 69 -8.45 26.75 -44.47
N LEU A 70 -8.83 25.99 -43.45
CA LEU A 70 -10.24 25.80 -43.16
C LEU A 70 -10.72 26.82 -42.15
N VAL A 71 -9.88 27.14 -41.17
CA VAL A 71 -10.21 28.15 -40.16
C VAL A 71 -10.29 29.52 -40.81
N ARG A 72 -9.44 29.78 -41.79
CA ARG A 72 -9.47 31.07 -42.46
C ARG A 72 -10.64 31.20 -43.42
N GLU A 73 -11.30 30.09 -43.77
CA GLU A 73 -12.55 30.20 -44.50
C GLU A 73 -13.65 30.71 -43.57
N ILE A 74 -13.73 30.16 -42.37
CA ILE A 74 -14.84 30.48 -41.49
C ILE A 74 -14.63 31.84 -40.84
N ALA A 75 -13.39 32.27 -40.68
CA ALA A 75 -13.18 33.62 -40.17
C ALA A 75 -13.45 34.70 -41.18
N GLN A 76 -13.47 34.36 -42.47
CA GLN A 76 -13.69 35.34 -43.52
C GLN A 76 -15.17 35.67 -43.69
N ASP A 77 -16.06 35.04 -42.93
CA ASP A 77 -17.45 35.41 -42.91
C ASP A 77 -17.83 36.21 -41.69
N PHE A 78 -16.88 36.53 -40.82
CA PHE A 78 -17.18 37.33 -39.65
C PHE A 78 -16.42 38.64 -39.60
N LYS A 79 -15.14 38.60 -39.88
CA LYS A 79 -14.34 39.81 -39.96
C LYS A 79 -13.30 39.60 -41.03
N THR A 80 -13.31 40.45 -42.03
CA THR A 80 -12.49 40.28 -43.21
C THR A 80 -11.08 40.71 -42.92
N ASP A 81 -10.13 39.98 -43.50
CA ASP A 81 -8.68 40.18 -43.38
C ASP A 81 -8.22 40.13 -41.92
N LEU A 82 -8.48 38.99 -41.28
CA LEU A 82 -7.98 38.70 -39.95
C LEU A 82 -6.72 37.88 -40.09
N ARG A 83 -5.65 38.34 -39.48
CA ARG A 83 -4.51 37.47 -39.32
C ARG A 83 -4.78 36.51 -38.17
N PHE A 84 -4.07 35.39 -38.18
CA PHE A 84 -4.13 34.45 -37.07
C PHE A 84 -2.75 34.31 -36.50
N GLN A 85 -2.64 34.32 -35.18
CA GLN A 85 -1.41 33.88 -34.56
C GLN A 85 -1.26 32.39 -34.80
N SER A 86 -0.01 31.95 -35.00
CA SER A 86 0.23 30.58 -35.43
C SER A 86 -0.05 29.59 -34.32
N SER A 87 -0.02 30.04 -33.07
CA SER A 87 -0.54 29.25 -31.97
C SER A 87 -2.05 29.12 -32.00
N ALA A 88 -2.75 30.12 -32.50
CA ALA A 88 -4.19 30.12 -32.43
C ALA A 88 -4.83 29.34 -33.54
N VAL A 89 -4.05 28.79 -34.45
CA VAL A 89 -4.56 27.71 -35.28
C VAL A 89 -4.48 26.40 -34.53
N MET A 90 -3.36 26.17 -33.85
CA MET A 90 -3.15 24.92 -33.14
C MET A 90 -4.01 24.82 -31.90
N ALA A 91 -4.41 25.95 -31.33
CA ALA A 91 -5.37 25.90 -30.25
C ALA A 91 -6.76 25.59 -30.74
N LEU A 92 -7.04 25.83 -32.02
CA LEU A 92 -8.29 25.44 -32.62
C LEU A 92 -8.25 24.00 -33.11
N GLN A 93 -7.07 23.54 -33.51
CA GLN A 93 -6.93 22.18 -33.98
C GLN A 93 -7.06 21.20 -32.84
N GLU A 94 -6.41 21.50 -31.72
CA GLU A 94 -6.42 20.61 -30.59
C GLU A 94 -7.76 20.56 -29.88
N ALA A 95 -8.54 21.63 -29.94
CA ALA A 95 -9.87 21.59 -29.37
C ALA A 95 -10.89 21.02 -30.32
N SER A 96 -10.54 20.82 -31.59
CA SER A 96 -11.44 20.17 -32.52
C SER A 96 -11.10 18.70 -32.72
N GLU A 97 -9.84 18.34 -32.56
CA GLU A 97 -9.48 16.94 -32.61
C GLU A 97 -9.97 16.23 -31.37
N ALA A 98 -9.95 16.90 -30.24
CA ALA A 98 -10.42 16.31 -29.00
C ALA A 98 -11.89 16.55 -28.76
N TYR A 99 -12.58 17.14 -29.72
CA TYR A 99 -14.04 17.14 -29.71
C TYR A 99 -14.57 15.98 -30.53
N LEU A 100 -13.99 15.76 -31.71
CA LEU A 100 -14.48 14.72 -32.59
C LEU A 100 -14.16 13.34 -32.05
N VAL A 101 -13.09 13.23 -31.28
CA VAL A 101 -12.79 11.98 -30.59
C VAL A 101 -13.79 11.75 -29.48
N GLY A 102 -14.16 12.79 -28.76
CA GLY A 102 -15.19 12.67 -27.74
C GLY A 102 -16.58 12.55 -28.32
N LEU A 103 -16.75 12.80 -29.60
CA LEU A 103 -17.97 12.43 -30.28
C LEU A 103 -17.97 10.97 -30.69
N PHE A 104 -16.86 10.47 -31.21
CA PHE A 104 -16.81 9.11 -31.74
C PHE A 104 -16.74 8.07 -30.64
N GLU A 105 -16.41 8.46 -29.42
CA GLU A 105 -16.60 7.56 -28.29
C GLU A 105 -18.06 7.49 -27.90
N ASP A 106 -18.87 8.45 -28.35
CA ASP A 106 -20.26 8.47 -27.97
C ASP A 106 -21.15 7.89 -29.05
N THR A 107 -20.69 7.84 -30.30
CA THR A 107 -21.47 7.12 -31.29
C THR A 107 -21.26 5.64 -31.13
N ASN A 108 -20.06 5.23 -30.73
CA ASN A 108 -19.76 3.82 -30.65
C ASN A 108 -20.41 3.17 -29.44
N LEU A 109 -20.75 3.95 -28.42
CA LEU A 109 -21.65 3.39 -27.42
C LEU A 109 -23.07 3.37 -27.92
N CYS A 110 -23.40 4.28 -28.83
CA CYS A 110 -24.77 4.36 -29.34
C CYS A 110 -24.96 3.40 -30.50
N GLY A 111 -23.87 2.85 -31.02
CA GLY A 111 -23.97 1.90 -32.11
C GLY A 111 -24.00 0.48 -31.60
N ILE A 112 -23.16 0.19 -30.60
CA ILE A 112 -23.13 -1.10 -29.90
C ILE A 112 -24.45 -1.39 -29.24
N HIS A 113 -25.13 -0.36 -28.77
CA HIS A 113 -26.49 -0.39 -28.27
C HIS A 113 -27.51 -0.94 -29.25
N ALA A 114 -27.31 -0.77 -30.55
CA ALA A 114 -28.20 -1.38 -31.53
C ALA A 114 -27.67 -2.71 -32.06
N LYS A 115 -26.73 -3.32 -31.33
CA LYS A 115 -26.01 -4.54 -31.69
C LYS A 115 -25.37 -4.46 -33.07
N ARG A 116 -24.56 -3.44 -33.30
CA ARG A 116 -23.83 -3.29 -34.55
C ARG A 116 -22.36 -3.22 -34.22
N VAL A 117 -21.52 -3.14 -35.25
CA VAL A 117 -20.14 -2.70 -35.08
C VAL A 117 -19.78 -1.59 -36.03
N THR A 118 -20.65 -1.23 -36.96
CA THR A 118 -20.47 -0.04 -37.77
C THR A 118 -20.95 1.18 -37.01
N ILE A 119 -20.70 2.35 -37.56
CA ILE A 119 -21.33 3.57 -37.09
C ILE A 119 -21.95 4.30 -38.27
N MET A 120 -23.21 4.62 -38.15
CA MET A 120 -23.93 5.23 -39.24
C MET A 120 -24.27 6.66 -38.87
N PRO A 121 -24.74 7.49 -39.80
CA PRO A 121 -25.17 8.83 -39.40
C PRO A 121 -26.53 8.90 -38.75
N LYS A 122 -27.16 7.80 -38.39
CA LYS A 122 -28.23 7.83 -37.45
C LYS A 122 -27.75 7.55 -36.04
N ASP A 123 -26.44 7.66 -35.80
CA ASP A 123 -25.84 7.57 -34.49
C ASP A 123 -25.29 8.91 -34.03
N ILE A 124 -24.62 9.63 -34.93
CA ILE A 124 -24.11 10.96 -34.62
C ILE A 124 -25.26 11.91 -34.35
N GLN A 125 -26.33 11.78 -35.12
CA GLN A 125 -27.53 12.54 -34.84
C GLN A 125 -28.35 11.98 -33.68
N LEU A 126 -27.93 10.89 -33.07
CA LEU A 126 -28.44 10.55 -31.76
C LEU A 126 -27.56 11.07 -30.65
N ALA A 127 -26.24 10.82 -30.73
CA ALA A 127 -25.33 11.19 -29.67
C ALA A 127 -25.11 12.69 -29.54
N ARG A 128 -25.53 13.47 -30.53
CA ARG A 128 -25.55 14.91 -30.32
C ARG A 128 -26.87 15.34 -29.71
N ARG A 129 -27.96 14.65 -30.04
CA ARG A 129 -29.26 15.01 -29.50
C ARG A 129 -29.37 14.66 -28.03
N ILE A 130 -28.71 13.59 -27.59
CA ILE A 130 -28.68 13.26 -26.17
C ILE A 130 -27.86 14.29 -25.39
N ARG A 131 -26.72 14.69 -25.94
CA ARG A 131 -25.83 15.59 -25.22
C ARG A 131 -26.27 17.04 -25.28
N GLY A 132 -27.40 17.35 -25.92
CA GLY A 132 -27.89 18.71 -25.97
C GLY A 132 -27.13 19.62 -26.90
N GLU A 133 -26.46 19.08 -27.91
CA GLU A 133 -25.78 19.93 -28.87
C GLU A 133 -26.78 20.56 -29.83
N ARG A 134 -27.45 19.75 -30.65
CA ARG A 134 -28.47 20.22 -31.56
C ARG A 134 -29.60 19.21 -31.68
N LYS B 20 -7.73 35.88 -51.37
CA LYS B 20 -8.87 35.54 -52.21
C LYS B 20 -9.94 34.81 -51.40
N VAL B 21 -11.20 35.00 -51.77
CA VAL B 21 -12.30 34.36 -51.06
C VAL B 21 -12.40 32.90 -51.51
N LEU B 22 -12.25 31.99 -50.55
CA LEU B 22 -12.11 30.58 -50.80
C LEU B 22 -13.40 29.84 -50.49
N ARG B 23 -13.61 28.71 -51.16
CA ARG B 23 -14.71 27.81 -50.84
C ARG B 23 -14.23 26.38 -50.94
N ASP B 24 -14.97 25.48 -50.29
CA ASP B 24 -14.77 24.02 -50.31
C ASP B 24 -13.39 23.64 -49.77
N ASN B 25 -12.96 24.33 -48.73
CA ASN B 25 -11.75 23.91 -48.04
C ASN B 25 -12.03 22.76 -47.10
N ILE B 26 -13.30 22.51 -46.77
CA ILE B 26 -13.63 21.49 -45.81
C ILE B 26 -13.48 20.09 -46.36
N GLN B 27 -13.34 19.94 -47.68
CA GLN B 27 -12.99 18.65 -48.23
C GLN B 27 -11.50 18.38 -48.17
N GLY B 28 -10.72 19.27 -47.57
CA GLY B 28 -9.35 19.00 -47.21
C GLY B 28 -9.24 18.25 -45.90
N ILE B 29 -10.33 18.19 -45.13
CA ILE B 29 -10.37 17.29 -43.97
C ILE B 29 -10.74 15.95 -44.53
N THR B 30 -9.74 15.21 -44.98
CA THR B 30 -9.96 14.18 -45.96
C THR B 30 -10.42 12.89 -45.32
N LYS B 31 -10.94 11.99 -46.15
CA LYS B 31 -11.51 10.70 -45.79
C LYS B 31 -10.64 9.77 -44.95
N PRO B 32 -9.30 9.77 -45.01
CA PRO B 32 -8.59 9.06 -43.95
C PRO B 32 -8.54 9.84 -42.66
N ALA B 33 -8.49 11.16 -42.73
CA ALA B 33 -8.32 11.96 -41.53
C ALA B 33 -9.57 12.05 -40.69
N ILE B 34 -10.73 11.69 -41.23
CA ILE B 34 -11.86 11.39 -40.37
C ILE B 34 -11.69 10.01 -39.76
N ARG B 35 -11.20 9.06 -40.53
CA ARG B 35 -11.12 7.71 -40.00
C ARG B 35 -9.88 7.53 -39.14
N ARG B 36 -8.88 8.38 -39.27
CA ARG B 36 -7.78 8.33 -38.31
C ARG B 36 -8.22 8.87 -36.97
N LEU B 37 -9.12 9.84 -37.00
CA LEU B 37 -9.67 10.44 -35.79
C LEU B 37 -10.59 9.46 -35.11
N ALA B 38 -11.28 8.65 -35.89
CA ALA B 38 -12.28 7.77 -35.31
C ALA B 38 -11.64 6.56 -34.68
N ARG B 39 -10.40 6.26 -35.04
CA ARG B 39 -9.70 5.15 -34.39
C ARG B 39 -9.27 5.57 -33.00
N ARG B 40 -9.02 6.86 -32.80
CA ARG B 40 -8.64 7.34 -31.49
C ARG B 40 -9.85 7.27 -30.58
N GLY B 41 -11.04 7.42 -31.14
CA GLY B 41 -12.23 7.11 -30.39
C GLY B 41 -12.44 5.63 -30.17
N GLY B 42 -11.80 4.81 -30.97
CA GLY B 42 -11.88 3.40 -30.72
C GLY B 42 -13.13 2.84 -31.34
N VAL B 43 -13.28 3.05 -32.63
CA VAL B 43 -14.39 2.49 -33.37
C VAL B 43 -13.77 1.55 -34.39
N LYS B 44 -14.54 0.55 -34.82
CA LYS B 44 -13.98 -0.53 -35.61
C LYS B 44 -14.37 -0.46 -37.07
N ARG B 45 -15.64 -0.23 -37.36
CA ARG B 45 -16.08 -0.13 -38.74
C ARG B 45 -16.82 1.17 -38.94
N ILE B 46 -16.54 1.85 -40.03
CA ILE B 46 -17.04 3.19 -40.26
C ILE B 46 -17.82 3.16 -41.56
N SER B 47 -19.13 3.32 -41.48
CA SER B 47 -19.95 3.35 -42.68
C SER B 47 -19.73 4.64 -43.44
N GLY B 48 -19.55 4.56 -44.76
CA GLY B 48 -19.07 5.68 -45.57
C GLY B 48 -19.95 6.90 -45.71
N LEU B 49 -21.12 6.91 -45.07
CA LEU B 49 -21.90 8.13 -44.99
C LEU B 49 -21.46 9.01 -43.84
N ILE B 50 -20.55 8.54 -42.98
CA ILE B 50 -20.07 9.31 -41.84
C ILE B 50 -19.28 10.51 -42.31
N TYR B 51 -18.50 10.35 -43.36
CA TYR B 51 -17.58 11.35 -43.86
C TYR B 51 -18.22 12.63 -44.40
N GLU B 52 -19.54 12.66 -44.53
CA GLU B 52 -20.20 13.92 -44.78
C GLU B 52 -20.99 14.41 -43.59
N GLU B 53 -21.34 13.53 -42.65
CA GLU B 53 -21.95 14.01 -41.42
C GLU B 53 -20.91 14.66 -40.53
N THR B 54 -19.66 14.17 -40.58
CA THR B 54 -18.63 14.66 -39.68
C THR B 54 -18.16 16.06 -40.10
N ARG B 55 -18.04 16.28 -41.40
CA ARG B 55 -17.75 17.63 -41.86
C ARG B 55 -18.93 18.58 -41.70
N GLY B 56 -20.14 18.08 -41.51
CA GLY B 56 -21.23 18.89 -41.07
C GLY B 56 -21.29 19.06 -39.57
N VAL B 57 -20.37 18.44 -38.84
CA VAL B 57 -20.26 18.63 -37.40
C VAL B 57 -19.06 19.48 -37.02
N LEU B 58 -17.94 19.30 -37.70
CA LEU B 58 -16.78 20.14 -37.48
C LEU B 58 -17.00 21.57 -37.96
N LYS B 59 -17.85 21.77 -38.96
CA LYS B 59 -18.13 23.14 -39.39
C LYS B 59 -19.10 23.82 -38.45
N VAL B 60 -19.99 23.04 -37.82
CA VAL B 60 -20.90 23.62 -36.84
C VAL B 60 -20.12 23.97 -35.58
N PHE B 61 -19.14 23.15 -35.22
CA PHE B 61 -18.37 23.40 -34.01
C PHE B 61 -17.39 24.55 -34.21
N LEU B 62 -16.82 24.67 -35.41
CA LEU B 62 -15.87 25.75 -35.59
C LEU B 62 -16.56 27.07 -35.84
N GLU B 63 -17.84 27.07 -36.17
CA GLU B 63 -18.54 28.34 -36.30
C GLU B 63 -18.83 28.93 -34.94
N ASN B 64 -19.00 28.09 -33.93
CA ASN B 64 -19.27 28.61 -32.60
C ASN B 64 -18.01 29.13 -31.95
N VAL B 65 -16.87 28.47 -32.20
CA VAL B 65 -15.66 28.84 -31.50
C VAL B 65 -15.05 30.09 -32.10
N ILE B 66 -15.04 30.18 -33.43
CA ILE B 66 -14.35 31.29 -34.08
C ILE B 66 -15.17 32.57 -33.96
N ARG B 67 -16.49 32.48 -33.95
CA ARG B 67 -17.31 33.69 -33.84
C ARG B 67 -17.22 34.29 -32.46
N ASP B 68 -17.06 33.47 -31.43
CA ASP B 68 -16.72 34.03 -30.15
C ASP B 68 -15.24 34.38 -30.06
N ALA B 69 -14.40 33.81 -30.93
CA ALA B 69 -12.99 34.17 -30.88
C ALA B 69 -12.74 35.48 -31.61
N VAL B 70 -13.57 35.77 -32.62
CA VAL B 70 -13.43 37.03 -33.33
C VAL B 70 -13.94 38.17 -32.46
N THR B 71 -14.99 37.90 -31.69
CA THR B 71 -15.64 38.89 -30.84
C THR B 71 -14.73 39.36 -29.72
N TYR B 72 -13.87 38.48 -29.22
CA TYR B 72 -12.90 38.89 -28.23
C TYR B 72 -11.75 39.68 -28.84
N THR B 73 -11.58 39.62 -30.15
CA THR B 73 -10.60 40.49 -30.78
C THR B 73 -11.22 41.82 -31.18
N GLU B 74 -12.46 41.78 -31.65
CA GLU B 74 -13.23 42.95 -32.06
C GLU B 74 -13.43 43.91 -30.91
N HIS B 75 -13.55 43.40 -29.71
CA HIS B 75 -13.57 44.27 -28.55
C HIS B 75 -12.21 44.86 -28.28
N ALA B 76 -11.16 44.09 -28.52
CA ALA B 76 -9.83 44.55 -28.16
C ALA B 76 -9.19 45.38 -29.24
N LYS B 77 -9.91 45.63 -30.34
CA LYS B 77 -9.52 46.47 -31.48
C LYS B 77 -8.21 45.97 -32.09
N ARG B 78 -8.29 44.75 -32.60
CA ARG B 78 -7.14 44.08 -33.15
C ARG B 78 -7.50 43.50 -34.51
N LYS B 79 -6.46 43.12 -35.24
CA LYS B 79 -6.65 42.38 -36.48
C LYS B 79 -5.95 41.04 -36.44
N THR B 80 -5.84 40.42 -35.27
CA THR B 80 -5.13 39.16 -35.12
C THR B 80 -5.78 38.36 -34.01
N VAL B 81 -6.33 37.20 -34.38
CA VAL B 81 -6.95 36.31 -33.40
C VAL B 81 -5.82 35.65 -32.65
N THR B 82 -5.58 36.12 -31.43
CA THR B 82 -4.43 35.60 -30.71
C THR B 82 -4.76 34.30 -30.03
N ALA B 83 -3.78 33.80 -29.28
CA ALA B 83 -3.89 32.46 -28.70
C ALA B 83 -4.87 32.44 -27.55
N MET B 84 -4.92 33.50 -26.76
CA MET B 84 -5.80 33.53 -25.61
C MET B 84 -7.25 33.73 -26.02
N ASP B 85 -7.48 34.27 -27.21
CA ASP B 85 -8.85 34.60 -27.58
C ASP B 85 -9.59 33.39 -28.13
N VAL B 86 -8.91 32.28 -28.29
CA VAL B 86 -9.63 31.04 -28.52
C VAL B 86 -9.93 30.37 -27.20
N VAL B 87 -9.01 30.46 -26.25
CA VAL B 87 -9.17 29.79 -24.96
C VAL B 87 -10.27 30.44 -24.15
N TYR B 88 -10.50 31.74 -24.33
CA TYR B 88 -11.66 32.34 -23.71
C TYR B 88 -12.92 31.97 -24.47
N ALA B 89 -12.79 31.65 -25.74
CA ALA B 89 -13.99 31.28 -26.50
C ALA B 89 -14.33 29.83 -26.27
N LEU B 90 -13.39 29.06 -25.75
CA LEU B 90 -13.68 27.68 -25.42
C LEU B 90 -14.21 27.59 -23.99
N LYS B 91 -13.67 28.40 -23.09
CA LYS B 91 -14.15 28.49 -21.72
C LYS B 91 -15.55 29.04 -21.63
N ARG B 92 -15.96 29.79 -22.64
CA ARG B 92 -17.32 30.24 -22.81
C ARG B 92 -18.28 29.07 -23.00
N GLN B 93 -17.96 28.14 -23.90
CA GLN B 93 -18.96 27.14 -24.26
C GLN B 93 -19.00 25.96 -23.32
N GLY B 94 -18.04 25.81 -22.43
CA GLY B 94 -18.09 24.71 -21.51
C GLY B 94 -17.01 23.67 -21.76
N ARG B 95 -16.08 24.01 -22.64
CA ARG B 95 -14.85 23.25 -22.71
C ARG B 95 -13.81 24.09 -22.04
N THR B 96 -12.60 23.60 -21.95
CA THR B 96 -11.48 24.44 -21.58
C THR B 96 -10.33 23.88 -22.38
N LEU B 97 -9.18 24.51 -22.30
CA LEU B 97 -8.02 24.05 -23.05
C LEU B 97 -6.95 24.43 -22.04
N TYR B 98 -6.16 23.45 -21.62
CA TYR B 98 -5.07 23.76 -20.72
C TYR B 98 -3.93 23.58 -21.69
N GLY B 99 -3.07 24.57 -21.79
CA GLY B 99 -1.90 24.34 -22.58
C GLY B 99 -1.43 25.54 -23.35
N PHE B 100 -2.29 26.54 -23.51
CA PHE B 100 -1.94 27.68 -24.32
C PHE B 100 -1.95 28.98 -23.54
N GLY B 101 -2.20 28.95 -22.25
CA GLY B 101 -2.12 30.14 -21.44
C GLY B 101 -3.15 30.17 -20.34
N ALA C 1 -37.61 64.03 -22.71
CA ALA C 1 -38.97 63.95 -22.22
C ALA C 1 -39.09 64.47 -20.80
N LYS C 2 -38.27 63.95 -19.89
CA LYS C 2 -38.25 64.38 -18.50
C LYS C 2 -36.80 64.62 -18.09
N ALA C 3 -36.62 64.92 -16.81
CA ALA C 3 -35.29 65.17 -16.24
C ALA C 3 -34.97 64.19 -15.13
N LYS C 4 -35.91 63.99 -14.22
CA LYS C 4 -35.73 63.05 -13.14
C LYS C 4 -35.91 61.63 -13.66
N THR C 5 -35.44 60.65 -12.88
CA THR C 5 -35.66 59.21 -13.08
C THR C 5 -35.15 58.74 -14.44
N ARG C 6 -33.81 58.58 -14.52
CA ARG C 6 -33.01 58.40 -15.74
C ARG C 6 -33.54 57.41 -16.77
N SER C 7 -34.37 56.45 -16.34
CA SER C 7 -35.17 55.64 -17.25
C SER C 7 -36.08 56.50 -18.12
N SER C 8 -36.67 57.54 -17.55
CA SER C 8 -37.54 58.41 -18.32
C SER C 8 -36.74 59.31 -19.24
N ARG C 9 -35.49 59.59 -18.89
CA ARG C 9 -34.60 60.27 -19.83
C ARG C 9 -34.22 59.36 -20.97
N ALA C 10 -34.11 58.06 -20.69
CA ALA C 10 -33.77 57.12 -21.74
C ALA C 10 -34.99 56.63 -22.51
N GLY C 11 -36.15 56.60 -21.87
CA GLY C 11 -37.33 56.04 -22.51
C GLY C 11 -37.50 54.57 -22.26
N LEU C 12 -37.15 54.09 -21.09
CA LEU C 12 -37.30 52.70 -20.71
C LEU C 12 -38.37 52.59 -19.65
N GLN C 13 -38.75 51.36 -19.36
CA GLN C 13 -39.63 51.10 -18.24
C GLN C 13 -38.92 50.36 -17.12
N PHE C 14 -37.70 49.89 -17.36
CA PHE C 14 -36.85 49.27 -16.37
C PHE C 14 -36.00 50.35 -15.70
N PRO C 15 -35.70 50.23 -14.41
CA PRO C 15 -34.99 51.33 -13.76
C PRO C 15 -33.51 51.30 -14.07
N VAL C 16 -32.97 52.46 -14.35
CA VAL C 16 -31.54 52.61 -14.55
C VAL C 16 -30.91 53.05 -13.24
N GLY C 17 -31.73 53.37 -12.27
CA GLY C 17 -31.22 53.64 -10.95
C GLY C 17 -30.81 52.37 -10.24
N ARG C 18 -31.64 51.35 -10.33
CA ARG C 18 -31.38 50.10 -9.63
C ARG C 18 -30.25 49.34 -10.30
N VAL C 19 -30.18 49.39 -11.61
CA VAL C 19 -29.14 48.67 -12.35
C VAL C 19 -27.78 49.30 -12.12
N HIS C 20 -27.72 50.62 -11.99
CA HIS C 20 -26.47 51.26 -11.64
C HIS C 20 -26.07 51.03 -10.20
N ARG C 21 -27.02 50.74 -9.32
CA ARG C 21 -26.65 50.28 -8.00
C ARG C 21 -26.12 48.86 -8.04
N LEU C 22 -26.79 47.99 -8.79
CA LEU C 22 -26.41 46.59 -8.84
C LEU C 22 -25.22 46.31 -9.74
N LEU C 23 -24.60 47.32 -10.32
CA LEU C 23 -23.29 47.11 -10.91
C LEU C 23 -22.17 47.61 -10.03
N ARG C 24 -22.46 48.14 -8.84
CA ARG C 24 -21.39 48.54 -7.93
C ARG C 24 -21.31 47.68 -6.70
N LYS C 25 -22.41 47.47 -6.00
CA LYS C 25 -22.44 46.52 -4.90
C LYS C 25 -22.85 45.13 -5.33
N GLY C 26 -22.52 44.75 -6.55
CA GLY C 26 -22.40 43.37 -6.94
C GLY C 26 -20.96 43.00 -7.20
N ASN C 27 -20.08 44.00 -7.28
CA ASN C 27 -18.64 43.87 -7.51
C ASN C 27 -18.33 43.13 -8.80
N TYR C 28 -18.71 43.74 -9.90
CA TYR C 28 -18.40 43.18 -11.20
C TYR C 28 -17.14 43.77 -11.78
N ALA C 29 -16.97 45.07 -11.71
CA ALA C 29 -15.66 45.64 -12.01
C ALA C 29 -15.44 46.80 -11.06
N GLU C 30 -14.39 47.54 -11.35
CA GLU C 30 -13.98 48.59 -10.42
C GLU C 30 -14.87 49.81 -10.57
N ARG C 31 -15.08 50.27 -11.79
CA ARG C 31 -15.67 51.57 -12.06
C ARG C 31 -16.64 51.45 -13.23
N VAL C 32 -17.92 51.30 -12.97
CA VAL C 32 -18.87 51.10 -14.06
C VAL C 32 -19.16 52.45 -14.72
N GLY C 33 -19.13 52.47 -16.05
CA GLY C 33 -19.30 53.69 -16.81
C GLY C 33 -20.72 54.20 -16.76
N ALA C 34 -20.95 55.45 -17.15
CA ALA C 34 -22.28 56.00 -17.01
C ALA C 34 -23.25 55.50 -18.08
N GLY C 35 -22.74 55.13 -19.25
CA GLY C 35 -23.62 54.61 -20.28
C GLY C 35 -24.00 53.17 -20.04
N ALA C 36 -23.21 52.45 -19.25
CA ALA C 36 -23.39 51.03 -19.00
C ALA C 36 -24.69 50.60 -18.34
N PRO C 37 -25.26 51.27 -17.32
CA PRO C 37 -26.54 50.78 -16.85
C PRO C 37 -27.69 51.15 -17.77
N VAL C 38 -27.50 52.10 -18.67
CA VAL C 38 -28.54 52.47 -19.62
C VAL C 38 -28.70 51.38 -20.66
N TYR C 39 -27.57 50.92 -21.20
CA TYR C 39 -27.56 49.85 -22.19
C TYR C 39 -28.04 48.55 -21.60
N LEU C 40 -27.76 48.33 -20.33
CA LEU C 40 -28.15 47.07 -19.73
C LEU C 40 -29.62 47.08 -19.35
N ALA C 41 -30.16 48.24 -19.01
CA ALA C 41 -31.58 48.27 -18.69
C ALA C 41 -32.43 48.20 -19.94
N ALA C 42 -31.88 48.58 -21.08
CA ALA C 42 -32.63 48.49 -22.32
C ALA C 42 -32.70 47.05 -22.80
N VAL C 43 -31.64 46.28 -22.58
CA VAL C 43 -31.62 44.89 -23.00
C VAL C 43 -32.55 44.07 -22.12
N LEU C 44 -32.55 44.35 -20.83
CA LEU C 44 -33.45 43.63 -19.92
C LEU C 44 -34.89 44.09 -20.09
N GLU C 45 -35.10 45.26 -20.68
CA GLU C 45 -36.46 45.61 -21.08
C GLU C 45 -36.88 44.77 -22.27
N TYR C 46 -35.96 44.59 -23.23
CA TYR C 46 -36.32 43.98 -24.50
C TYR C 46 -36.54 42.48 -24.35
N LEU C 47 -35.75 41.82 -23.51
CA LEU C 47 -35.95 40.40 -23.31
C LEU C 47 -37.16 40.12 -22.45
N THR C 48 -37.53 41.05 -21.58
CA THR C 48 -38.78 40.90 -20.85
C THR C 48 -39.95 41.22 -21.75
N ALA C 49 -39.75 42.11 -22.72
CA ALA C 49 -40.82 42.40 -23.66
C ALA C 49 -40.97 41.27 -24.66
N GLU C 50 -39.87 40.60 -25.01
CA GLU C 50 -39.94 39.52 -25.97
C GLU C 50 -40.61 38.29 -25.39
N ILE C 51 -40.42 38.04 -24.11
CA ILE C 51 -41.08 36.93 -23.44
C ILE C 51 -42.55 37.25 -23.24
N LEU C 52 -42.87 38.41 -22.67
CA LEU C 52 -44.25 38.72 -22.34
C LEU C 52 -45.08 39.09 -23.56
N GLU C 53 -44.45 39.36 -24.70
CA GLU C 53 -45.20 39.34 -25.94
C GLU C 53 -45.65 37.93 -26.22
N LEU C 54 -44.70 36.98 -26.24
CA LEU C 54 -45.00 35.61 -26.60
C LEU C 54 -45.73 34.86 -25.50
N ALA C 55 -45.69 35.36 -24.28
CA ALA C 55 -46.38 34.68 -23.20
C ALA C 55 -47.87 34.90 -23.27
N GLY C 56 -48.28 36.17 -23.36
CA GLY C 56 -49.69 36.47 -23.47
C GLY C 56 -50.26 36.12 -24.83
N ASN C 57 -49.39 36.02 -25.84
CA ASN C 57 -49.76 35.51 -27.15
C ASN C 57 -50.30 34.09 -27.03
N ALA C 58 -49.60 33.24 -26.29
CA ALA C 58 -50.10 31.90 -26.04
C ALA C 58 -50.99 31.83 -24.82
N ALA C 59 -51.41 32.96 -24.27
CA ALA C 59 -52.51 32.95 -23.33
C ALA C 59 -53.84 33.14 -24.05
N ARG C 60 -53.83 33.77 -25.21
CA ARG C 60 -55.06 33.92 -25.97
C ARG C 60 -55.42 32.63 -26.69
N ASP C 61 -54.43 31.81 -27.03
CA ASP C 61 -54.70 30.51 -27.62
C ASP C 61 -55.34 29.54 -26.64
N ASN C 62 -55.01 29.61 -25.36
CA ASN C 62 -55.71 28.86 -24.34
C ASN C 62 -56.75 29.72 -23.64
N LYS C 63 -57.03 30.88 -24.21
CA LYS C 63 -58.24 31.68 -24.02
C LYS C 63 -58.37 32.25 -22.62
N LYS C 64 -57.29 32.33 -21.86
CA LYS C 64 -57.35 32.92 -20.54
C LYS C 64 -56.69 34.29 -20.59
N THR C 65 -57.13 35.16 -19.68
CA THR C 65 -56.55 36.49 -19.62
C THR C 65 -55.16 36.47 -19.01
N ARG C 66 -55.05 36.06 -17.75
CA ARG C 66 -53.80 36.17 -17.02
C ARG C 66 -52.85 35.07 -17.45
N ILE C 67 -51.57 35.26 -17.16
CA ILE C 67 -50.54 34.32 -17.56
C ILE C 67 -50.17 33.44 -16.39
N ILE C 68 -50.30 32.13 -16.57
CA ILE C 68 -49.86 31.14 -15.58
C ILE C 68 -48.47 30.72 -16.01
N PRO C 69 -47.70 29.97 -15.17
CA PRO C 69 -46.36 29.56 -15.63
C PRO C 69 -46.33 28.60 -16.79
N ARG C 70 -47.42 27.88 -17.02
CA ARG C 70 -47.56 26.97 -18.15
C ARG C 70 -47.49 27.71 -19.47
N HIS C 71 -47.96 28.95 -19.49
CA HIS C 71 -47.85 29.76 -20.69
C HIS C 71 -46.43 30.21 -20.94
N LEU C 72 -45.60 30.28 -19.89
CA LEU C 72 -44.24 30.75 -20.07
C LEU C 72 -43.36 29.69 -20.71
N GLN C 73 -43.58 28.43 -20.35
CA GLN C 73 -42.81 27.36 -20.99
C GLN C 73 -43.27 27.16 -22.42
N LEU C 74 -44.55 27.44 -22.69
CA LEU C 74 -45.02 27.38 -24.07
C LEU C 74 -44.54 28.57 -24.89
N ALA C 75 -44.14 29.65 -24.24
CA ALA C 75 -43.56 30.74 -24.99
C ALA C 75 -42.07 30.56 -25.18
N VAL C 76 -41.42 29.86 -24.26
CA VAL C 76 -39.98 29.71 -24.33
C VAL C 76 -39.58 28.54 -25.21
N ARG C 77 -40.18 27.37 -24.99
CA ARG C 77 -39.75 26.19 -25.74
C ARG C 77 -40.25 26.21 -27.17
N ASN C 78 -41.30 26.96 -27.47
CA ASN C 78 -41.76 27.04 -28.85
C ASN C 78 -40.89 27.97 -29.67
N ASP C 79 -40.17 28.88 -29.02
CA ASP C 79 -39.34 29.80 -29.75
C ASP C 79 -38.08 29.09 -30.23
N GLU C 80 -37.48 29.67 -31.27
CA GLU C 80 -36.30 29.11 -31.89
C GLU C 80 -35.02 29.65 -31.32
N GLU C 81 -35.02 30.86 -30.75
CA GLU C 81 -33.81 31.47 -30.22
C GLU C 81 -33.97 31.97 -28.81
N LEU C 82 -35.07 31.64 -28.15
CA LEU C 82 -35.18 31.72 -26.71
C LEU C 82 -34.96 30.36 -26.08
N ASN C 83 -35.09 29.31 -26.87
CA ASN C 83 -34.77 27.99 -26.38
C ASN C 83 -33.27 27.81 -26.23
N LYS C 84 -32.48 28.50 -27.04
CA LYS C 84 -31.03 28.42 -26.89
C LYS C 84 -30.57 29.24 -25.70
N LEU C 85 -31.25 30.33 -25.42
CA LEU C 85 -30.87 31.17 -24.29
C LEU C 85 -31.28 30.52 -22.98
N LEU C 86 -32.51 30.06 -22.89
CA LEU C 86 -32.94 29.31 -21.72
C LEU C 86 -32.82 27.81 -21.96
N GLY C 87 -31.61 27.37 -22.28
CA GLY C 87 -31.41 25.97 -22.59
C GLY C 87 -31.33 25.10 -21.36
N ARG C 88 -30.53 25.51 -20.39
CA ARG C 88 -30.33 24.74 -19.18
C ARG C 88 -31.53 24.76 -18.26
N VAL C 89 -32.38 25.78 -18.38
CA VAL C 89 -33.29 26.15 -17.32
C VAL C 89 -34.50 25.23 -17.21
N THR C 90 -35.08 25.18 -16.01
CA THR C 90 -36.36 24.55 -15.77
C THR C 90 -37.29 25.57 -15.15
N ILE C 91 -38.40 25.83 -15.82
CA ILE C 91 -39.38 26.79 -15.35
C ILE C 91 -40.34 26.04 -14.44
N ALA C 92 -40.47 26.49 -13.19
CA ALA C 92 -41.13 25.71 -12.17
C ALA C 92 -42.63 25.69 -12.37
N GLN C 93 -43.20 24.48 -12.25
CA GLN C 93 -44.60 24.13 -12.44
C GLN C 93 -45.01 24.56 -13.84
N GLY C 94 -44.34 24.02 -14.84
CA GLY C 94 -44.50 24.56 -16.16
C GLY C 94 -44.77 23.56 -17.26
N GLY C 95 -44.87 22.28 -16.92
CA GLY C 95 -45.20 21.28 -17.92
C GLY C 95 -44.07 21.04 -18.89
N VAL C 96 -44.41 20.41 -20.01
CA VAL C 96 -43.47 20.20 -21.11
C VAL C 96 -44.12 20.63 -22.41
N LEU C 97 -43.33 20.66 -23.47
CA LEU C 97 -43.85 20.90 -24.81
C LEU C 97 -44.58 19.66 -25.29
N PRO C 98 -45.82 19.77 -25.76
CA PRO C 98 -46.57 18.57 -26.17
C PRO C 98 -46.06 18.00 -27.48
N ASN C 99 -45.35 16.89 -27.39
CA ASN C 99 -44.93 16.16 -28.57
C ASN C 99 -44.86 14.68 -28.23
N ILE C 100 -45.16 13.86 -29.23
CA ILE C 100 -44.91 12.43 -29.19
C ILE C 100 -43.93 12.16 -30.32
N GLN C 101 -43.02 11.23 -30.11
CA GLN C 101 -42.23 10.75 -31.23
C GLN C 101 -43.13 9.98 -32.18
N SER C 102 -42.98 10.25 -33.48
CA SER C 102 -44.00 9.84 -34.44
C SER C 102 -43.83 8.40 -34.91
N VAL C 103 -42.83 7.67 -34.41
CA VAL C 103 -42.81 6.23 -34.58
C VAL C 103 -43.91 5.58 -33.74
N LEU C 104 -44.16 6.12 -32.55
CA LEU C 104 -45.11 5.58 -31.59
C LEU C 104 -46.56 5.84 -31.97
N LEU C 105 -46.83 6.73 -32.92
CA LEU C 105 -48.18 7.00 -33.39
C LEU C 105 -48.71 5.79 -34.17
N PRO C 106 -50.03 5.55 -34.17
CA PRO C 106 -50.55 4.33 -34.80
C PRO C 106 -50.54 4.35 -36.32
N LYS C 107 -50.95 3.23 -36.90
CA LYS C 107 -50.94 3.01 -38.34
C LYS C 107 -52.13 3.66 -39.01
N THR D 32 -37.57 43.37 6.56
CA THR D 32 -38.19 44.66 6.29
C THR D 32 -38.84 44.69 4.91
N ARG D 33 -38.04 45.02 3.90
CA ARG D 33 -38.51 45.16 2.53
C ARG D 33 -37.68 44.27 1.62
N LYS D 34 -38.34 43.61 0.67
CA LYS D 34 -37.68 42.81 -0.34
C LYS D 34 -38.02 43.37 -1.70
N GLU D 35 -37.02 43.86 -2.41
CA GLU D 35 -37.22 44.45 -3.73
C GLU D 35 -37.51 43.36 -4.74
N SER D 36 -38.08 43.75 -5.86
CA SER D 36 -38.39 42.82 -6.93
C SER D 36 -38.24 43.57 -8.24
N TYR D 37 -38.43 42.87 -9.34
CA TYR D 37 -38.71 43.51 -10.60
C TYR D 37 -40.16 43.35 -10.96
N ALA D 38 -41.03 43.36 -9.94
CA ALA D 38 -42.43 43.01 -10.15
C ALA D 38 -43.17 44.10 -10.90
N ILE D 39 -42.91 45.36 -10.56
CA ILE D 39 -43.68 46.42 -11.19
C ILE D 39 -43.10 46.76 -12.56
N TYR D 40 -41.79 46.66 -12.72
CA TYR D 40 -41.20 47.02 -14.00
C TYR D 40 -41.43 45.95 -15.05
N VAL D 41 -41.77 44.73 -14.64
CA VAL D 41 -42.31 43.78 -15.59
C VAL D 41 -43.72 44.20 -15.97
N TYR D 42 -44.47 44.70 -15.00
CA TYR D 42 -45.91 44.86 -15.13
C TYR D 42 -46.26 45.99 -16.08
N LYS D 43 -45.41 47.00 -16.19
CA LYS D 43 -45.64 48.04 -17.17
C LYS D 43 -45.36 47.53 -18.57
N VAL D 44 -44.40 46.62 -18.71
CA VAL D 44 -44.08 46.10 -20.03
C VAL D 44 -45.05 45.00 -20.41
N LEU D 45 -45.77 44.42 -19.44
CA LEU D 45 -46.86 43.53 -19.79
C LEU D 45 -48.03 44.31 -20.36
N LYS D 46 -48.39 45.42 -19.73
CA LYS D 46 -49.50 46.23 -20.22
C LYS D 46 -49.12 47.06 -21.43
N GLN D 47 -47.84 47.13 -21.77
CA GLN D 47 -47.46 47.81 -22.99
C GLN D 47 -47.74 46.98 -24.23
N VAL D 48 -47.44 45.68 -24.21
CA VAL D 48 -47.57 44.84 -25.40
C VAL D 48 -48.79 43.93 -25.34
N HIS D 49 -49.56 43.97 -24.25
CA HIS D 49 -50.76 43.15 -24.11
C HIS D 49 -51.69 43.84 -23.14
N PRO D 50 -52.36 44.93 -23.54
CA PRO D 50 -52.85 45.91 -22.54
C PRO D 50 -54.08 45.49 -21.76
N ASP D 51 -54.65 44.33 -22.07
CA ASP D 51 -55.77 43.80 -21.34
C ASP D 51 -55.40 42.62 -20.47
N THR D 52 -54.19 42.09 -20.63
CA THR D 52 -53.77 40.79 -20.14
C THR D 52 -53.11 40.94 -18.78
N GLY D 53 -53.57 40.16 -17.81
CA GLY D 53 -52.94 40.17 -16.50
C GLY D 53 -51.84 39.15 -16.41
N ILE D 54 -51.39 38.91 -15.19
CA ILE D 54 -50.38 37.89 -14.94
C ILE D 54 -50.64 37.32 -13.55
N SER D 55 -50.12 36.13 -13.29
CA SER D 55 -50.35 35.54 -12.00
C SER D 55 -49.31 36.00 -11.01
N SER D 56 -49.28 35.34 -9.85
CA SER D 56 -48.25 35.67 -8.87
C SER D 56 -47.14 34.64 -8.90
N LYS D 57 -47.45 33.43 -9.33
CA LYS D 57 -46.38 32.47 -9.56
C LYS D 57 -45.66 32.77 -10.87
N ALA D 58 -46.39 33.21 -11.88
CA ALA D 58 -45.75 33.53 -13.15
C ALA D 58 -45.29 34.95 -13.22
N MET D 59 -45.38 35.69 -12.13
CA MET D 59 -44.58 36.89 -11.98
C MET D 59 -43.23 36.57 -11.40
N SER D 60 -43.18 35.60 -10.50
CA SER D 60 -41.96 35.21 -9.83
C SER D 60 -40.98 34.54 -10.78
N ILE D 61 -41.47 33.94 -11.85
CA ILE D 61 -40.58 33.48 -12.90
C ILE D 61 -40.00 34.66 -13.65
N MET D 62 -40.85 35.59 -14.06
CA MET D 62 -40.38 36.78 -14.74
C MET D 62 -39.64 37.73 -13.82
N ASN D 63 -39.78 37.59 -12.52
CA ASN D 63 -38.84 38.27 -11.65
C ASN D 63 -37.51 37.54 -11.63
N SER D 64 -37.54 36.21 -11.65
CA SER D 64 -36.30 35.46 -11.55
C SER D 64 -35.58 35.39 -12.86
N PHE D 65 -36.28 35.64 -13.96
CA PHE D 65 -35.64 35.59 -15.26
C PHE D 65 -34.80 36.82 -15.50
N VAL D 66 -35.25 37.97 -15.01
CA VAL D 66 -34.53 39.23 -15.20
C VAL D 66 -33.24 39.23 -14.40
N ASN D 67 -33.28 38.64 -13.20
CA ASN D 67 -32.08 38.54 -12.39
C ASN D 67 -31.06 37.58 -12.96
N ASP D 68 -31.50 36.66 -13.81
CA ASP D 68 -30.57 35.68 -14.37
C ASP D 68 -29.93 36.19 -15.65
N VAL D 69 -30.63 37.03 -16.40
CA VAL D 69 -30.02 37.60 -17.59
C VAL D 69 -29.08 38.73 -17.19
N PHE D 70 -29.28 39.28 -16.00
CA PHE D 70 -28.31 40.22 -15.44
C PHE D 70 -26.98 39.54 -15.17
N GLU D 71 -27.00 38.46 -14.38
CA GLU D 71 -25.75 37.88 -13.93
C GLU D 71 -25.11 37.00 -14.98
N ARG D 72 -25.77 36.79 -16.12
CA ARG D 72 -25.06 36.29 -17.28
C ARG D 72 -24.38 37.43 -18.01
N ILE D 73 -25.06 38.56 -18.15
CA ILE D 73 -24.52 39.66 -18.95
C ILE D 73 -23.45 40.41 -18.17
N ALA D 74 -23.74 40.75 -16.92
CA ALA D 74 -22.75 41.46 -16.13
C ALA D 74 -21.65 40.53 -15.65
N GLY D 75 -21.85 39.24 -15.70
CA GLY D 75 -20.75 38.35 -15.48
C GLY D 75 -19.83 38.38 -16.67
N GLU D 76 -20.40 38.21 -17.87
CA GLU D 76 -19.62 38.17 -19.09
C GLU D 76 -19.00 39.51 -19.42
N ALA D 77 -19.65 40.61 -19.06
CA ALA D 77 -19.02 41.90 -19.26
C ALA D 77 -18.11 42.29 -18.12
N SER D 78 -17.77 41.39 -17.22
CA SER D 78 -16.79 41.69 -16.19
C SER D 78 -15.48 41.02 -16.49
N ARG D 79 -15.54 39.76 -16.93
CA ARG D 79 -14.37 39.00 -17.37
C ARG D 79 -13.80 39.61 -18.62
N LEU D 80 -14.67 40.18 -19.43
CA LEU D 80 -14.26 40.85 -20.64
C LEU D 80 -13.59 42.18 -20.36
N ALA D 81 -13.94 42.81 -19.25
CA ALA D 81 -13.16 43.95 -18.82
C ALA D 81 -11.84 43.52 -18.26
N HIS D 82 -11.77 42.32 -17.69
CA HIS D 82 -10.52 41.89 -17.08
C HIS D 82 -9.53 41.40 -18.13
N TYR D 83 -10.04 40.79 -19.20
CA TYR D 83 -9.14 40.18 -20.18
C TYR D 83 -8.42 41.21 -21.00
N ASN D 84 -8.98 42.41 -21.13
CA ASN D 84 -8.30 43.47 -21.82
C ASN D 84 -7.61 44.41 -20.85
N LYS D 85 -7.62 44.07 -19.56
CA LYS D 85 -6.95 44.79 -18.48
C LYS D 85 -7.42 46.23 -18.35
N ARG D 86 -8.70 46.44 -18.66
CA ARG D 86 -9.35 47.66 -18.30
C ARG D 86 -9.95 47.50 -16.91
N SER D 87 -10.55 48.56 -16.42
CA SER D 87 -11.20 48.48 -15.13
C SER D 87 -12.59 49.08 -15.19
N THR D 88 -13.12 49.32 -16.38
CA THR D 88 -14.39 50.02 -16.52
C THR D 88 -15.36 49.22 -17.37
N ILE D 89 -16.49 48.87 -16.79
CA ILE D 89 -17.62 48.45 -17.60
C ILE D 89 -18.18 49.68 -18.28
N THR D 90 -17.82 49.89 -19.53
CA THR D 90 -18.43 50.97 -20.28
C THR D 90 -19.59 50.43 -21.09
N SER D 91 -20.30 51.23 -21.77
CA SER D 91 -21.24 50.70 -22.74
C SER D 91 -20.72 49.80 -23.83
N ARG D 92 -19.42 49.86 -24.11
CA ARG D 92 -18.87 49.05 -25.17
C ARG D 92 -18.75 47.60 -24.77
N GLU D 93 -18.60 47.32 -23.47
CA GLU D 93 -18.52 45.94 -23.02
C GLU D 93 -19.86 45.25 -23.10
N ILE D 94 -20.94 45.97 -22.86
CA ILE D 94 -22.23 45.30 -22.78
C ILE D 94 -22.78 45.12 -24.17
N GLN D 95 -22.24 45.86 -25.13
CA GLN D 95 -22.49 45.51 -26.53
C GLN D 95 -21.75 44.23 -26.87
N THR D 96 -20.59 44.02 -26.30
CA THR D 96 -19.78 42.84 -26.58
C THR D 96 -20.00 41.76 -25.53
N ALA D 97 -21.01 41.90 -24.73
CA ALA D 97 -21.47 40.80 -23.89
C ALA D 97 -22.85 40.34 -24.27
N VAL D 98 -23.67 41.22 -24.81
CA VAL D 98 -24.93 40.78 -25.41
C VAL D 98 -24.65 39.99 -26.66
N ARG D 99 -23.65 40.39 -27.44
CA ARG D 99 -23.31 39.71 -28.67
C ARG D 99 -22.67 38.34 -28.49
N LEU D 100 -22.32 37.97 -27.26
CA LEU D 100 -21.83 36.64 -26.98
C LEU D 100 -22.91 35.72 -26.45
N LEU D 101 -23.72 36.17 -25.49
CA LEU D 101 -24.69 35.29 -24.88
C LEU D 101 -25.92 35.12 -25.74
N LEU D 102 -26.40 36.20 -26.29
CA LEU D 102 -27.70 36.16 -26.94
C LEU D 102 -27.56 35.52 -28.32
N PRO D 103 -28.27 34.49 -28.59
CA PRO D 103 -27.96 33.67 -29.76
C PRO D 103 -28.59 34.16 -31.05
N GLY D 104 -27.91 35.03 -31.80
CA GLY D 104 -28.34 35.22 -33.17
C GLY D 104 -29.25 36.39 -33.44
N GLU D 105 -30.56 36.14 -33.55
CA GLU D 105 -31.45 37.22 -33.96
C GLU D 105 -31.85 38.07 -32.77
N LEU D 106 -31.77 37.50 -31.57
CA LEU D 106 -31.87 38.33 -30.38
C LEU D 106 -30.65 39.20 -30.18
N ALA D 107 -29.51 38.82 -30.76
CA ALA D 107 -28.34 39.65 -30.64
C ALA D 107 -28.42 40.85 -31.57
N LYS D 108 -29.00 40.67 -32.74
CA LYS D 108 -29.09 41.77 -33.69
C LYS D 108 -30.18 42.75 -33.32
N HIS D 109 -31.10 42.32 -32.46
CA HIS D 109 -32.15 43.23 -32.02
C HIS D 109 -31.72 43.99 -30.77
N ALA D 110 -31.24 43.26 -29.77
CA ALA D 110 -30.94 43.88 -28.49
C ALA D 110 -29.68 44.72 -28.50
N VAL D 111 -28.88 44.66 -29.55
CA VAL D 111 -27.87 45.66 -29.79
C VAL D 111 -28.50 46.93 -30.35
N SER D 112 -29.44 46.78 -31.27
CA SER D 112 -30.13 47.94 -31.84
C SER D 112 -31.10 48.55 -30.86
N GLU D 113 -31.58 47.78 -29.90
CA GLU D 113 -32.43 48.31 -28.85
C GLU D 113 -31.60 48.92 -27.74
N GLY D 114 -30.31 48.72 -27.79
CA GLY D 114 -29.45 49.33 -26.82
C GLY D 114 -28.97 50.67 -27.31
N THR D 115 -28.38 50.69 -28.51
CA THR D 115 -27.76 51.90 -29.01
C THR D 115 -28.77 52.94 -29.44
N LYS D 116 -30.02 52.54 -29.65
CA LYS D 116 -31.09 53.51 -29.70
C LYS D 116 -31.25 54.18 -28.34
N ALA D 117 -31.24 53.39 -27.28
CA ALA D 117 -31.55 53.94 -25.97
C ALA D 117 -30.34 54.55 -25.30
N VAL D 118 -29.15 54.44 -25.89
CA VAL D 118 -28.02 55.17 -25.31
C VAL D 118 -27.80 56.46 -26.09
N THR D 119 -28.40 56.58 -27.27
CA THR D 119 -28.42 57.88 -27.92
C THR D 119 -29.51 58.74 -27.31
N LYS D 120 -30.70 58.15 -27.09
CA LYS D 120 -31.83 58.89 -26.56
C LYS D 120 -31.68 59.26 -25.09
N TYR D 121 -30.69 58.73 -24.40
CA TYR D 121 -30.31 59.22 -23.09
C TYR D 121 -29.30 60.35 -23.22
N THR D 122 -28.37 60.22 -24.16
CA THR D 122 -27.29 61.19 -24.25
C THR D 122 -27.74 62.46 -24.94
N SER D 123 -28.45 62.33 -26.06
CA SER D 123 -28.86 63.49 -26.84
C SER D 123 -29.98 64.26 -26.14
N ALA D 124 -30.84 63.55 -25.44
CA ALA D 124 -31.86 64.20 -24.63
C ALA D 124 -31.30 64.46 -23.23
N HIS E 39 -64.51 -2.02 -23.04
CA HIS E 39 -64.51 -3.47 -23.11
C HIS E 39 -63.14 -3.98 -23.56
N ARG E 40 -62.12 -3.75 -22.70
CA ARG E 40 -60.74 -4.22 -22.86
C ARG E 40 -60.12 -3.75 -24.17
N TYR E 41 -60.11 -2.42 -24.29
CA TYR E 41 -59.68 -1.68 -25.45
C TYR E 41 -58.28 -2.16 -25.66
N ARG E 42 -57.68 -1.85 -26.81
CA ARG E 42 -56.38 -2.48 -27.19
C ARG E 42 -55.03 -2.27 -26.49
N PRO E 43 -54.20 -3.33 -26.33
CA PRO E 43 -52.89 -3.04 -25.76
C PRO E 43 -52.21 -1.92 -26.52
N GLY E 44 -52.01 -0.78 -25.88
CA GLY E 44 -51.23 0.31 -26.42
C GLY E 44 -51.94 1.64 -26.51
N THR E 45 -53.26 1.66 -26.68
CA THR E 45 -53.92 2.94 -26.90
C THR E 45 -54.56 3.53 -25.65
N VAL E 46 -54.53 2.82 -24.54
CA VAL E 46 -54.73 3.50 -23.27
C VAL E 46 -53.52 4.38 -23.00
N ALA E 47 -52.34 3.92 -23.40
CA ALA E 47 -51.10 4.66 -23.20
C ALA E 47 -51.06 5.95 -24.00
N LEU E 48 -51.53 5.92 -25.25
CA LEU E 48 -51.54 7.16 -26.02
C LEU E 48 -52.70 8.06 -25.60
N ARG E 49 -53.68 7.52 -24.90
CA ARG E 49 -54.63 8.38 -24.22
C ARG E 49 -54.07 8.84 -22.89
N GLU E 50 -53.14 8.10 -22.31
CA GLU E 50 -52.49 8.48 -21.07
C GLU E 50 -51.42 9.52 -21.29
N ILE E 51 -50.76 9.49 -22.44
CA ILE E 51 -49.69 10.44 -22.74
C ILE E 51 -50.27 11.83 -22.95
N ARG E 52 -51.29 11.92 -23.81
CA ARG E 52 -51.88 13.21 -24.18
C ARG E 52 -52.62 13.86 -23.03
N ARG E 53 -53.04 13.10 -22.03
CA ARG E 53 -53.50 13.71 -20.80
C ARG E 53 -52.35 14.36 -20.06
N TYR E 54 -51.23 13.64 -19.92
CA TYR E 54 -50.19 14.09 -19.01
C TYR E 54 -49.29 15.13 -19.65
N GLN E 55 -49.14 15.11 -20.97
CA GLN E 55 -48.36 16.15 -21.60
C GLN E 55 -49.12 17.46 -21.64
N LYS E 56 -50.45 17.41 -21.60
CA LYS E 56 -51.25 18.63 -21.61
C LYS E 56 -51.57 19.12 -20.20
N SER E 57 -51.06 18.46 -19.18
CA SER E 57 -51.28 18.89 -17.80
C SER E 57 -49.94 19.18 -17.14
N THR E 58 -49.98 19.95 -16.06
CA THR E 58 -48.77 20.44 -15.45
C THR E 58 -48.72 20.33 -13.92
N GLU E 59 -49.54 19.49 -13.31
CA GLU E 59 -49.43 19.25 -11.88
C GLU E 59 -48.24 18.36 -11.58
N LEU E 60 -47.91 18.23 -10.29
CA LEU E 60 -46.76 17.45 -9.89
C LEU E 60 -47.16 15.98 -9.72
N LEU E 61 -46.34 15.09 -10.25
CA LEU E 61 -46.76 13.71 -10.44
C LEU E 61 -46.41 12.83 -9.27
N ILE E 62 -45.21 12.95 -8.71
CA ILE E 62 -44.90 12.25 -7.47
C ILE E 62 -45.67 12.93 -6.36
N ARG E 63 -46.20 12.14 -5.41
CA ARG E 63 -47.02 12.69 -4.35
C ARG E 63 -46.18 13.49 -3.36
N LYS E 64 -46.80 14.34 -2.56
CA LYS E 64 -46.05 15.25 -1.69
C LYS E 64 -45.44 14.54 -0.49
N LEU E 65 -46.25 13.81 0.26
CA LEU E 65 -45.79 13.16 1.48
C LEU E 65 -44.81 12.01 1.32
N PRO E 66 -44.85 11.15 0.27
CA PRO E 66 -43.74 10.21 0.14
C PRO E 66 -42.47 10.86 -0.36
N PHE E 67 -42.58 11.95 -1.09
CA PHE E 67 -41.37 12.61 -1.53
C PHE E 67 -40.76 13.43 -0.42
N GLN E 68 -41.57 13.86 0.53
CA GLN E 68 -41.02 14.63 1.63
C GLN E 68 -40.32 13.73 2.63
N ARG E 69 -40.61 12.43 2.60
CA ARG E 69 -39.89 11.52 3.47
C ARG E 69 -38.67 10.97 2.78
N LEU E 70 -38.57 11.13 1.46
CA LEU E 70 -37.34 10.74 0.79
C LEU E 70 -36.28 11.79 0.98
N VAL E 71 -36.68 13.05 1.02
CA VAL E 71 -35.73 14.14 1.23
C VAL E 71 -35.25 14.14 2.67
N ARG E 72 -36.12 13.79 3.60
CA ARG E 72 -35.71 13.74 5.00
C ARG E 72 -35.01 12.43 5.35
N GLU E 73 -34.90 11.52 4.39
CA GLU E 73 -34.06 10.35 4.58
C GLU E 73 -32.66 10.59 4.06
N ILE E 74 -32.55 11.16 2.86
CA ILE E 74 -31.25 11.41 2.26
C ILE E 74 -30.51 12.55 2.94
N ALA E 75 -31.22 13.49 3.55
CA ALA E 75 -30.53 14.55 4.26
C ALA E 75 -30.07 14.15 5.65
N GLN E 76 -30.26 12.89 6.06
CA GLN E 76 -29.75 12.47 7.35
C GLN E 76 -28.28 12.15 7.27
N ASP E 77 -27.77 11.88 6.08
CA ASP E 77 -26.35 11.56 5.95
C ASP E 77 -25.48 12.79 6.07
N PHE E 78 -26.01 13.95 5.74
CA PHE E 78 -25.20 15.15 5.64
C PHE E 78 -25.35 16.08 6.83
N LYS E 79 -26.44 15.96 7.58
CA LYS E 79 -26.56 16.56 8.90
C LYS E 79 -27.61 15.75 9.63
N THR E 80 -27.71 15.97 10.92
CA THR E 80 -28.71 15.29 11.72
C THR E 80 -29.62 16.32 12.36
N ASP E 81 -30.92 16.06 12.31
CA ASP E 81 -32.01 16.98 12.67
C ASP E 81 -31.88 18.29 11.88
N LEU E 82 -32.10 18.16 10.58
CA LEU E 82 -32.34 19.32 9.75
C LEU E 82 -33.81 19.65 9.76
N ARG E 83 -34.14 20.80 9.20
CA ARG E 83 -35.51 21.29 9.20
C ARG E 83 -35.77 21.96 7.87
N PHE E 84 -36.34 21.22 6.93
CA PHE E 84 -36.56 21.73 5.58
C PHE E 84 -37.66 22.77 5.58
N GLN E 85 -37.34 23.96 5.09
CA GLN E 85 -38.35 24.97 4.88
C GLN E 85 -39.30 24.49 3.78
N SER E 86 -40.60 24.57 4.04
CA SER E 86 -41.58 23.77 3.30
C SER E 86 -41.89 24.27 1.90
N SER E 87 -41.19 25.26 1.41
CA SER E 87 -41.12 25.50 -0.02
C SER E 87 -39.79 25.08 -0.61
N ALA E 88 -38.99 24.32 0.13
CA ALA E 88 -37.81 23.72 -0.45
C ALA E 88 -37.96 22.22 -0.47
N VAL E 89 -39.18 21.75 -0.33
CA VAL E 89 -39.54 20.41 -0.76
C VAL E 89 -40.56 20.48 -1.86
N MET E 90 -40.72 21.66 -2.45
CA MET E 90 -41.25 21.83 -3.78
C MET E 90 -40.15 22.08 -4.78
N ALA E 91 -39.15 22.87 -4.39
CA ALA E 91 -38.03 23.14 -5.28
C ALA E 91 -37.12 21.94 -5.45
N LEU E 92 -37.19 20.97 -4.55
CA LEU E 92 -36.60 19.68 -4.82
C LEU E 92 -37.54 18.72 -5.49
N GLN E 93 -38.78 19.12 -5.76
CA GLN E 93 -39.67 18.24 -6.51
C GLN E 93 -39.76 18.68 -7.95
N GLU E 94 -40.01 19.96 -8.16
CA GLU E 94 -40.16 20.48 -9.51
C GLU E 94 -38.83 20.67 -10.23
N ALA E 95 -37.72 20.41 -9.56
CA ALA E 95 -36.45 20.30 -10.23
C ALA E 95 -36.03 18.87 -10.40
N SER E 96 -36.61 17.94 -9.66
CA SER E 96 -36.26 16.55 -9.79
C SER E 96 -37.11 15.80 -10.77
N GLU E 97 -38.41 16.09 -10.82
CA GLU E 97 -39.23 15.42 -11.82
C GLU E 97 -39.29 16.22 -13.11
N ALA E 98 -38.57 17.33 -13.17
CA ALA E 98 -38.30 17.92 -14.46
C ALA E 98 -36.95 17.49 -14.97
N TYR E 99 -36.26 16.66 -14.20
CA TYR E 99 -35.06 15.99 -14.66
C TYR E 99 -35.36 14.55 -15.03
N LEU E 100 -36.22 13.88 -14.25
CA LEU E 100 -36.61 12.51 -14.58
C LEU E 100 -37.42 12.43 -15.86
N VAL E 101 -38.25 13.43 -16.10
CA VAL E 101 -38.95 13.55 -17.37
C VAL E 101 -37.97 13.85 -18.48
N GLY E 102 -36.96 14.67 -18.23
CA GLY E 102 -35.99 14.98 -19.25
C GLY E 102 -35.00 13.84 -19.48
N LEU E 103 -34.97 12.86 -18.60
CA LEU E 103 -34.24 11.64 -18.88
C LEU E 103 -35.06 10.66 -19.71
N PHE E 104 -36.36 10.58 -19.46
CA PHE E 104 -37.19 9.65 -20.20
C PHE E 104 -37.45 10.14 -21.61
N GLU E 105 -37.28 11.44 -21.87
CA GLU E 105 -37.24 11.91 -23.24
C GLU E 105 -35.96 11.51 -23.93
N ASP E 106 -34.90 11.23 -23.18
CA ASP E 106 -33.67 10.73 -23.75
C ASP E 106 -33.46 9.27 -23.48
N THR E 107 -34.35 8.63 -22.74
CA THR E 107 -34.40 7.18 -22.76
C THR E 107 -35.13 6.71 -23.98
N ASN E 108 -36.15 7.46 -24.37
CA ASN E 108 -37.01 7.04 -25.47
C ASN E 108 -36.33 7.23 -26.81
N LEU E 109 -35.42 8.21 -26.92
CA LEU E 109 -34.79 8.46 -28.20
C LEU E 109 -33.73 7.42 -28.51
N CYS E 110 -33.23 6.75 -27.48
CA CYS E 110 -32.25 5.73 -27.76
C CYS E 110 -32.87 4.34 -27.78
N GLY E 111 -34.07 4.18 -27.24
CA GLY E 111 -34.74 2.89 -27.31
C GLY E 111 -35.49 2.75 -28.62
N ILE E 112 -35.86 3.87 -29.23
CA ILE E 112 -36.36 3.89 -30.60
C ILE E 112 -35.19 3.57 -31.51
N HIS E 113 -34.00 4.03 -31.13
CA HIS E 113 -32.80 3.81 -31.91
C HIS E 113 -32.39 2.34 -31.96
N ALA E 114 -32.73 1.55 -30.96
CA ALA E 114 -32.49 0.12 -31.03
C ALA E 114 -33.61 -0.64 -31.70
N LYS E 115 -34.54 0.07 -32.36
CA LYS E 115 -35.69 -0.47 -33.09
C LYS E 115 -36.60 -1.31 -32.20
N ARG E 116 -37.11 -0.67 -31.15
CA ARG E 116 -38.19 -1.21 -30.33
C ARG E 116 -38.90 -0.03 -29.70
N VAL E 117 -39.94 -0.31 -28.93
CA VAL E 117 -40.73 0.74 -28.31
C VAL E 117 -40.73 0.54 -26.81
N THR E 118 -39.86 -0.33 -26.32
CA THR E 118 -39.83 -0.69 -24.90
C THR E 118 -38.53 -0.18 -24.33
N ILE E 119 -38.60 0.76 -23.39
CA ILE E 119 -37.39 1.17 -22.71
C ILE E 119 -36.97 0.08 -21.73
N MET E 120 -35.70 0.09 -21.36
CA MET E 120 -35.12 -0.96 -20.53
C MET E 120 -33.97 -0.34 -19.76
N PRO E 121 -33.45 -1.00 -18.74
CA PRO E 121 -32.30 -0.43 -18.06
C PRO E 121 -30.99 -0.52 -18.80
N LYS E 122 -30.94 -1.13 -19.98
CA LYS E 122 -29.76 -0.87 -20.80
C LYS E 122 -29.96 0.30 -21.72
N ASP E 123 -31.09 1.00 -21.63
CA ASP E 123 -31.31 2.24 -22.36
C ASP E 123 -30.99 3.45 -21.50
N ILE E 124 -31.37 3.43 -20.23
CA ILE E 124 -31.15 4.51 -19.28
C ILE E 124 -29.67 4.73 -19.11
N GLN E 125 -28.93 3.65 -18.93
CA GLN E 125 -27.51 3.77 -18.65
C GLN E 125 -26.70 4.07 -19.90
N LEU E 126 -27.32 4.12 -21.07
CA LEU E 126 -26.71 4.79 -22.19
C LEU E 126 -26.90 6.29 -22.08
N ALA E 127 -28.11 6.74 -21.77
CA ALA E 127 -28.44 8.15 -21.78
C ALA E 127 -27.78 8.90 -20.64
N ARG E 128 -27.39 8.19 -19.59
CA ARG E 128 -26.60 8.83 -18.56
C ARG E 128 -25.14 8.83 -18.91
N ARG E 129 -24.70 7.90 -19.75
CA ARG E 129 -23.29 7.78 -20.02
C ARG E 129 -22.88 8.69 -21.17
N ILE E 130 -23.74 8.87 -22.16
CA ILE E 130 -23.45 9.74 -23.28
C ILE E 130 -23.51 11.20 -22.86
N ARG E 131 -24.49 11.53 -22.02
CA ARG E 131 -24.61 12.87 -21.46
C ARG E 131 -23.46 13.24 -20.54
N GLY E 132 -22.86 12.26 -19.89
CA GLY E 132 -21.76 12.56 -19.00
C GLY E 132 -22.23 12.69 -17.58
N GLU E 133 -22.94 11.67 -17.11
CA GLU E 133 -23.20 11.48 -15.70
C GLU E 133 -22.40 10.31 -15.16
N ARG E 134 -21.47 9.79 -15.95
CA ARG E 134 -20.56 8.74 -15.53
C ARG E 134 -19.18 9.00 -16.10
N ARG F 17 -36.73 13.45 21.36
CA ARG F 17 -37.95 12.75 21.74
C ARG F 17 -38.07 11.43 20.99
N HIS F 18 -38.00 11.47 19.67
CA HIS F 18 -38.12 10.28 18.85
C HIS F 18 -36.91 10.19 17.93
N ARG F 19 -36.09 9.16 18.12
CA ARG F 19 -34.90 8.91 17.31
C ARG F 19 -35.29 7.83 16.30
N LYS F 20 -35.85 8.28 15.18
CA LYS F 20 -36.27 7.38 14.10
C LYS F 20 -35.23 7.43 12.99
N VAL F 21 -34.45 6.37 12.87
CA VAL F 21 -33.54 6.21 11.74
C VAL F 21 -34.40 5.80 10.54
N LEU F 22 -34.70 6.76 9.67
CA LEU F 22 -35.63 6.55 8.56
C LEU F 22 -34.98 5.72 7.47
N ARG F 23 -35.61 4.62 7.10
CA ARG F 23 -35.11 3.74 6.04
C ARG F 23 -36.28 3.26 5.21
N ASP F 24 -36.00 3.09 3.91
CA ASP F 24 -36.94 2.67 2.86
C ASP F 24 -38.14 3.62 2.77
N ASN F 25 -37.83 4.89 2.62
CA ASN F 25 -38.76 5.84 2.04
C ASN F 25 -38.59 5.94 0.54
N ILE F 26 -37.61 5.23 -0.01
CA ILE F 26 -37.42 5.17 -1.45
C ILE F 26 -38.53 4.38 -2.10
N GLN F 27 -39.16 3.46 -1.38
CA GLN F 27 -40.28 2.70 -1.90
C GLN F 27 -41.59 3.46 -1.86
N GLY F 28 -41.58 4.76 -1.61
CA GLY F 28 -42.74 5.58 -1.77
C GLY F 28 -42.76 6.21 -3.14
N ILE F 29 -41.62 6.21 -3.83
CA ILE F 29 -41.62 6.61 -5.23
C ILE F 29 -42.17 5.42 -5.97
N THR F 30 -43.48 5.39 -6.14
CA THR F 30 -44.18 4.16 -6.43
C THR F 30 -44.14 3.83 -7.90
N LYS F 31 -44.34 2.57 -8.19
CA LYS F 31 -44.49 2.01 -9.53
C LYS F 31 -45.59 2.69 -10.36
N PRO F 32 -46.72 3.14 -9.83
CA PRO F 32 -47.54 4.04 -10.64
C PRO F 32 -47.21 5.51 -10.53
N ALA F 33 -46.03 5.89 -10.06
CA ALA F 33 -45.57 7.26 -10.19
C ALA F 33 -44.37 7.40 -11.10
N ILE F 34 -43.67 6.30 -11.37
CA ILE F 34 -42.67 6.30 -12.42
C ILE F 34 -43.34 6.02 -13.74
N ARG F 35 -44.57 5.52 -13.70
CA ARG F 35 -45.31 5.38 -14.94
C ARG F 35 -45.78 6.73 -15.44
N ARG F 36 -46.16 7.62 -14.55
CA ARG F 36 -46.69 8.89 -15.00
C ARG F 36 -45.58 9.87 -15.33
N LEU F 37 -44.39 9.68 -14.77
CA LEU F 37 -43.24 10.45 -15.24
C LEU F 37 -42.77 9.95 -16.58
N ALA F 38 -43.04 8.68 -16.87
CA ALA F 38 -42.71 8.12 -18.16
C ALA F 38 -43.63 8.68 -19.21
N ARG F 39 -44.88 8.91 -18.82
CA ARG F 39 -45.89 9.39 -19.75
C ARG F 39 -45.65 10.83 -20.12
N ARG F 40 -45.19 11.64 -19.17
CA ARG F 40 -44.88 13.02 -19.51
C ARG F 40 -43.61 13.11 -20.32
N GLY F 41 -42.74 12.11 -20.24
CA GLY F 41 -41.64 12.04 -21.18
C GLY F 41 -42.10 11.56 -22.53
N GLY F 42 -43.23 10.89 -22.58
CA GLY F 42 -43.77 10.50 -23.84
C GLY F 42 -43.17 9.20 -24.30
N VAL F 43 -43.24 8.19 -23.46
CA VAL F 43 -42.72 6.88 -23.79
C VAL F 43 -43.87 5.88 -23.60
N LYS F 44 -43.80 4.76 -24.32
CA LYS F 44 -44.98 3.94 -24.50
C LYS F 44 -44.99 2.70 -23.62
N ARG F 45 -43.96 1.88 -23.68
CA ARG F 45 -43.93 0.61 -22.95
C ARG F 45 -42.73 0.57 -22.02
N ILE F 46 -42.98 0.33 -20.74
CA ILE F 46 -41.91 0.36 -19.77
C ILE F 46 -41.58 -1.06 -19.34
N SER F 47 -40.31 -1.34 -19.11
CA SER F 47 -39.89 -2.67 -18.68
C SER F 47 -40.26 -2.90 -17.23
N GLY F 48 -39.99 -4.10 -16.75
CA GLY F 48 -40.26 -4.39 -15.36
C GLY F 48 -39.11 -3.95 -14.47
N LEU F 49 -37.96 -3.73 -15.08
CA LEU F 49 -36.76 -3.42 -14.31
C LEU F 49 -36.44 -1.93 -14.27
N ILE F 50 -37.31 -1.10 -14.82
CA ILE F 50 -37.12 0.35 -14.78
C ILE F 50 -37.34 0.85 -13.36
N TYR F 51 -38.32 0.25 -12.68
CA TYR F 51 -38.83 0.75 -11.41
C TYR F 51 -37.83 0.61 -10.27
N GLU F 52 -36.87 -0.29 -10.38
CA GLU F 52 -35.80 -0.35 -9.41
C GLU F 52 -34.52 0.19 -10.00
N GLU F 53 -34.60 0.88 -11.12
CA GLU F 53 -33.47 1.58 -11.71
C GLU F 53 -33.63 3.08 -11.68
N THR F 54 -34.87 3.57 -11.85
CA THR F 54 -35.13 4.99 -11.74
C THR F 54 -34.97 5.46 -10.30
N ARG F 55 -35.31 4.62 -9.34
CA ARG F 55 -35.04 4.93 -7.95
C ARG F 55 -33.55 4.92 -7.64
N GLY F 56 -32.78 4.17 -8.43
CA GLY F 56 -31.34 4.29 -8.33
C GLY F 56 -30.83 5.57 -8.95
N VAL F 57 -31.58 6.14 -9.88
CA VAL F 57 -31.15 7.37 -10.55
C VAL F 57 -31.80 8.58 -9.89
N LEU F 58 -32.90 8.36 -9.18
CA LEU F 58 -33.46 9.43 -8.37
C LEU F 58 -32.63 9.67 -7.12
N LYS F 59 -32.16 8.61 -6.48
CA LYS F 59 -31.36 8.74 -5.27
C LYS F 59 -29.94 9.22 -5.55
N VAL F 60 -29.50 9.20 -6.80
CA VAL F 60 -28.23 9.82 -7.15
C VAL F 60 -28.39 11.31 -7.38
N PHE F 61 -29.51 11.71 -7.99
CA PHE F 61 -29.75 13.13 -8.22
C PHE F 61 -30.04 13.87 -6.94
N LEU F 62 -30.77 13.23 -6.02
CA LEU F 62 -31.08 13.93 -4.78
C LEU F 62 -29.88 13.95 -3.84
N GLU F 63 -28.96 13.01 -3.99
CA GLU F 63 -27.79 13.02 -3.13
C GLU F 63 -26.85 14.14 -3.51
N ASN F 64 -26.75 14.46 -4.81
CA ASN F 64 -25.85 15.53 -5.21
C ASN F 64 -26.42 16.89 -4.91
N VAL F 65 -27.73 17.05 -4.99
CA VAL F 65 -28.31 18.36 -4.74
C VAL F 65 -28.36 18.67 -3.26
N ILE F 66 -28.75 17.70 -2.43
CA ILE F 66 -28.92 17.97 -1.00
C ILE F 66 -27.58 18.13 -0.30
N ARG F 67 -26.55 17.43 -0.75
CA ARG F 67 -25.20 17.62 -0.18
C ARG F 67 -24.65 19.01 -0.45
N ASP F 68 -24.94 19.58 -1.61
CA ASP F 68 -24.68 20.99 -1.80
C ASP F 68 -25.69 21.87 -1.09
N ALA F 69 -26.93 21.43 -0.95
CA ALA F 69 -27.94 22.27 -0.31
C ALA F 69 -27.72 22.37 1.18
N VAL F 70 -27.08 21.38 1.78
CA VAL F 70 -26.79 21.42 3.21
C VAL F 70 -25.59 22.30 3.47
N THR F 71 -24.55 22.14 2.64
CA THR F 71 -23.29 22.87 2.68
C THR F 71 -23.48 24.38 2.58
N TYR F 72 -24.47 24.80 1.80
CA TYR F 72 -24.80 26.21 1.73
C TYR F 72 -25.46 26.69 3.01
N THR F 73 -26.12 25.81 3.76
CA THR F 73 -26.72 26.22 5.02
C THR F 73 -25.75 26.07 6.17
N GLU F 74 -24.97 25.00 6.16
CA GLU F 74 -23.95 24.69 7.15
C GLU F 74 -22.87 25.75 7.16
N HIS F 75 -22.58 26.34 6.01
CA HIS F 75 -21.77 27.54 5.99
C HIS F 75 -22.53 28.74 6.53
N ALA F 76 -23.83 28.81 6.24
CA ALA F 76 -24.56 30.00 6.64
C ALA F 76 -25.01 29.97 8.09
N LYS F 77 -24.72 28.87 8.78
CA LYS F 77 -24.99 28.65 10.21
C LYS F 77 -26.48 28.77 10.52
N ARG F 78 -27.23 27.89 9.88
CA ARG F 78 -28.64 27.76 10.12
C ARG F 78 -28.93 26.27 10.25
N LYS F 79 -30.16 25.95 10.58
CA LYS F 79 -30.60 24.57 10.61
C LYS F 79 -31.80 24.41 9.71
N THR F 80 -31.90 25.27 8.70
CA THR F 80 -32.98 25.21 7.74
C THR F 80 -32.44 25.21 6.33
N VAL F 81 -32.87 24.24 5.54
CA VAL F 81 -32.46 24.17 4.15
C VAL F 81 -33.44 25.01 3.37
N THR F 82 -33.25 26.31 3.34
CA THR F 82 -34.29 27.15 2.78
C THR F 82 -34.21 27.16 1.27
N ALA F 83 -35.27 27.66 0.64
CA ALA F 83 -35.44 27.44 -0.79
C ALA F 83 -34.58 28.38 -1.62
N MET F 84 -33.92 29.34 -1.00
CA MET F 84 -32.83 30.00 -1.70
C MET F 84 -31.64 29.08 -1.83
N ASP F 85 -31.45 28.18 -0.88
CA ASP F 85 -30.24 27.36 -0.92
C ASP F 85 -30.42 26.11 -1.75
N VAL F 86 -31.65 25.69 -2.00
CA VAL F 86 -31.83 24.61 -2.96
C VAL F 86 -31.64 25.12 -4.37
N VAL F 87 -32.12 26.33 -4.64
CA VAL F 87 -31.98 26.98 -5.94
C VAL F 87 -30.52 27.27 -6.26
N TYR F 88 -29.73 27.66 -5.26
CA TYR F 88 -28.30 27.86 -5.47
C TYR F 88 -27.59 26.54 -5.64
N ALA F 89 -28.11 25.47 -5.07
CA ALA F 89 -27.48 24.18 -5.26
C ALA F 89 -27.73 23.66 -6.66
N LEU F 90 -28.87 24.01 -7.22
CA LEU F 90 -29.18 23.58 -8.57
C LEU F 90 -28.49 24.47 -9.60
N LYS F 91 -28.23 25.73 -9.24
CA LYS F 91 -27.57 26.63 -10.18
C LYS F 91 -26.11 26.28 -10.35
N ARG F 92 -25.50 25.67 -9.35
CA ARG F 92 -24.09 25.33 -9.44
C ARG F 92 -23.86 24.14 -10.35
N GLN F 93 -24.84 23.25 -10.46
CA GLN F 93 -24.75 22.10 -11.33
C GLN F 93 -25.27 22.37 -12.71
N GLY F 94 -25.59 23.61 -13.02
CA GLY F 94 -26.02 23.97 -14.35
C GLY F 94 -27.43 23.53 -14.66
N ARG F 95 -28.28 23.40 -13.65
CA ARG F 95 -29.70 23.21 -13.87
C ARG F 95 -30.42 24.29 -13.10
N THR F 96 -30.55 25.47 -13.69
CA THR F 96 -31.12 26.63 -13.03
C THR F 96 -32.61 26.39 -12.90
N LEU F 97 -33.21 26.91 -11.84
CA LEU F 97 -34.62 26.68 -11.57
C LEU F 97 -35.26 28.03 -11.34
N TYR F 98 -36.08 28.46 -12.27
CA TYR F 98 -36.77 29.73 -12.15
C TYR F 98 -38.07 29.49 -11.41
N GLY F 99 -38.32 30.24 -10.37
CA GLY F 99 -39.61 30.12 -9.73
C GLY F 99 -39.59 30.32 -8.25
N PHE F 100 -38.41 30.43 -7.66
CA PHE F 100 -38.30 30.62 -6.23
C PHE F 100 -37.33 31.72 -5.85
N GLY F 101 -36.81 32.47 -6.81
CA GLY F 101 -35.91 33.57 -6.54
C GLY F 101 -34.51 33.31 -7.03
N GLY F 102 -34.16 33.83 -8.21
CA GLY F 102 -32.83 33.64 -8.76
C GLY F 102 -32.63 32.44 -9.67
N ALA G 1 9.23 28.67 11.62
CA ALA G 1 10.46 28.33 10.92
C ALA G 1 11.22 29.59 10.49
N LYS G 2 10.53 30.49 9.79
CA LYS G 2 11.12 31.74 9.32
C LYS G 2 10.15 32.87 9.65
N ALA G 3 10.51 34.07 9.20
CA ALA G 3 9.69 35.26 9.42
C ALA G 3 9.26 35.89 8.11
N LYS G 4 10.19 36.06 7.19
CA LYS G 4 9.88 36.60 5.88
C LYS G 4 9.16 35.54 5.07
N THR G 5 8.56 35.98 3.94
CA THR G 5 7.99 35.13 2.88
C THR G 5 6.95 34.17 3.43
N ARG G 6 5.74 34.70 3.71
CA ARG G 6 4.65 34.07 4.48
C ARG G 6 4.47 32.59 4.19
N SER G 7 4.59 32.16 2.95
CA SER G 7 4.66 30.73 2.64
C SER G 7 5.60 29.96 3.55
N SER G 8 6.76 30.53 3.88
CA SER G 8 7.69 29.85 4.77
C SER G 8 7.20 29.90 6.21
N ARG G 9 6.40 30.89 6.55
CA ARG G 9 5.74 30.88 7.85
C ARG G 9 4.65 29.82 7.89
N ALA G 10 4.01 29.58 6.76
CA ALA G 10 2.98 28.55 6.71
C ALA G 10 3.53 27.17 6.45
N GLY G 11 4.65 27.06 5.75
CA GLY G 11 5.19 25.78 5.38
C GLY G 11 4.67 25.29 4.06
N LEU G 12 4.48 26.19 3.09
CA LEU G 12 4.04 25.84 1.77
C LEU G 12 5.16 26.08 0.79
N GLN G 13 4.96 25.62 -0.44
CA GLN G 13 5.88 25.96 -1.51
C GLN G 13 5.24 26.86 -2.53
N PHE G 14 3.94 27.10 -2.45
CA PHE G 14 3.21 28.04 -3.27
C PHE G 14 3.22 29.41 -2.59
N PRO G 15 3.28 30.50 -3.34
CA PRO G 15 3.41 31.80 -2.68
C PRO G 15 2.08 32.27 -2.13
N VAL G 16 2.12 32.80 -0.92
CA VAL G 16 0.95 33.41 -0.32
C VAL G 16 1.00 34.90 -0.56
N GLY G 17 2.11 35.37 -1.09
CA GLY G 17 2.20 36.76 -1.49
C GLY G 17 1.44 37.00 -2.77
N ARG G 18 1.62 36.11 -3.74
CA ARG G 18 0.99 36.27 -5.04
C ARG G 18 -0.51 36.02 -4.96
N VAL G 19 -0.92 35.06 -4.15
CA VAL G 19 -2.33 34.72 -4.01
C VAL G 19 -3.09 35.82 -3.29
N HIS G 20 -2.46 36.48 -2.32
CA HIS G 20 -3.09 37.63 -1.70
C HIS G 20 -3.13 38.85 -2.61
N ARG G 21 -2.23 38.93 -3.58
CA ARG G 21 -2.38 39.95 -4.59
C ARG G 21 -3.53 39.60 -5.53
N LEU G 22 -3.62 38.35 -5.96
CA LEU G 22 -4.62 37.95 -6.92
C LEU G 22 -6.00 37.73 -6.30
N LEU G 23 -6.18 38.00 -5.02
CA LEU G 23 -7.52 38.11 -4.51
C LEU G 23 -7.97 39.54 -4.32
N ARG G 24 -7.14 40.53 -4.67
CA ARG G 24 -7.57 41.91 -4.60
C ARG G 24 -7.71 42.56 -5.95
N LYS G 25 -6.70 42.47 -6.80
CA LYS G 25 -6.84 42.92 -8.17
C LYS G 25 -7.29 41.82 -9.12
N GLY G 26 -8.10 40.90 -8.64
CA GLY G 26 -8.98 40.11 -9.45
C GLY G 26 -10.43 40.48 -9.22
N ASN G 27 -10.68 41.25 -8.15
CA ASN G 27 -12.00 41.74 -7.74
C ASN G 27 -12.99 40.61 -7.50
N TYR G 28 -12.68 39.80 -6.50
CA TYR G 28 -13.57 38.74 -6.11
C TYR G 28 -14.49 39.15 -4.99
N ALA G 29 -13.98 39.80 -3.97
CA ALA G 29 -14.87 40.45 -3.02
C ALA G 29 -14.16 41.67 -2.50
N GLU G 30 -14.88 42.40 -1.63
CA GLU G 30 -14.38 43.69 -1.19
C GLU G 30 -13.09 43.63 -0.39
N ARG G 31 -13.04 42.77 0.61
CA ARG G 31 -11.99 42.78 1.62
C ARG G 31 -11.58 41.35 1.95
N VAL G 32 -10.51 40.85 1.34
CA VAL G 32 -10.12 39.47 1.56
C VAL G 32 -9.42 39.35 2.91
N GLY G 33 -9.81 38.34 3.70
CA GLY G 33 -9.28 38.17 5.03
C GLY G 33 -7.85 37.70 5.03
N ALA G 34 -7.16 37.80 6.16
CA ALA G 34 -5.75 37.46 6.16
C ALA G 34 -5.50 35.96 6.13
N GLY G 35 -6.43 35.16 6.64
CA GLY G 35 -6.24 33.73 6.60
C GLY G 35 -6.56 33.14 5.24
N ALA G 36 -7.33 33.85 4.44
CA ALA G 36 -7.82 33.39 3.15
C ALA G 36 -6.76 33.09 2.10
N PRO G 37 -5.68 33.85 1.89
CA PRO G 37 -4.71 33.37 0.89
C PRO G 37 -3.85 32.24 1.39
N VAL G 38 -3.78 32.04 2.70
CA VAL G 38 -3.01 30.93 3.26
C VAL G 38 -3.71 29.62 2.96
N TYR G 39 -5.02 29.57 3.22
CA TYR G 39 -5.82 28.39 2.96
C TYR G 39 -5.89 28.09 1.48
N LEU G 40 -5.88 29.11 0.65
CA LEU G 40 -6.00 28.88 -0.77
C LEU G 40 -4.68 28.45 -1.36
N ALA G 41 -3.56 28.90 -0.79
CA ALA G 41 -2.29 28.46 -1.33
C ALA G 41 -1.97 27.05 -0.89
N ALA G 42 -2.56 26.61 0.20
CA ALA G 42 -2.33 25.23 0.64
C ALA G 42 -3.10 24.26 -0.22
N VAL G 43 -4.29 24.65 -0.67
CA VAL G 43 -5.11 23.77 -1.51
C VAL G 43 -4.49 23.66 -2.89
N LEU G 44 -3.98 24.76 -3.42
CA LEU G 44 -3.33 24.74 -4.72
C LEU G 44 -1.97 24.08 -4.65
N GLU G 45 -1.39 23.98 -3.46
CA GLU G 45 -0.21 23.13 -3.31
C GLU G 45 -0.61 21.68 -3.40
N TYR G 46 -1.71 21.32 -2.74
CA TYR G 46 -2.08 19.93 -2.59
C TYR G 46 -2.58 19.34 -3.89
N LEU G 47 -3.32 20.11 -4.68
CA LEU G 47 -3.79 19.59 -5.96
C LEU G 47 -2.68 19.54 -6.99
N THR G 48 -1.68 20.40 -6.85
CA THR G 48 -0.52 20.28 -7.72
C THR G 48 0.35 19.13 -7.26
N ALA G 49 0.36 18.84 -5.96
CA ALA G 49 1.11 17.71 -5.48
C ALA G 49 0.41 16.40 -5.82
N GLU G 50 -0.92 16.42 -5.85
CA GLU G 50 -1.67 15.20 -6.17
C GLU G 50 -1.54 14.83 -7.63
N ILE G 51 -1.47 15.82 -8.50
CA ILE G 51 -1.27 15.55 -9.93
C ILE G 51 0.16 15.11 -10.19
N LEU G 52 1.14 15.85 -9.68
CA LEU G 52 2.53 15.54 -9.99
C LEU G 52 3.05 14.35 -9.23
N GLU G 53 2.36 13.89 -8.19
CA GLU G 53 2.61 12.55 -7.71
C GLU G 53 2.23 11.54 -8.76
N LEU G 54 0.98 11.63 -9.23
CA LEU G 54 0.44 10.64 -10.17
C LEU G 54 0.99 10.83 -11.57
N ALA G 55 1.55 11.99 -11.88
CA ALA G 55 2.09 12.21 -13.21
C ALA G 55 3.41 11.50 -13.38
N GLY G 56 4.34 11.75 -12.45
CA GLY G 56 5.63 11.08 -12.54
C GLY G 56 5.55 9.61 -12.17
N ASN G 57 4.49 9.22 -11.44
CA ASN G 57 4.18 7.82 -11.20
C ASN G 57 3.97 7.08 -12.50
N ALA G 58 3.19 7.66 -13.39
CA ALA G 58 3.02 7.07 -14.71
C ALA G 58 4.06 7.53 -15.70
N ALA G 59 5.11 8.16 -15.18
CA ALA G 59 6.26 8.56 -15.96
C ALA G 59 7.23 7.38 -15.82
N ARG G 60 7.25 6.81 -14.60
CA ARG G 60 8.07 5.65 -14.25
C ARG G 60 7.65 4.40 -15.03
N ASP G 61 6.35 4.24 -15.23
CA ASP G 61 5.84 3.10 -15.99
C ASP G 61 6.33 3.18 -17.44
N ASN G 62 6.26 4.39 -18.00
CA ASN G 62 6.71 4.64 -19.36
C ASN G 62 8.22 4.44 -19.43
N LYS G 63 8.84 4.69 -18.28
CA LYS G 63 10.27 4.55 -18.08
C LYS G 63 11.06 5.80 -18.41
N LYS G 64 10.35 6.90 -18.66
CA LYS G 64 11.05 8.12 -18.97
C LYS G 64 11.17 8.95 -17.72
N THR G 65 12.20 9.79 -17.67
CA THR G 65 12.39 10.65 -16.51
C THR G 65 11.40 11.80 -16.52
N ARG G 66 11.48 12.67 -17.53
CA ARG G 66 10.69 13.89 -17.53
C ARG G 66 9.24 13.59 -17.89
N ILE G 67 8.37 14.53 -17.58
CA ILE G 67 6.94 14.35 -17.80
C ILE G 67 6.53 15.09 -19.06
N ILE G 68 5.95 14.36 -20.00
CA ILE G 68 5.40 14.94 -21.22
C ILE G 68 3.91 15.14 -20.96
N PRO G 69 3.15 15.87 -21.80
CA PRO G 69 1.71 16.00 -21.52
C PRO G 69 0.89 14.75 -21.58
N ARG G 70 1.38 13.74 -22.30
CA ARG G 70 0.74 12.45 -22.40
C ARG G 70 0.67 11.76 -21.05
N HIS G 71 1.65 11.99 -20.20
CA HIS G 71 1.62 11.46 -18.85
C HIS G 71 0.60 12.15 -17.98
N LEU G 72 0.24 13.40 -18.30
CA LEU G 72 -0.72 14.12 -17.47
C LEU G 72 -2.13 13.64 -17.71
N GLN G 73 -2.47 13.29 -18.96
CA GLN G 73 -3.80 12.76 -19.22
C GLN G 73 -3.91 11.35 -18.68
N LEU G 74 -2.81 10.62 -18.63
CA LEU G 74 -2.83 9.30 -18.02
C LEU G 74 -2.88 9.38 -16.51
N ALA G 75 -2.50 10.51 -15.93
CA ALA G 75 -2.67 10.66 -14.50
C ALA G 75 -4.04 11.18 -14.14
N VAL G 76 -4.65 11.94 -15.03
CA VAL G 76 -5.94 12.54 -14.74
C VAL G 76 -7.08 11.58 -15.04
N ARG G 77 -7.10 10.98 -16.23
CA ARG G 77 -8.23 10.15 -16.60
C ARG G 77 -8.22 8.81 -15.91
N ASN G 78 -7.06 8.35 -15.42
CA ASN G 78 -7.03 7.09 -14.70
C ASN G 78 -7.52 7.27 -13.28
N ASP G 79 -7.50 8.49 -12.76
CA ASP G 79 -7.94 8.72 -11.39
C ASP G 79 -9.35 9.31 -11.39
N GLU G 80 -10.25 8.69 -10.64
CA GLU G 80 -11.64 9.15 -10.60
C GLU G 80 -11.87 10.55 -10.01
N GLU G 81 -11.24 10.87 -8.89
CA GLU G 81 -11.45 12.18 -8.28
C GLU G 81 -10.96 13.29 -9.18
N LEU G 82 -9.76 13.10 -9.72
CA LEU G 82 -9.18 14.08 -10.62
C LEU G 82 -10.02 14.17 -11.88
N ASN G 83 -10.53 13.02 -12.32
CA ASN G 83 -11.35 13.00 -13.52
C ASN G 83 -12.60 13.84 -13.30
N LYS G 84 -13.20 13.72 -12.12
CA LYS G 84 -14.38 14.50 -11.81
C LYS G 84 -14.03 15.99 -11.77
N LEU G 85 -12.89 16.32 -11.17
CA LEU G 85 -12.47 17.71 -11.10
C LEU G 85 -12.21 18.28 -12.49
N LEU G 86 -11.54 17.48 -13.32
CA LEU G 86 -11.23 17.87 -14.70
C LEU G 86 -12.13 17.14 -15.68
N GLY G 87 -13.43 17.32 -15.53
CA GLY G 87 -14.36 16.63 -16.38
C GLY G 87 -14.51 17.26 -17.73
N ARG G 88 -14.70 18.57 -17.77
CA ARG G 88 -14.91 19.30 -19.00
C ARG G 88 -13.64 19.41 -19.82
N VAL G 89 -12.48 19.31 -19.19
CA VAL G 89 -11.25 19.82 -19.75
C VAL G 89 -10.65 18.94 -20.84
N THR G 90 -9.86 19.56 -21.72
CA THR G 90 -9.05 18.86 -22.69
C THR G 90 -7.61 19.28 -22.50
N ILE G 91 -6.75 18.33 -22.21
CA ILE G 91 -5.33 18.58 -21.99
C ILE G 91 -4.66 18.51 -23.35
N ALA G 92 -3.98 19.59 -23.73
CA ALA G 92 -3.52 19.73 -25.11
C ALA G 92 -2.35 18.84 -25.40
N GLN G 93 -2.43 18.16 -26.56
CA GLN G 93 -1.50 17.18 -27.08
C GLN G 93 -1.35 16.07 -26.05
N GLY G 94 -2.44 15.41 -25.73
CA GLY G 94 -2.41 14.53 -24.60
C GLY G 94 -2.98 13.16 -24.83
N GLY G 95 -3.42 12.85 -26.03
CA GLY G 95 -3.93 11.52 -26.32
C GLY G 95 -5.25 11.23 -25.66
N VAL G 96 -5.59 9.94 -25.59
CA VAL G 96 -6.78 9.48 -24.88
C VAL G 96 -6.39 8.33 -23.98
N LEU G 97 -7.33 7.91 -23.15
CA LEU G 97 -7.15 6.72 -22.33
C LEU G 97 -7.29 5.49 -23.21
N PRO G 98 -6.33 4.56 -23.18
CA PRO G 98 -6.42 3.39 -24.07
C PRO G 98 -7.48 2.41 -23.62
N ASN G 99 -8.58 2.38 -24.36
CA ASN G 99 -9.62 1.38 -24.13
C ASN G 99 -10.30 1.09 -25.46
N ILE G 100 -10.73 -0.15 -25.60
CA ILE G 100 -11.62 -0.58 -26.68
C ILE G 100 -12.88 -1.06 -25.98
N GLN G 101 -14.03 -0.82 -26.59
CA GLN G 101 -15.24 -1.48 -26.12
C GLN G 101 -15.12 -2.98 -26.40
N SER G 102 -15.48 -3.78 -25.41
CA SER G 102 -15.11 -5.20 -25.45
C SER G 102 -16.08 -6.05 -26.25
N VAL G 103 -17.12 -5.45 -26.85
CA VAL G 103 -17.88 -6.17 -27.86
C VAL G 103 -17.05 -6.32 -29.14
N LEU G 104 -16.26 -5.31 -29.46
CA LEU G 104 -15.47 -5.26 -30.68
C LEU G 104 -14.25 -6.17 -30.65
N LEU G 105 -13.85 -6.67 -29.47
CA LEU G 105 -12.74 -7.60 -29.35
C LEU G 105 -13.10 -8.95 -29.99
N PRO G 106 -12.12 -9.70 -30.53
CA PRO G 106 -12.47 -10.93 -31.25
C PRO G 106 -12.89 -12.09 -30.36
N LYS G 107 -13.26 -13.19 -31.02
CA LYS G 107 -13.78 -14.38 -30.36
C LYS G 107 -12.66 -15.23 -29.77
N SER H 32 8.39 42.11 -21.39
CA SER H 32 7.89 42.64 -20.13
C SER H 32 7.72 41.54 -19.08
N ARG H 33 7.51 41.95 -17.84
CA ARG H 33 7.35 40.99 -16.75
C ARG H 33 6.00 40.30 -16.80
N LYS H 34 5.94 39.14 -17.43
CA LYS H 34 4.76 38.28 -17.40
C LYS H 34 5.08 37.16 -16.43
N GLU H 35 4.47 37.21 -15.24
CA GLU H 35 4.70 36.23 -14.20
C GLU H 35 4.03 34.91 -14.54
N SER H 36 4.30 33.92 -13.71
CA SER H 36 3.77 32.56 -13.89
C SER H 36 3.91 31.82 -12.57
N TYR H 37 3.38 30.61 -12.55
CA TYR H 37 3.60 29.69 -11.45
C TYR H 37 4.61 28.65 -11.86
N ALA H 38 5.60 29.06 -12.63
CA ALA H 38 6.51 28.11 -13.24
C ALA H 38 7.49 27.55 -12.23
N ILE H 39 8.10 28.42 -11.43
CA ILE H 39 9.12 27.94 -10.50
C ILE H 39 8.46 27.32 -9.28
N TYR H 40 7.21 27.68 -9.02
CA TYR H 40 6.58 27.18 -7.80
C TYR H 40 6.04 25.80 -7.98
N VAL H 41 5.74 25.39 -9.21
CA VAL H 41 5.38 24.01 -9.47
C VAL H 41 6.63 23.15 -9.40
N TYR H 42 7.74 23.73 -9.82
CA TYR H 42 9.02 23.05 -9.87
C TYR H 42 9.53 22.68 -8.48
N LYS H 43 9.23 23.51 -7.50
CA LYS H 43 9.60 23.18 -6.12
C LYS H 43 8.66 22.18 -5.48
N VAL H 44 7.57 21.80 -6.13
CA VAL H 44 6.75 20.70 -5.66
C VAL H 44 7.07 19.44 -6.46
N LEU H 45 7.62 19.56 -7.67
CA LEU H 45 8.08 18.38 -8.37
C LEU H 45 9.37 17.86 -7.75
N LYS H 46 10.19 18.76 -7.21
CA LYS H 46 11.41 18.33 -6.53
C LYS H 46 11.15 18.09 -5.04
N GLN H 47 9.91 17.81 -4.68
CA GLN H 47 9.60 17.22 -3.39
C GLN H 47 9.09 15.81 -3.50
N VAL H 48 8.08 15.57 -4.33
CA VAL H 48 7.55 14.22 -4.43
C VAL H 48 8.43 13.33 -5.29
N HIS H 49 8.95 13.80 -6.41
CA HIS H 49 9.76 12.99 -7.31
C HIS H 49 11.08 13.69 -7.57
N PRO H 50 12.06 13.52 -6.68
CA PRO H 50 13.22 14.44 -6.67
C PRO H 50 14.27 14.19 -7.73
N ASP H 51 14.00 13.31 -8.68
CA ASP H 51 14.92 13.10 -9.80
C ASP H 51 14.32 13.46 -11.15
N THR H 52 13.00 13.46 -11.28
CA THR H 52 12.35 13.67 -12.57
C THR H 52 12.33 15.15 -12.93
N GLY H 53 12.16 15.42 -14.22
CA GLY H 53 11.98 16.75 -14.72
C GLY H 53 10.60 16.94 -15.33
N ILE H 54 10.44 18.06 -16.01
CA ILE H 54 9.14 18.37 -16.59
C ILE H 54 9.34 19.10 -17.90
N SER H 55 8.50 18.82 -18.88
CA SER H 55 8.65 19.46 -20.17
C SER H 55 8.08 20.86 -20.11
N SER H 56 8.39 21.67 -21.13
CA SER H 56 7.90 23.04 -21.09
C SER H 56 6.47 23.11 -21.58
N LYS H 57 5.99 22.07 -22.25
CA LYS H 57 4.57 21.99 -22.56
C LYS H 57 3.79 21.55 -21.34
N ALA H 58 4.36 20.65 -20.54
CA ALA H 58 3.69 20.17 -19.35
C ALA H 58 4.00 21.00 -18.17
N MET H 59 4.73 22.08 -18.35
CA MET H 59 4.77 23.15 -17.39
C MET H 59 3.66 24.14 -17.66
N SER H 60 3.36 24.39 -18.93
CA SER H 60 2.29 25.31 -19.27
C SER H 60 0.92 24.73 -19.01
N ILE H 61 0.82 23.42 -18.84
CA ILE H 61 -0.43 22.84 -18.38
C ILE H 61 -0.60 23.09 -16.89
N MET H 62 0.44 22.85 -16.11
CA MET H 62 0.35 23.08 -14.68
C MET H 62 0.35 24.56 -14.34
N ASN H 63 0.83 25.39 -15.24
CA ASN H 63 0.73 26.82 -15.04
C ASN H 63 -0.70 27.23 -15.34
N SER H 64 -1.36 26.51 -16.25
CA SER H 64 -2.74 26.80 -16.57
C SER H 64 -3.70 25.86 -15.89
N PHE H 65 -3.21 25.02 -14.99
CA PHE H 65 -4.10 24.29 -14.11
C PHE H 65 -4.39 25.13 -12.89
N VAL H 66 -3.33 25.67 -12.30
CA VAL H 66 -3.40 26.48 -11.10
C VAL H 66 -4.16 27.77 -11.36
N ASN H 67 -4.03 28.31 -12.57
CA ASN H 67 -4.84 29.44 -12.98
C ASN H 67 -6.30 29.08 -13.23
N ASP H 68 -6.67 27.80 -13.20
CA ASP H 68 -8.06 27.43 -13.36
C ASP H 68 -8.72 27.01 -12.06
N VAL H 69 -7.98 26.36 -11.15
CA VAL H 69 -8.56 26.00 -9.87
C VAL H 69 -8.63 27.22 -8.97
N PHE H 70 -7.86 28.25 -9.29
CA PHE H 70 -8.04 29.55 -8.66
C PHE H 70 -9.40 30.15 -8.96
N GLU H 71 -9.77 30.22 -10.23
CA GLU H 71 -11.01 30.89 -10.57
C GLU H 71 -12.23 30.05 -10.27
N ARG H 72 -12.08 28.80 -9.91
CA ARG H 72 -13.21 28.07 -9.43
C ARG H 72 -13.33 28.09 -7.92
N ILE H 73 -12.25 28.37 -7.20
CA ILE H 73 -12.35 28.48 -5.75
C ILE H 73 -12.64 29.91 -5.33
N ALA H 74 -11.90 30.87 -5.85
CA ALA H 74 -12.27 32.25 -5.60
C ALA H 74 -13.47 32.69 -6.39
N GLY H 75 -13.86 31.96 -7.42
CA GLY H 75 -15.09 32.25 -8.11
C GLY H 75 -16.27 31.76 -7.32
N GLU H 76 -16.13 30.63 -6.62
CA GLU H 76 -17.26 30.14 -5.84
C GLU H 76 -17.30 30.78 -4.48
N ALA H 77 -16.15 31.07 -3.89
CA ALA H 77 -16.16 31.77 -2.61
C ALA H 77 -16.24 33.28 -2.76
N SER H 78 -16.68 33.78 -3.90
CA SER H 78 -17.15 35.12 -4.05
C SER H 78 -18.65 35.16 -4.21
N ARG H 79 -19.30 34.00 -4.23
CA ARG H 79 -20.75 33.97 -4.11
C ARG H 79 -21.18 33.64 -2.70
N LEU H 80 -20.41 32.83 -1.99
CA LEU H 80 -20.79 32.48 -0.62
C LEU H 80 -20.60 33.65 0.30
N ALA H 81 -19.65 34.51 -0.01
CA ALA H 81 -19.54 35.76 0.73
C ALA H 81 -20.29 36.88 0.04
N HIS H 82 -21.31 36.56 -0.74
CA HIS H 82 -22.22 37.54 -1.28
C HIS H 82 -23.67 37.14 -1.05
N TYR H 83 -23.98 35.85 -1.02
CA TYR H 83 -25.33 35.41 -0.67
C TYR H 83 -25.66 35.65 0.77
N ASN H 84 -24.67 35.64 1.65
CA ASN H 84 -24.91 35.79 3.07
C ASN H 84 -24.78 37.24 3.51
N LYS H 85 -24.67 38.16 2.54
CA LYS H 85 -24.45 39.59 2.70
C LYS H 85 -23.20 39.89 3.50
N ARG H 86 -22.19 39.05 3.43
CA ARG H 86 -20.91 39.40 4.00
C ARG H 86 -20.16 40.19 2.97
N SER H 87 -19.01 40.70 3.33
CA SER H 87 -18.20 41.39 2.36
C SER H 87 -16.76 40.94 2.40
N THR H 88 -16.47 39.87 3.13
CA THR H 88 -15.11 39.42 3.28
C THR H 88 -14.94 37.98 2.81
N ILE H 89 -13.98 37.77 1.93
CA ILE H 89 -13.48 36.42 1.74
C ILE H 89 -12.66 36.11 2.98
N THR H 90 -13.26 35.37 3.91
CA THR H 90 -12.51 34.95 5.08
C THR H 90 -11.79 33.66 4.76
N SER H 91 -11.26 33.03 5.78
CA SER H 91 -10.66 31.75 5.49
C SER H 91 -11.63 30.62 5.63
N ARG H 92 -12.87 30.92 5.99
CA ARG H 92 -13.92 29.93 6.11
C ARG H 92 -14.62 29.67 4.79
N GLU H 93 -14.64 30.63 3.88
CA GLU H 93 -15.32 30.41 2.61
C GLU H 93 -14.49 29.55 1.69
N ILE H 94 -13.16 29.68 1.77
CA ILE H 94 -12.26 28.90 0.94
C ILE H 94 -12.28 27.46 1.42
N GLN H 95 -12.63 27.25 2.68
CA GLN H 95 -13.02 25.91 3.09
C GLN H 95 -14.32 25.48 2.45
N THR H 96 -15.32 26.35 2.39
CA THR H 96 -16.60 25.87 1.88
C THR H 96 -16.63 25.96 0.36
N ALA H 97 -15.71 26.71 -0.24
CA ALA H 97 -15.57 26.62 -1.68
C ALA H 97 -14.98 25.28 -2.08
N VAL H 98 -14.04 24.78 -1.29
CA VAL H 98 -13.36 23.55 -1.61
C VAL H 98 -14.28 22.36 -1.37
N ARG H 99 -15.11 22.41 -0.34
CA ARG H 99 -16.08 21.33 -0.16
C ARG H 99 -17.25 21.40 -1.11
N LEU H 100 -17.37 22.45 -1.91
CA LEU H 100 -18.37 22.45 -2.95
C LEU H 100 -17.82 21.90 -4.26
N LEU H 101 -16.60 22.30 -4.62
CA LEU H 101 -16.05 21.87 -5.90
C LEU H 101 -15.51 20.46 -5.84
N LEU H 102 -14.57 20.24 -4.94
CA LEU H 102 -13.71 19.09 -5.02
C LEU H 102 -14.49 17.85 -4.58
N PRO H 103 -14.44 16.80 -5.35
CA PRO H 103 -15.35 15.69 -5.07
C PRO H 103 -14.80 14.67 -4.09
N GLY H 104 -15.55 14.42 -3.02
CA GLY H 104 -15.33 13.24 -2.20
C GLY H 104 -14.06 13.27 -1.39
N GLU H 105 -13.19 12.32 -1.66
CA GLU H 105 -11.97 12.25 -0.89
C GLU H 105 -10.91 13.17 -1.37
N LEU H 106 -11.05 14.05 -2.35
CA LEU H 106 -10.12 15.16 -2.44
C LEU H 106 -10.55 16.35 -1.64
N ALA H 107 -11.80 16.41 -1.24
CA ALA H 107 -12.28 17.52 -0.45
C ALA H 107 -11.74 17.37 0.95
N LYS H 108 -11.88 16.15 1.49
CA LYS H 108 -11.55 15.86 2.88
C LYS H 108 -10.05 15.96 3.14
N HIS H 109 -9.23 15.69 2.13
CA HIS H 109 -7.80 15.82 2.34
C HIS H 109 -7.32 17.23 2.14
N ALA H 110 -7.98 17.99 1.25
CA ALA H 110 -7.53 19.36 1.02
C ALA H 110 -8.08 20.31 2.06
N VAL H 111 -9.19 19.96 2.69
CA VAL H 111 -9.65 20.72 3.85
C VAL H 111 -8.67 20.54 5.00
N SER H 112 -8.25 19.31 5.25
CA SER H 112 -7.30 19.03 6.30
C SER H 112 -5.89 19.45 5.94
N GLU H 113 -5.61 19.74 4.67
CA GLU H 113 -4.35 20.38 4.32
C GLU H 113 -4.44 21.87 4.54
N GLY H 114 -5.64 22.41 4.56
CA GLY H 114 -5.79 23.83 4.75
C GLY H 114 -5.57 24.24 6.18
N THR H 115 -6.32 23.62 7.10
CA THR H 115 -6.29 24.05 8.50
C THR H 115 -4.99 23.65 9.17
N LYS H 116 -4.30 22.65 8.62
CA LYS H 116 -2.93 22.38 9.03
C LYS H 116 -2.00 23.51 8.65
N ALA H 117 -2.28 24.23 7.57
CA ALA H 117 -1.37 25.25 7.08
C ALA H 117 -1.76 26.64 7.47
N VAL H 118 -2.98 26.87 7.93
CA VAL H 118 -3.29 28.18 8.47
C VAL H 118 -2.96 28.23 9.95
N THR H 119 -2.75 27.08 10.60
CA THR H 119 -2.45 27.09 12.02
C THR H 119 -0.95 27.18 12.23
N LYS H 120 -0.16 26.88 11.21
CA LYS H 120 1.24 27.21 11.26
C LYS H 120 1.40 28.70 11.07
N TYR H 121 0.46 29.31 10.36
CA TYR H 121 0.47 30.75 10.15
C TYR H 121 0.05 31.53 11.38
N THR H 122 -0.91 31.04 12.15
CA THR H 122 -1.45 31.84 13.24
C THR H 122 -0.56 31.77 14.47
N SER H 123 0.01 30.61 14.75
CA SER H 123 0.86 30.46 15.92
C SER H 123 2.22 31.09 15.71
N ALA H 124 2.97 30.59 14.73
CA ALA H 124 4.29 31.13 14.44
C ALA H 124 4.17 32.44 13.69
N MET K 16 15.52 -31.11 50.72
CA MET K 16 15.47 -30.55 49.37
C MET K 16 14.20 -30.99 48.65
N LEU K 17 14.02 -32.30 48.51
CA LEU K 17 12.83 -32.89 47.91
C LEU K 17 12.71 -34.31 48.40
N GLN K 18 11.50 -34.69 48.84
CA GLN K 18 11.24 -36.05 49.29
C GLN K 18 9.87 -36.47 48.77
N PHE K 19 9.46 -37.69 49.10
CA PHE K 19 8.20 -38.28 48.63
C PHE K 19 7.21 -38.29 49.79
N ASP K 20 5.97 -37.89 49.51
CA ASP K 20 4.98 -37.89 50.59
C ASP K 20 4.00 -39.07 50.49
N LYS K 21 3.25 -39.17 49.41
CA LYS K 21 2.15 -40.13 49.39
C LYS K 21 1.77 -40.50 47.96
N GLN K 22 1.31 -41.75 47.82
CA GLN K 22 0.75 -42.27 46.59
C GLN K 22 -0.53 -43.01 46.94
N VAL K 23 -1.64 -42.60 46.32
CA VAL K 23 -2.95 -43.16 46.68
C VAL K 23 -3.54 -43.99 45.55
N LEU K 24 -3.25 -43.64 44.29
CA LEU K 24 -3.83 -44.33 43.14
C LEU K 24 -3.12 -45.64 42.86
N PRO K 25 -3.85 -46.64 42.39
CA PRO K 25 -3.21 -47.84 41.83
C PRO K 25 -2.68 -47.59 40.42
N ALA K 26 -1.75 -48.47 40.01
CA ALA K 26 -1.07 -48.28 38.74
C ALA K 26 -1.97 -48.62 37.57
N SER K 27 -2.36 -49.89 37.45
CA SER K 27 -2.99 -50.39 36.25
C SER K 27 -4.43 -49.92 36.13
N GLY K 28 -4.96 -50.00 34.91
CA GLY K 28 -6.30 -49.57 34.63
C GLY K 28 -6.41 -49.04 33.22
N LYS K 29 -7.15 -47.94 33.08
CA LYS K 29 -7.50 -47.43 31.76
C LYS K 29 -6.41 -46.51 31.22
N ILE K 30 -6.73 -45.85 30.10
CA ILE K 30 -5.83 -44.88 29.51
C ILE K 30 -5.83 -43.62 30.36
N SER K 31 -4.64 -43.26 30.86
CA SER K 31 -4.44 -42.02 31.60
C SER K 31 -3.53 -41.12 30.78
N THR K 32 -3.96 -39.88 30.55
CA THR K 32 -3.21 -38.96 29.70
C THR K 32 -2.65 -37.77 30.48
N SER K 33 -3.49 -36.97 31.13
CA SER K 33 -3.00 -35.78 31.80
C SER K 33 -3.30 -35.79 33.28
N CYS K 34 -2.33 -35.35 34.08
CA CYS K 34 -2.55 -35.05 35.48
C CYS K 34 -2.40 -33.55 35.63
N GLN K 35 -3.35 -32.92 36.32
CA GLN K 35 -3.40 -31.47 36.40
C GLN K 35 -3.93 -31.04 37.75
N ILE K 36 -3.14 -30.27 38.46
CA ILE K 36 -3.60 -29.61 39.67
C ILE K 36 -4.01 -28.19 39.29
N SER K 37 -5.11 -27.72 39.89
CA SER K 37 -5.45 -26.31 39.87
C SER K 37 -4.35 -25.49 40.55
N PRO K 38 -4.13 -24.24 40.11
CA PRO K 38 -3.04 -23.45 40.71
C PRO K 38 -3.31 -22.92 42.12
N ASP K 39 -4.46 -23.24 42.74
CA ASP K 39 -4.67 -22.90 44.14
C ASP K 39 -3.76 -23.72 45.05
N GLY K 40 -3.42 -24.94 44.63
CA GLY K 40 -2.54 -25.80 45.38
C GLY K 40 -3.20 -27.02 45.97
N GLU K 41 -4.51 -27.23 45.73
CA GLU K 41 -5.23 -28.28 46.43
C GLU K 41 -6.04 -29.23 45.54
N LEU K 42 -6.60 -28.77 44.43
CA LEU K 42 -7.59 -29.55 43.69
C LEU K 42 -7.11 -30.15 42.38
N ILE K 43 -6.89 -31.48 42.41
CA ILE K 43 -6.24 -32.19 41.32
C ILE K 43 -7.24 -32.84 40.36
N ALA K 44 -7.01 -32.69 39.06
CA ALA K 44 -7.77 -33.41 38.06
C ALA K 44 -6.88 -34.41 37.33
N ILE K 45 -7.29 -35.67 37.36
CA ILE K 45 -6.60 -36.76 36.68
C ILE K 45 -7.42 -37.21 35.50
N CYS K 46 -6.89 -36.99 34.29
CA CYS K 46 -7.57 -37.45 33.09
C CYS K 46 -7.39 -38.95 32.95
N GLN K 47 -8.49 -39.66 33.16
CA GLN K 47 -8.56 -41.04 32.73
C GLN K 47 -9.25 -41.09 31.36
N ASN K 48 -9.52 -42.31 30.89
CA ASN K 48 -10.21 -42.45 29.62
C ASN K 48 -11.66 -42.04 29.78
N THR K 49 -11.96 -40.81 29.30
CA THR K 49 -13.27 -40.15 29.34
C THR K 49 -13.77 -39.99 30.80
N ASP K 50 -12.84 -39.80 31.72
CA ASP K 50 -13.17 -39.62 33.13
C ASP K 50 -12.18 -38.65 33.75
N MET K 51 -12.64 -37.98 34.81
CA MET K 51 -11.80 -37.07 35.60
C MET K 51 -12.03 -37.36 37.07
N LEU K 52 -10.95 -37.68 37.78
CA LEU K 52 -11.05 -37.89 39.22
C LEU K 52 -10.55 -36.64 39.94
N VAL K 53 -11.22 -36.33 41.05
CA VAL K 53 -10.88 -35.17 41.86
C VAL K 53 -10.36 -35.66 43.21
N TYR K 54 -9.12 -35.30 43.51
CA TYR K 54 -8.44 -35.74 44.74
C TYR K 54 -8.09 -34.50 45.55
N GLU K 55 -8.94 -34.19 46.54
CA GLU K 55 -8.67 -33.11 47.47
C GLU K 55 -7.58 -33.56 48.45
N ILE K 56 -6.45 -32.83 48.47
CA ILE K 56 -5.29 -33.26 49.25
C ILE K 56 -5.38 -32.89 50.71
N SER K 57 -6.33 -32.04 51.10
CA SER K 57 -6.37 -31.52 52.46
C SER K 57 -6.86 -32.58 53.44
N SER K 58 -8.05 -33.12 53.20
CA SER K 58 -8.62 -34.15 54.05
C SER K 58 -8.55 -35.55 53.42
N SER K 59 -7.89 -35.67 52.25
CA SER K 59 -7.67 -36.92 51.50
C SER K 59 -8.97 -37.65 51.16
N LYS K 60 -9.85 -37.01 50.40
CA LYS K 60 -11.03 -37.66 49.85
C LYS K 60 -10.83 -37.92 48.37
N MET K 61 -11.81 -38.58 47.74
CA MET K 61 -11.86 -38.74 46.30
C MET K 61 -13.18 -38.18 45.78
N MET K 62 -13.21 -37.91 44.48
CA MET K 62 -14.44 -37.55 43.78
C MET K 62 -14.26 -37.90 42.32
N LYS K 63 -15.27 -38.50 41.72
CA LYS K 63 -15.27 -38.80 40.30
C LYS K 63 -16.16 -37.80 39.57
N LEU K 64 -15.68 -37.33 38.42
CA LEU K 64 -16.43 -36.38 37.62
C LEU K 64 -16.30 -36.75 36.15
N THR K 65 -17.41 -37.17 35.55
CA THR K 65 -17.42 -37.61 34.17
C THR K 65 -18.04 -36.53 33.31
N THR K 66 -17.51 -36.39 32.11
CA THR K 66 -17.92 -35.34 31.17
C THR K 66 -18.46 -35.97 29.89
N THR K 67 -19.06 -35.15 29.04
CA THR K 67 -19.78 -35.61 27.85
C THR K 67 -18.87 -35.74 26.64
N HIS K 68 -17.60 -36.05 26.85
CA HIS K 68 -16.69 -36.40 25.76
C HIS K 68 -17.03 -37.80 25.26
N LYS K 69 -16.66 -38.10 24.02
CA LYS K 69 -16.80 -39.44 23.50
C LYS K 69 -15.49 -40.20 23.58
N GLU K 70 -14.39 -39.57 23.16
CA GLU K 70 -13.14 -40.26 22.91
C GLU K 70 -12.10 -39.95 23.97
N CYS K 71 -10.89 -40.44 23.71
CA CYS K 71 -9.81 -40.41 24.70
C CYS K 71 -9.28 -39.00 24.89
N ILE K 72 -9.51 -38.46 26.08
CA ILE K 72 -9.30 -37.05 26.40
C ILE K 72 -7.80 -36.74 26.42
N ASN K 73 -7.40 -35.75 25.61
CA ASN K 73 -6.02 -35.27 25.63
C ASN K 73 -5.87 -33.92 26.32
N CYS K 74 -6.67 -32.92 25.94
CA CYS K 74 -6.63 -31.62 26.57
C CYS K 74 -7.34 -31.67 27.91
N LEU K 75 -6.74 -31.03 28.91
CA LEU K 75 -7.45 -30.76 30.14
C LEU K 75 -6.89 -29.45 30.66
N CYS K 76 -7.75 -28.56 31.14
CA CYS K 76 -7.28 -27.31 31.70
C CYS K 76 -8.08 -26.93 32.94
N TRP K 77 -7.42 -26.17 33.80
CA TRP K 77 -7.94 -25.75 35.08
C TRP K 77 -8.22 -24.25 35.05
N SER K 78 -9.15 -23.83 35.89
CA SER K 78 -9.42 -22.43 36.04
C SER K 78 -8.34 -21.79 36.91
N PRO K 79 -8.08 -20.49 36.74
CA PRO K 79 -7.19 -19.80 37.70
C PRO K 79 -7.82 -19.61 39.07
N ASP K 80 -9.13 -19.73 39.19
CA ASP K 80 -9.82 -19.67 40.48
C ASP K 80 -10.48 -20.99 40.86
N SER K 81 -10.25 -22.06 40.08
CA SER K 81 -10.84 -23.40 40.24
C SER K 81 -12.37 -23.37 40.29
N LYS K 82 -12.96 -22.91 39.19
CA LYS K 82 -14.41 -22.87 39.07
C LYS K 82 -14.92 -23.52 37.80
N CYS K 83 -14.04 -23.92 36.88
CA CYS K 83 -14.45 -24.51 35.62
C CYS K 83 -13.28 -25.31 35.06
N ILE K 84 -13.60 -26.44 34.42
CA ILE K 84 -12.57 -27.31 33.85
C ILE K 84 -12.87 -27.47 32.37
N ALA K 85 -11.93 -27.04 31.53
CA ALA K 85 -12.04 -27.21 30.09
C ALA K 85 -11.24 -28.41 29.65
N SER K 86 -11.79 -29.17 28.73
CA SER K 86 -11.11 -30.32 28.16
C SER K 86 -11.15 -30.20 26.64
N GLY K 87 -10.70 -31.27 25.97
CA GLY K 87 -10.73 -31.31 24.52
C GLY K 87 -10.29 -32.66 24.01
N SER K 88 -11.06 -33.23 23.08
CA SER K 88 -10.71 -34.50 22.47
C SER K 88 -11.01 -34.44 20.99
N GLU K 89 -10.84 -35.59 20.34
CA GLU K 89 -10.50 -35.65 18.93
C GLU K 89 -11.68 -35.93 18.03
N ASP K 90 -12.89 -35.83 18.58
CA ASP K 90 -14.14 -35.80 17.83
C ASP K 90 -14.60 -34.38 17.56
N PHE K 91 -13.65 -33.46 17.40
CA PHE K 91 -13.79 -32.01 17.24
C PHE K 91 -14.48 -31.33 18.41
N THR K 92 -14.52 -31.94 19.59
CA THR K 92 -15.13 -31.26 20.72
C THR K 92 -14.18 -30.21 21.26
N VAL K 93 -14.74 -29.06 21.57
CA VAL K 93 -14.03 -28.02 22.31
C VAL K 93 -14.92 -27.71 23.49
N GLU K 94 -14.59 -28.27 24.65
CA GLU K 94 -15.54 -28.42 25.73
C GLU K 94 -15.02 -27.71 26.97
N ILE K 95 -15.89 -26.90 27.57
CA ILE K 95 -15.62 -26.25 28.85
C ILE K 95 -16.75 -26.65 29.80
N THR K 96 -16.39 -27.33 30.88
CA THR K 96 -17.35 -27.86 31.84
C THR K 96 -17.15 -27.18 33.19
N HIS K 97 -18.20 -27.20 33.99
CA HIS K 97 -18.17 -26.59 35.30
C HIS K 97 -17.86 -27.64 36.37
N ILE K 98 -17.49 -27.14 37.55
CA ILE K 98 -17.01 -28.03 38.62
C ILE K 98 -18.18 -28.79 39.24
N ILE K 99 -19.35 -28.17 39.29
CA ILE K 99 -20.56 -28.82 39.75
C ILE K 99 -21.75 -28.55 38.86
N TYR K 100 -21.69 -27.54 37.99
CA TYR K 100 -22.88 -27.07 37.30
C TYR K 100 -23.07 -27.76 35.95
N GLY K 101 -22.07 -28.46 35.45
CA GLY K 101 -22.22 -29.24 34.23
C GLY K 101 -21.47 -28.67 33.05
N ARG K 102 -21.92 -29.06 31.86
CA ARG K 102 -21.36 -28.59 30.60
C ARG K 102 -21.78 -27.14 30.41
N ILE K 103 -20.83 -26.28 30.08
CA ILE K 103 -21.15 -24.87 29.90
C ILE K 103 -21.28 -24.53 28.42
N ARG K 104 -20.19 -24.67 27.67
CA ARG K 104 -20.19 -24.32 26.25
C ARG K 104 -19.48 -25.42 25.47
N ARG K 105 -19.87 -25.58 24.21
CA ARG K 105 -19.26 -26.53 23.30
C ARG K 105 -19.05 -25.81 21.97
N LEU K 106 -17.79 -25.62 21.58
CA LEU K 106 -17.48 -24.69 20.49
C LEU K 106 -17.52 -25.36 19.13
N MET K 107 -17.01 -26.60 19.04
CA MET K 107 -16.92 -27.48 17.86
C MET K 107 -16.42 -26.86 16.53
N GLY K 108 -15.34 -26.08 16.68
CA GLY K 108 -14.88 -25.30 15.55
C GLY K 108 -13.71 -25.68 14.67
N HIS K 109 -12.81 -26.54 15.17
CA HIS K 109 -11.68 -26.95 14.34
C HIS K 109 -12.06 -28.11 13.44
N THR K 110 -11.53 -28.10 12.23
CA THR K 110 -11.69 -29.19 11.29
C THR K 110 -10.63 -30.27 11.47
N ALA K 111 -9.73 -30.11 12.45
CA ALA K 111 -8.79 -31.13 12.85
C ALA K 111 -9.00 -31.40 14.33
N PRO K 112 -8.58 -32.57 14.85
CA PRO K 112 -8.56 -32.80 16.29
C PRO K 112 -7.61 -31.88 17.07
N VAL K 113 -7.73 -31.97 18.39
CA VAL K 113 -7.05 -31.09 19.32
C VAL K 113 -6.14 -31.81 20.31
N ILE K 114 -4.90 -31.49 20.41
CA ILE K 114 -4.04 -32.02 21.47
C ILE K 114 -3.94 -31.44 22.88
N SER K 115 -3.58 -30.18 23.02
CA SER K 115 -3.54 -29.55 24.34
C SER K 115 -3.99 -28.10 24.19
N ILE K 116 -4.28 -27.46 25.31
CA ILE K 116 -4.87 -26.13 25.35
C ILE K 116 -4.31 -25.41 26.58
N CYS K 117 -4.65 -24.13 26.72
CA CYS K 117 -4.37 -23.36 27.92
C CYS K 117 -5.40 -22.25 28.08
N TYR K 118 -5.25 -21.47 29.14
CA TYR K 118 -6.15 -20.36 29.44
C TYR K 118 -5.47 -19.01 29.27
N ASN K 119 -6.28 -18.02 28.94
CA ASN K 119 -5.90 -16.63 29.22
C ASN K 119 -5.80 -16.44 30.73
N ASN K 120 -4.86 -15.62 31.16
CA ASN K 120 -4.66 -15.42 32.59
C ASN K 120 -5.64 -14.44 33.21
N LYS K 121 -6.68 -14.00 32.52
CA LYS K 121 -7.89 -13.53 33.18
C LYS K 121 -8.94 -14.62 33.32
N GLY K 122 -9.00 -15.54 32.35
CA GLY K 122 -9.96 -16.61 32.38
C GLY K 122 -11.03 -16.54 31.32
N ASN K 123 -10.92 -15.60 30.37
CA ASN K 123 -11.95 -15.42 29.35
C ASN K 123 -11.67 -16.18 28.06
N ILE K 124 -10.40 -16.38 27.72
CA ILE K 124 -10.03 -17.02 26.46
C ILE K 124 -9.31 -18.33 26.78
N LEU K 125 -10.01 -19.43 26.58
CA LEU K 125 -9.34 -20.71 26.46
C LEU K 125 -8.74 -20.77 25.05
N CYS K 126 -7.43 -20.99 24.97
CA CYS K 126 -6.83 -21.05 23.65
C CYS K 126 -6.96 -22.46 23.11
N SER K 127 -6.55 -22.67 21.85
CA SER K 127 -6.90 -23.90 21.17
C SER K 127 -5.98 -24.25 20.01
N SER K 128 -5.74 -25.55 19.83
CA SER K 128 -4.81 -26.07 18.83
C SER K 128 -5.56 -26.96 17.84
N SER K 129 -5.31 -26.75 16.55
CA SER K 129 -5.83 -27.62 15.51
C SER K 129 -4.68 -28.16 14.66
N MET K 130 -4.75 -29.44 14.32
CA MET K 130 -3.62 -30.15 13.73
C MET K 130 -3.48 -29.93 12.22
N ASP K 131 -4.37 -29.16 11.60
CA ASP K 131 -4.31 -28.90 10.17
C ASP K 131 -3.62 -27.58 9.87
N GLU K 132 -2.59 -27.25 10.67
CA GLU K 132 -1.72 -26.08 10.52
C GLU K 132 -2.51 -24.78 10.66
N SER K 133 -3.28 -24.70 11.73
CA SER K 133 -4.02 -23.50 12.10
C SER K 133 -4.24 -23.52 13.60
N ILE K 134 -4.22 -22.34 14.21
CA ILE K 134 -4.47 -22.22 15.64
C ILE K 134 -5.52 -21.13 15.83
N LYS K 135 -6.61 -21.46 16.53
CA LYS K 135 -7.74 -20.56 16.60
C LYS K 135 -8.05 -20.22 18.06
N GLU K 136 -8.96 -19.27 18.23
CA GLU K 136 -9.27 -18.69 19.53
C GLU K 136 -10.78 -18.66 19.74
N TRP K 137 -11.20 -18.87 20.98
CA TRP K 137 -12.61 -18.85 21.36
C TRP K 137 -12.80 -17.98 22.59
N HIS K 138 -13.89 -17.22 22.60
CA HIS K 138 -14.37 -16.54 23.79
C HIS K 138 -15.46 -17.39 24.41
N VAL K 139 -15.60 -17.32 25.74
CA VAL K 139 -16.59 -18.16 26.41
C VAL K 139 -18.00 -17.65 26.15
N LEU K 140 -18.24 -16.35 26.37
CA LEU K 140 -19.59 -15.82 26.27
C LEU K 140 -19.98 -15.56 24.83
N SER K 141 -19.02 -15.15 24.00
CA SER K 141 -19.29 -14.93 22.59
C SER K 141 -19.46 -16.24 21.85
N GLY K 142 -18.53 -17.18 22.07
CA GLY K 142 -18.64 -18.50 21.48
C GLY K 142 -18.34 -18.57 20.00
N THR K 143 -17.74 -17.53 19.43
CA THR K 143 -17.50 -17.45 18.00
C THR K 143 -16.02 -17.65 17.69
N ALA K 144 -15.72 -17.70 16.41
CA ALA K 144 -14.35 -17.86 15.93
C ALA K 144 -13.67 -16.51 15.95
N LEU K 145 -12.80 -16.29 16.95
CA LEU K 145 -12.15 -15.00 17.10
C LEU K 145 -11.05 -14.79 16.08
N LYS K 146 -10.01 -15.61 16.12
CA LYS K 146 -8.80 -15.34 15.36
C LYS K 146 -8.31 -16.63 14.73
N THR K 147 -7.45 -16.46 13.73
CA THR K 147 -6.88 -17.60 13.05
C THR K 147 -5.38 -17.43 13.04
N MET K 148 -4.67 -18.46 13.50
CA MET K 148 -3.23 -18.50 13.46
C MET K 148 -2.97 -19.69 12.55
N SER K 149 -2.61 -19.41 11.30
CA SER K 149 -2.38 -20.45 10.30
C SER K 149 -0.92 -20.75 10.03
N ALA K 150 -0.03 -20.18 10.83
CA ALA K 150 1.40 -20.38 10.63
C ALA K 150 2.01 -21.62 11.28
N HIS K 151 1.86 -22.77 10.64
CA HIS K 151 2.47 -24.00 11.15
C HIS K 151 2.66 -24.95 9.97
N SER K 152 3.49 -25.98 10.18
CA SER K 152 3.71 -27.00 9.16
C SER K 152 3.44 -28.41 9.67
N ASP K 153 3.01 -28.56 10.92
CA ASP K 153 2.72 -29.88 11.45
C ASP K 153 1.65 -29.77 12.52
N ALA K 154 1.28 -30.93 13.07
CA ALA K 154 0.33 -30.99 14.17
C ALA K 154 0.95 -30.42 15.43
N VAL K 155 0.15 -29.66 16.18
CA VAL K 155 0.65 -28.79 17.24
C VAL K 155 0.33 -29.43 18.59
N VAL K 156 1.33 -29.56 19.45
CA VAL K 156 1.10 -30.27 20.70
C VAL K 156 0.58 -29.33 21.76
N SER K 157 1.44 -28.40 22.20
CA SER K 157 1.20 -27.62 23.40
C SER K 157 1.31 -26.15 23.08
N ILE K 158 0.38 -25.37 23.61
CA ILE K 158 0.42 -23.92 23.50
C ILE K 158 0.34 -23.35 24.92
N ASP K 159 1.48 -22.94 25.45
CA ASP K 159 1.58 -22.56 26.85
C ASP K 159 1.54 -21.04 26.98
N ILE K 160 0.46 -20.56 27.58
CA ILE K 160 0.36 -19.18 28.06
C ILE K 160 1.22 -19.11 29.30
N PRO K 161 2.04 -18.09 29.49
CA PRO K 161 2.85 -18.00 30.72
C PRO K 161 1.98 -17.67 31.93
N LYS K 162 2.57 -17.87 33.10
CA LYS K 162 1.81 -17.94 34.33
C LYS K 162 1.33 -16.56 34.79
N PHE K 163 2.14 -15.53 34.57
CA PHE K 163 1.89 -14.26 35.23
C PHE K 163 1.02 -13.33 34.38
N ASP K 164 1.43 -13.05 33.15
CA ASP K 164 0.65 -12.19 32.27
C ASP K 164 0.34 -12.93 30.98
N SER K 165 -0.80 -12.59 30.38
CA SER K 165 -1.38 -13.35 29.27
C SER K 165 -1.03 -12.77 27.91
N SER K 166 0.16 -12.20 27.75
CA SER K 166 0.47 -11.45 26.54
C SER K 166 0.76 -12.39 25.36
N ILE K 167 1.76 -13.26 25.51
CA ILE K 167 2.34 -14.00 24.40
C ILE K 167 1.89 -15.45 24.43
N LEU K 168 1.86 -16.08 23.27
CA LEU K 168 1.45 -17.47 23.11
C LEU K 168 2.57 -18.23 22.40
N SER K 169 3.26 -19.10 23.12
CA SER K 169 4.29 -19.93 22.54
C SER K 169 3.68 -21.23 22.02
N SER K 170 4.11 -21.65 20.83
CA SER K 170 3.56 -22.84 20.21
C SER K 170 4.58 -23.97 20.16
N GLY K 171 4.10 -25.19 20.34
CA GLY K 171 4.92 -26.38 20.19
C GLY K 171 4.27 -27.31 19.18
N SER K 172 5.09 -27.95 18.35
CA SER K 172 4.58 -28.69 17.21
C SER K 172 5.52 -29.81 16.84
N TYR K 173 5.01 -30.71 16.00
CA TYR K 173 5.71 -31.94 15.66
C TYR K 173 6.72 -31.79 14.52
N ASP K 174 7.00 -30.58 14.05
CA ASP K 174 8.04 -30.42 13.05
C ASP K 174 9.32 -29.84 13.61
N GLY K 175 9.26 -29.17 14.74
CA GLY K 175 10.43 -28.52 15.30
C GLY K 175 10.31 -27.03 15.47
N LEU K 176 9.10 -26.50 15.65
CA LEU K 176 8.88 -25.06 15.72
C LEU K 176 8.77 -24.64 17.17
N ILE K 177 9.78 -23.91 17.64
CA ILE K 177 9.62 -23.10 18.86
C ILE K 177 9.17 -21.73 18.38
N ARG K 178 7.87 -21.62 18.08
CA ARG K 178 7.32 -20.43 17.44
C ARG K 178 6.42 -19.71 18.42
N ILE K 179 6.59 -18.39 18.52
CA ILE K 179 5.88 -17.57 19.49
C ILE K 179 4.97 -16.59 18.78
N PHE K 180 3.70 -16.60 19.14
CA PHE K 180 2.67 -15.87 18.41
C PHE K 180 2.20 -14.66 19.20
N ASP K 181 1.15 -14.05 18.68
CA ASP K 181 0.43 -12.96 19.33
C ASP K 181 -0.93 -13.46 19.79
N THR K 182 -1.41 -12.89 20.91
CA THR K 182 -2.77 -13.10 21.37
C THR K 182 -3.68 -11.93 21.02
N GLU K 183 -3.12 -10.72 20.93
CA GLU K 183 -3.91 -9.50 20.78
C GLU K 183 -4.45 -9.35 19.35
N SER K 184 -3.66 -9.73 18.35
CA SER K 184 -4.13 -9.80 16.97
C SER K 184 -3.92 -11.15 16.30
N GLY K 185 -2.95 -11.94 16.76
CA GLY K 185 -2.75 -13.27 16.25
C GLY K 185 -1.79 -13.36 15.07
N HIS K 186 -0.59 -12.82 15.25
CA HIS K 186 0.45 -12.89 14.24
C HIS K 186 1.69 -13.56 14.81
N CYS K 187 2.57 -14.02 13.93
CA CYS K 187 3.83 -14.59 14.34
C CYS K 187 4.75 -13.48 14.84
N LEU K 188 5.50 -13.77 15.92
CA LEU K 188 6.37 -12.76 16.51
C LEU K 188 7.77 -13.23 16.83
N LYS K 189 7.99 -14.54 16.96
CA LYS K 189 9.30 -15.10 17.21
C LYS K 189 9.29 -16.56 16.80
N THR K 190 10.40 -17.01 16.22
CA THR K 190 10.64 -18.45 16.08
C THR K 190 12.08 -18.72 16.46
N LEU K 191 12.30 -19.71 17.34
CA LEU K 191 13.61 -19.93 17.92
C LEU K 191 14.41 -21.00 17.21
N THR K 192 13.76 -22.03 16.68
CA THR K 192 14.41 -23.03 15.86
C THR K 192 13.85 -23.01 14.44
N TYR K 193 14.48 -23.78 13.57
CA TYR K 193 14.06 -23.85 12.18
C TYR K 193 12.93 -24.87 12.03
N ASP K 194 12.41 -24.98 10.81
CA ASP K 194 11.40 -25.98 10.48
C ASP K 194 12.09 -27.13 9.74
N LYS K 195 11.30 -28.11 9.30
CA LYS K 195 11.81 -29.28 8.57
C LYS K 195 12.88 -28.97 7.52
N ASP K 196 12.78 -27.82 6.86
CA ASP K 196 13.81 -27.36 5.94
C ASP K 196 14.90 -26.62 6.72
N TRP K 197 15.86 -26.06 5.95
CA TRP K 197 17.10 -25.35 6.33
C TRP K 197 18.24 -26.32 6.66
N ILE K 198 17.98 -27.62 6.77
CA ILE K 198 18.97 -28.64 6.52
C ILE K 198 18.31 -29.69 5.61
N ALA K 199 16.98 -29.81 5.74
CA ALA K 199 16.06 -30.68 4.98
C ALA K 199 16.43 -32.17 4.97
N GLU K 200 17.28 -32.63 5.89
CA GLU K 200 17.80 -34.00 5.89
C GLU K 200 17.70 -34.70 7.24
N ASP K 201 16.72 -34.32 8.03
CA ASP K 201 16.34 -34.93 9.32
C ASP K 201 17.26 -34.36 10.40
N GLY K 202 17.79 -33.15 10.19
CA GLY K 202 18.68 -32.56 11.16
C GLY K 202 17.96 -31.89 12.31
N VAL K 203 16.74 -31.43 12.05
CA VAL K 203 15.92 -30.74 13.05
C VAL K 203 15.02 -31.76 13.71
N VAL K 204 15.22 -31.97 15.00
CA VAL K 204 14.44 -32.93 15.77
C VAL K 204 13.05 -32.34 16.03
N PRO K 205 11.98 -33.13 15.95
CA PRO K 205 10.66 -32.63 16.34
C PRO K 205 10.56 -32.29 17.83
N ILE K 206 9.58 -31.46 18.15
CA ILE K 206 9.42 -30.88 19.48
C ILE K 206 8.18 -31.48 20.14
N SER K 207 8.32 -31.88 21.40
CA SER K 207 7.20 -32.47 22.12
C SER K 207 6.43 -31.50 22.99
N THR K 208 7.09 -30.61 23.73
CA THR K 208 6.40 -29.79 24.72
C THR K 208 7.17 -28.49 24.95
N VAL K 209 6.49 -27.36 24.79
CA VAL K 209 7.06 -26.06 25.17
C VAL K 209 6.32 -25.52 26.38
N LYS K 210 7.08 -24.94 27.32
CA LYS K 210 6.55 -24.49 28.60
C LYS K 210 7.20 -23.17 28.98
N PHE K 211 6.44 -22.30 29.63
CA PHE K 211 7.01 -21.09 30.22
C PHE K 211 7.36 -21.32 31.69
N SER K 212 8.08 -20.36 32.26
CA SER K 212 8.45 -20.40 33.67
C SER K 212 7.40 -19.66 34.49
N ARG K 213 7.74 -19.37 35.76
CA ARG K 213 6.85 -18.60 36.62
C ARG K 213 6.75 -17.15 36.16
N ASN K 214 7.89 -16.53 35.87
CA ASN K 214 7.90 -15.17 35.38
C ASN K 214 7.38 -15.08 33.94
N GLY K 215 7.63 -16.08 33.13
CA GLY K 215 7.37 -16.02 31.71
C GLY K 215 8.51 -15.44 30.90
N LYS K 216 9.64 -15.11 31.54
CA LYS K 216 10.78 -14.61 30.80
C LYS K 216 11.65 -15.73 30.25
N PHE K 217 11.53 -16.95 30.77
CA PHE K 217 12.31 -18.09 30.34
C PHE K 217 11.37 -19.15 29.81
N LEU K 218 11.71 -19.73 28.67
CA LEU K 218 10.89 -20.75 28.02
C LEU K 218 11.61 -22.09 28.07
N LEU K 219 10.84 -23.16 28.30
CA LEU K 219 11.39 -24.49 28.48
C LEU K 219 10.88 -25.42 27.39
N VAL K 220 11.74 -26.35 26.96
CA VAL K 220 11.40 -27.28 25.88
C VAL K 220 11.81 -28.69 26.31
N LYS K 221 11.04 -29.70 25.90
CA LYS K 221 11.50 -31.07 25.83
C LYS K 221 11.24 -31.55 24.40
N SER K 222 12.27 -32.06 23.75
CA SER K 222 12.17 -32.45 22.35
C SER K 222 11.98 -33.95 22.20
N LEU K 223 11.95 -34.41 20.94
CA LEU K 223 11.79 -35.83 20.66
C LEU K 223 13.08 -36.59 20.92
N ASP K 224 14.21 -35.90 20.97
CA ASP K 224 15.48 -36.48 21.36
C ASP K 224 15.65 -36.60 22.87
N ASN K 225 14.63 -36.23 23.65
CA ASN K 225 14.62 -36.20 25.12
C ASN K 225 15.76 -35.33 25.66
N VAL K 226 15.98 -34.20 25.01
CA VAL K 226 16.94 -33.19 25.45
C VAL K 226 16.14 -31.97 25.86
N VAL K 227 16.44 -31.45 27.06
CA VAL K 227 15.71 -30.33 27.63
C VAL K 227 16.59 -29.11 27.60
N LYS K 228 16.05 -28.00 27.09
CA LYS K 228 16.76 -26.74 27.07
C LYS K 228 15.87 -25.66 27.68
N LEU K 229 16.49 -24.63 28.25
CA LEU K 229 15.75 -23.50 28.81
C LEU K 229 16.06 -22.29 27.94
N TRP K 230 15.12 -21.93 27.07
CA TRP K 230 15.31 -20.86 26.11
C TRP K 230 15.09 -19.49 26.75
N GLU K 231 15.96 -18.56 26.38
CA GLU K 231 15.67 -17.13 26.48
C GLU K 231 15.06 -16.76 25.15
N TYR K 232 13.77 -16.43 25.16
CA TYR K 232 13.06 -16.11 23.92
C TYR K 232 13.48 -14.75 23.38
N THR K 233 13.98 -13.87 24.26
CA THR K 233 14.21 -12.48 23.90
C THR K 233 15.42 -12.33 23.00
N ARG K 234 16.55 -12.91 23.39
CA ARG K 234 17.78 -12.71 22.64
C ARG K 234 17.79 -13.54 21.36
N GLY K 235 17.31 -14.79 21.43
CA GLY K 235 17.25 -15.62 20.24
C GLY K 235 18.01 -16.93 20.35
N THR K 236 18.67 -17.16 21.49
CA THR K 236 19.47 -18.37 21.69
C THR K 236 19.12 -18.98 23.04
N VAL K 237 19.88 -19.99 23.44
CA VAL K 237 19.57 -20.76 24.63
C VAL K 237 20.68 -20.54 25.65
N VAL K 238 20.33 -20.67 26.93
CA VAL K 238 21.27 -20.50 28.03
C VAL K 238 21.47 -21.76 28.84
N ARG K 239 20.75 -22.84 28.53
CA ARG K 239 20.81 -24.06 29.32
C ARG K 239 20.61 -25.26 28.43
N THR K 240 21.23 -26.39 28.79
CA THR K 240 20.95 -27.68 28.17
C THR K 240 20.97 -28.79 29.21
N PHE K 241 20.02 -29.72 29.07
CA PHE K 241 19.76 -30.75 30.07
C PHE K 241 19.56 -32.08 29.36
N LEU K 242 20.60 -32.91 29.39
CA LEU K 242 20.66 -34.16 28.65
C LEU K 242 20.14 -35.28 29.56
N TRP K 243 20.09 -36.50 29.02
CA TRP K 243 19.70 -37.67 29.79
C TRP K 243 20.87 -38.64 29.92
N PRO K 244 21.76 -38.46 30.89
CA PRO K 244 22.91 -39.37 31.00
C PRO K 244 22.67 -40.59 31.89
N LYS K 251 16.53 -40.73 22.36
CA LYS K 251 15.38 -41.06 21.52
C LYS K 251 14.14 -41.35 22.38
N LEU K 252 13.03 -40.73 22.00
CA LEU K 252 11.76 -40.92 22.67
C LEU K 252 10.71 -41.18 21.60
N LYS K 253 9.63 -41.89 21.98
CA LYS K 253 8.51 -42.16 21.10
C LYS K 253 7.22 -41.70 21.81
N TYR K 254 7.34 -40.66 22.63
CA TYR K 254 6.23 -40.26 23.50
C TYR K 254 6.03 -38.75 23.48
N ASN K 255 4.86 -38.34 23.96
CA ASN K 255 4.49 -36.94 24.08
C ASN K 255 4.71 -36.36 25.46
N CYS K 256 5.65 -36.91 26.23
CA CYS K 256 5.75 -36.62 27.65
C CYS K 256 5.84 -35.15 28.06
N GLY K 257 5.52 -34.89 29.33
CA GLY K 257 5.39 -33.53 29.80
C GLY K 257 6.61 -33.03 30.54
N LEU K 258 6.62 -31.72 30.77
CA LEU K 258 7.69 -31.05 31.47
C LEU K 258 7.10 -30.23 32.60
N GLU K 259 7.90 -30.01 33.64
CA GLU K 259 7.47 -29.20 34.77
C GLU K 259 8.70 -28.59 35.42
N LEU K 260 8.50 -27.44 36.07
CA LEU K 260 9.50 -26.76 36.89
C LEU K 260 8.98 -26.67 38.32
N ILE K 261 9.39 -27.60 39.18
CA ILE K 261 8.92 -27.56 40.57
C ILE K 261 9.67 -26.48 41.34
N TYR K 262 8.94 -25.77 42.21
CA TYR K 262 9.44 -24.61 42.95
C TYR K 262 9.57 -24.91 44.43
N PRO K 263 10.78 -25.15 44.93
CA PRO K 263 11.02 -25.08 46.38
C PRO K 263 11.22 -23.66 46.85
N GLN K 264 11.17 -23.50 48.18
CA GLN K 264 11.33 -22.19 48.80
C GLN K 264 12.79 -21.75 48.83
N GLY K 265 13.72 -22.65 48.57
CA GLY K 265 15.13 -22.33 48.62
C GLY K 265 15.61 -21.65 47.34
N LYS K 266 16.88 -21.92 47.01
CA LYS K 266 17.51 -21.22 45.92
C LYS K 266 17.10 -21.76 44.55
N ASP K 267 17.15 -23.08 44.35
CA ASP K 267 17.15 -23.62 42.99
C ASP K 267 15.88 -24.40 42.69
N PRO K 268 15.03 -23.93 41.77
CA PRO K 268 13.90 -24.76 41.32
C PRO K 268 14.30 -25.78 40.27
N LEU K 269 14.09 -27.06 40.55
CA LEU K 269 14.52 -28.10 39.61
C LEU K 269 13.51 -28.28 38.49
N VAL K 270 14.01 -28.56 37.30
CA VAL K 270 13.13 -28.98 36.21
C VAL K 270 12.91 -30.49 36.30
N ILE K 271 11.81 -30.95 35.72
CA ILE K 271 11.48 -32.38 35.69
C ILE K 271 10.77 -32.68 34.39
N SER K 272 11.18 -33.75 33.74
CA SER K 272 10.44 -34.36 32.65
C SER K 272 10.52 -35.87 32.82
N GLY K 273 9.75 -36.58 32.02
CA GLY K 273 9.73 -38.03 32.11
C GLY K 273 10.35 -38.71 30.92
N ASN K 274 10.96 -39.87 31.16
CA ASN K 274 11.66 -40.64 30.15
C ASN K 274 10.69 -41.61 29.46
N ASP K 275 11.16 -42.36 28.52
CA ASP K 275 10.42 -43.52 28.01
C ASP K 275 9.83 -44.41 29.09
N SER K 276 10.54 -44.55 30.21
CA SER K 276 10.12 -45.30 31.37
C SER K 276 10.31 -44.45 32.63
N GLY K 277 10.10 -45.09 33.79
CA GLY K 277 10.09 -44.40 35.07
C GLY K 277 11.36 -43.81 35.65
N SER K 278 12.41 -43.68 34.85
CA SER K 278 13.57 -42.90 35.25
C SER K 278 13.23 -41.42 35.12
N MET K 279 13.35 -40.68 36.23
CA MET K 279 13.04 -39.25 36.27
C MET K 279 14.13 -38.53 37.05
N CYS K 280 15.17 -38.08 36.36
CA CYS K 280 16.14 -37.19 36.97
C CYS K 280 15.52 -35.80 37.11
N VAL K 281 16.07 -35.01 38.03
CA VAL K 281 15.76 -33.59 38.08
C VAL K 281 17.07 -32.82 37.96
N TRP K 282 17.07 -31.79 37.13
CA TRP K 282 18.26 -30.99 36.89
C TRP K 282 18.23 -29.74 37.76
N ASN K 283 19.36 -29.45 38.39
CA ASN K 283 19.64 -28.09 38.82
C ASN K 283 19.67 -27.20 37.58
N VAL K 284 19.14 -25.98 37.72
CA VAL K 284 19.01 -25.11 36.57
C VAL K 284 19.92 -23.90 36.76
N TYR K 285 20.36 -23.65 38.00
CA TYR K 285 21.21 -22.49 38.25
C TYR K 285 22.64 -22.79 37.83
N SER K 286 23.24 -23.82 38.44
CA SER K 286 24.30 -24.57 37.79
C SER K 286 23.64 -25.75 37.05
N LYS K 287 24.43 -26.64 36.46
CA LYS K 287 23.86 -27.65 35.57
C LYS K 287 23.95 -29.07 36.11
N ASN K 288 24.17 -29.27 37.40
CA ASN K 288 24.42 -30.62 37.87
C ASN K 288 23.11 -31.37 38.16
N LEU K 289 23.26 -32.63 38.53
CA LEU K 289 22.15 -33.54 38.73
C LEU K 289 22.21 -34.12 40.13
N VAL K 290 21.47 -33.52 41.05
CA VAL K 290 21.50 -33.94 42.44
C VAL K 290 20.51 -35.07 42.73
N GLN K 291 19.23 -34.89 42.43
CA GLN K 291 18.21 -35.85 42.80
C GLN K 291 17.65 -36.52 41.55
N LYS K 292 16.94 -37.63 41.78
CA LYS K 292 16.25 -38.40 40.76
C LYS K 292 15.26 -39.30 41.47
N ILE K 293 14.02 -39.30 41.01
CA ILE K 293 12.98 -40.16 41.58
C ILE K 293 12.79 -41.32 40.60
N ASP K 294 13.46 -42.43 40.87
CA ASP K 294 13.38 -43.65 40.09
C ASP K 294 12.72 -44.79 40.85
N GLU K 295 12.25 -44.54 42.07
CA GLU K 295 11.66 -45.60 42.88
C GLU K 295 10.28 -46.01 42.38
N LYS K 296 9.58 -45.11 41.68
CA LYS K 296 8.26 -45.40 41.17
C LYS K 296 8.28 -45.54 39.66
N HIS K 297 7.10 -45.87 39.11
CA HIS K 297 6.78 -45.84 37.67
C HIS K 297 7.62 -46.80 36.84
N ARG K 298 8.14 -47.87 37.46
CA ARG K 298 9.21 -48.67 36.87
C ARG K 298 8.77 -49.50 35.68
N ASN K 299 7.47 -49.74 35.54
CA ASN K 299 6.89 -50.35 34.36
C ASN K 299 6.19 -49.35 33.45
N SER K 300 5.95 -48.15 33.96
CA SER K 300 4.89 -47.31 33.44
C SER K 300 5.45 -46.14 32.65
N PRO K 301 5.07 -45.97 31.38
CA PRO K 301 5.67 -44.92 30.53
C PRO K 301 4.96 -43.59 30.69
N LEU K 302 5.71 -42.55 31.07
CA LEU K 302 5.13 -41.29 31.54
C LEU K 302 4.69 -40.06 30.76
N ILE K 303 3.53 -39.86 30.43
CA ILE K 303 3.05 -38.64 29.76
C ILE K 303 3.05 -37.28 30.48
N SER K 304 2.47 -37.15 31.66
CA SER K 304 2.14 -35.81 32.16
C SER K 304 2.60 -35.63 33.59
N ILE K 305 3.00 -34.39 33.89
CA ILE K 305 3.38 -33.93 35.22
C ILE K 305 2.96 -32.47 35.36
N SER K 306 2.52 -32.11 36.56
CA SER K 306 2.17 -30.75 36.91
C SER K 306 2.31 -30.61 38.42
N ALA K 307 2.26 -29.37 38.92
CA ALA K 307 2.58 -29.17 40.33
C ALA K 307 1.55 -28.31 41.03
N SER K 308 1.90 -27.97 42.27
CA SER K 308 1.24 -27.01 43.11
C SER K 308 2.34 -26.13 43.68
N TYR K 309 2.00 -25.18 44.48
CA TYR K 309 2.99 -24.50 45.31
C TYR K 309 4.07 -25.46 45.82
N ASP K 310 3.67 -26.57 46.45
CA ASP K 310 4.62 -27.56 46.94
C ASP K 310 4.24 -29.01 46.69
N LYS K 311 3.14 -29.28 46.00
CA LYS K 311 2.62 -30.64 45.83
C LYS K 311 2.76 -30.82 44.32
N VAL K 312 3.59 -31.74 43.88
CA VAL K 312 3.76 -32.05 42.47
C VAL K 312 3.25 -33.46 42.27
N ALA K 313 2.38 -33.64 41.27
CA ALA K 313 1.87 -34.93 40.87
C ALA K 313 2.63 -35.48 39.67
N THR K 314 2.26 -36.69 39.27
CA THR K 314 2.80 -37.34 38.08
C THR K 314 1.72 -38.24 37.51
N LEU K 315 1.94 -38.71 36.29
CA LEU K 315 1.06 -39.65 35.62
C LEU K 315 1.82 -40.34 34.49
N SER K 316 1.27 -41.47 34.05
CA SER K 316 1.81 -42.25 32.97
C SER K 316 0.64 -42.94 32.27
N LEU K 317 0.89 -43.75 31.31
CA LEU K 317 -0.10 -44.67 30.76
C LEU K 317 -0.85 -45.44 31.85
N ASN K 318 -0.13 -45.83 32.90
CA ASN K 318 -0.70 -46.36 34.12
C ASN K 318 -0.83 -45.24 35.15
N GLY K 319 -2.02 -45.08 35.71
CA GLY K 319 -2.29 -43.88 36.49
C GLY K 319 -1.73 -43.83 37.90
N GLU K 320 -0.43 -43.60 38.03
CA GLU K 320 0.23 -43.45 39.34
C GLU K 320 0.39 -41.96 39.61
N CYS K 321 -0.28 -41.47 40.65
CA CYS K 321 -0.17 -40.07 41.08
C CYS K 321 0.65 -40.03 42.37
N ASN K 322 1.94 -39.76 42.24
CA ASN K 322 2.83 -39.64 43.38
C ASN K 322 2.94 -38.17 43.77
N LEU K 323 2.66 -37.87 45.04
CA LEU K 323 2.83 -36.52 45.55
C LEU K 323 4.18 -36.40 46.26
N PHE K 324 4.70 -35.18 46.27
CA PHE K 324 6.04 -34.94 46.79
C PHE K 324 6.01 -33.66 47.62
N ARG K 325 7.14 -33.34 48.24
CA ARG K 325 7.27 -32.17 49.09
C ARG K 325 8.74 -31.81 49.21
N VAL K 326 9.01 -30.51 49.41
CA VAL K 326 10.34 -29.97 49.62
C VAL K 326 10.96 -30.48 50.93
N TYR L 1 -25.41 -52.08 40.37
CA TYR L 1 -25.42 -51.76 38.94
C TYR L 1 -26.44 -50.65 38.67
N GLN L 2 -27.39 -50.52 39.59
CA GLN L 2 -28.58 -49.67 39.48
C GLN L 2 -28.29 -48.18 39.29
N GLN L 3 -27.12 -47.73 39.77
CA GLN L 3 -26.67 -46.37 39.50
C GLN L 3 -26.35 -46.20 38.01
N ILE L 4 -25.47 -47.05 37.48
CA ILE L 4 -24.86 -46.84 36.17
C ILE L 4 -25.86 -47.10 35.03
N GLU L 5 -26.87 -47.94 35.26
CA GLU L 5 -27.91 -48.15 34.25
C GLU L 5 -28.81 -46.93 34.12
N GLN L 6 -29.15 -46.30 35.25
CA GLN L 6 -29.92 -45.05 35.20
C GLN L 6 -29.05 -43.90 34.72
N ASN L 7 -27.73 -44.01 34.88
CA ASN L 7 -26.82 -43.11 34.20
C ASN L 7 -26.48 -43.60 32.79
N GLY L 8 -26.99 -44.78 32.40
CA GLY L 8 -26.79 -45.25 31.05
C GLY L 8 -27.55 -44.44 30.03
N ILE L 9 -28.84 -44.18 30.28
CA ILE L 9 -29.68 -43.35 29.41
C ILE L 9 -29.22 -41.88 29.40
N ILE L 10 -28.46 -41.46 30.40
CA ILE L 10 -27.74 -40.19 30.33
C ILE L 10 -26.61 -40.22 29.29
N ARG L 11 -26.10 -41.40 28.90
CA ARG L 11 -25.04 -41.47 27.90
C ARG L 11 -25.25 -42.51 26.79
N ASP L 12 -26.34 -43.19 26.69
CA ASP L 12 -26.71 -43.97 25.51
C ASP L 12 -27.50 -43.35 24.36
N ASN L 13 -28.67 -42.80 24.64
CA ASN L 13 -29.36 -42.01 23.63
C ASN L 13 -29.09 -40.52 23.76
N GLN L 14 -28.70 -40.07 24.96
CA GLN L 14 -28.26 -38.69 25.12
C GLN L 14 -26.81 -38.50 24.72
N ILE L 15 -26.10 -39.57 24.35
CA ILE L 15 -24.84 -39.42 23.65
C ILE L 15 -25.08 -39.44 22.14
N ALA L 16 -26.29 -39.85 21.73
CA ALA L 16 -26.65 -39.78 20.32
C ALA L 16 -27.19 -38.41 19.95
N LEU L 17 -27.68 -37.64 20.93
CA LEU L 17 -28.11 -36.28 20.66
C LEU L 17 -26.92 -35.33 20.61
N ASN L 18 -25.98 -35.48 21.55
CA ASN L 18 -24.91 -34.50 21.72
C ASN L 18 -23.80 -34.72 20.71
N GLU L 19 -23.42 -35.97 20.46
CA GLU L 19 -22.34 -36.26 19.52
C GLU L 19 -22.87 -36.13 18.09
N LYS L 20 -23.03 -34.88 17.64
CA LYS L 20 -23.37 -34.57 16.26
C LYS L 20 -22.23 -33.80 15.59
N GLU L 21 -21.00 -33.97 16.08
CA GLU L 21 -19.89 -33.09 15.72
C GLU L 21 -19.16 -33.51 14.45
N PHE L 22 -19.77 -34.33 13.60
CA PHE L 22 -19.16 -34.66 12.32
C PHE L 22 -19.25 -33.45 11.39
N ASP L 23 -18.10 -32.93 10.98
CA ASP L 23 -18.07 -31.86 9.99
C ASP L 23 -16.99 -32.02 8.94
N SER L 24 -16.09 -32.99 9.08
CA SER L 24 -15.02 -33.22 8.12
C SER L 24 -15.45 -34.33 7.16
N THR L 25 -14.49 -34.83 6.38
CA THR L 25 -14.69 -35.96 5.47
C THR L 25 -14.53 -37.32 6.16
N LEU L 26 -14.47 -37.33 7.51
CA LEU L 26 -14.36 -38.50 8.36
C LEU L 26 -13.12 -39.33 8.04
N ALA L 27 -11.96 -38.73 8.32
CA ALA L 27 -10.65 -39.34 8.08
C ALA L 27 -10.37 -40.51 9.00
N SER L 28 -9.30 -41.25 8.71
CA SER L 28 -8.96 -42.44 9.49
C SER L 28 -8.39 -42.08 10.85
N THR L 29 -9.26 -41.81 11.83
CA THR L 29 -8.85 -41.39 13.16
C THR L 29 -9.27 -42.39 14.25
N THR L 30 -9.55 -43.57 13.94
CA THR L 30 -9.71 -44.65 14.91
C THR L 30 -8.50 -45.18 15.67
N GLY L 31 -7.29 -44.79 15.29
CA GLY L 31 -6.10 -45.12 16.04
C GLY L 31 -6.06 -44.30 17.32
N SER L 32 -5.75 -44.97 18.42
CA SER L 32 -5.82 -44.36 19.74
C SER L 32 -4.68 -43.36 19.95
N PHE L 33 -4.95 -42.36 20.79
CA PHE L 33 -3.96 -41.32 21.04
C PHE L 33 -3.07 -41.65 22.22
N ILE L 34 -3.25 -42.83 22.83
CA ILE L 34 -2.27 -43.34 23.78
C ILE L 34 -1.23 -44.17 23.04
N ALA L 35 -1.48 -44.45 21.76
CA ALA L 35 -0.45 -45.10 20.95
C ALA L 35 0.62 -44.11 20.54
N GLU L 36 0.22 -42.84 20.31
CA GLU L 36 1.03 -41.79 19.69
C GLU L 36 1.73 -42.24 18.41
N GLY L 37 0.94 -42.71 17.44
CA GLY L 37 1.45 -43.00 16.12
C GLY L 37 1.95 -41.74 15.44
N PHE L 38 3.04 -41.84 14.68
CA PHE L 38 3.72 -40.63 14.21
C PHE L 38 2.99 -40.02 13.04
N LYS L 39 2.68 -40.84 12.03
CA LYS L 39 1.98 -40.45 10.78
C LYS L 39 2.67 -39.30 10.05
N LYS L 40 3.99 -39.39 9.90
CA LYS L 40 4.75 -38.37 9.21
C LYS L 40 4.49 -38.41 7.70
N ILE L 41 3.36 -37.84 7.31
CA ILE L 41 2.77 -38.02 5.98
C ILE L 41 2.45 -36.62 5.47
N PRO L 42 2.62 -36.32 4.15
CA PRO L 42 2.36 -34.96 3.64
C PRO L 42 0.89 -34.62 3.40
N ASP L 43 -0.03 -35.32 4.06
CA ASP L 43 -1.47 -35.12 3.92
C ASP L 43 -1.90 -33.70 4.24
N LYS L 44 -2.69 -33.12 3.35
CA LYS L 44 -3.26 -31.80 3.49
C LYS L 44 -4.78 -31.91 3.43
N LEU L 45 -5.43 -31.70 4.56
CA LEU L 45 -6.89 -31.74 4.60
C LEU L 45 -7.53 -30.35 4.57
N LYS L 46 -6.76 -29.29 4.81
CA LYS L 46 -7.31 -27.96 4.78
C LYS L 46 -7.54 -27.52 3.32
N SER L 47 -8.38 -26.51 3.16
CA SER L 47 -8.63 -25.93 1.85
C SER L 47 -7.41 -25.14 1.39
N SER L 48 -6.69 -25.68 0.41
CA SER L 48 -5.52 -25.02 -0.15
C SER L 48 -5.74 -24.70 -1.62
N ASN L 126 13.05 2.79 -0.32
CA ASN L 126 12.44 3.78 0.56
C ASN L 126 11.76 4.85 -0.28
N GLN L 127 12.26 5.02 -1.51
CA GLN L 127 11.65 5.96 -2.44
C GLN L 127 10.30 5.46 -2.93
N LEU L 128 10.19 4.15 -3.18
CA LEU L 128 9.01 3.53 -3.76
C LEU L 128 8.18 2.80 -2.72
N THR L 129 8.32 3.17 -1.45
CA THR L 129 7.54 2.60 -0.35
C THR L 129 6.13 3.14 -0.30
N LYS L 130 5.96 4.45 -0.55
CA LYS L 130 4.66 5.13 -0.57
C LYS L 130 3.70 4.60 -1.62
N ARG L 131 4.27 3.98 -2.65
CA ARG L 131 3.48 3.36 -3.68
C ARG L 131 3.62 1.85 -3.60
N LYS L 132 2.70 1.22 -2.88
CA LYS L 132 2.61 -0.23 -2.75
C LYS L 132 1.20 -0.60 -2.31
N LYS L 133 0.96 -1.88 -2.16
CA LYS L 133 -0.38 -2.37 -1.92
C LYS L 133 -0.44 -3.17 -0.62
N PRO L 134 -1.63 -3.30 0.04
CA PRO L 134 -1.66 -3.87 1.39
C PRO L 134 -1.64 -5.39 1.48
N VAL L 135 -1.12 -6.05 0.43
CA VAL L 135 -1.01 -7.50 0.34
C VAL L 135 -0.24 -8.13 1.50
N THR L 136 -0.83 -9.15 2.11
CA THR L 136 -0.21 -9.92 3.19
C THR L 136 0.27 -11.26 2.67
N PHE L 137 1.18 -11.86 3.43
CA PHE L 137 1.58 -13.25 3.22
C PHE L 137 0.80 -14.15 4.16
N ALA L 138 0.38 -15.30 3.64
CA ALA L 138 -0.24 -16.34 4.48
C ALA L 138 0.16 -17.69 3.89
N ARG L 139 -0.39 -18.75 4.46
CA ARG L 139 -0.14 -20.10 3.96
C ARG L 139 -0.77 -20.26 2.59
N SER L 140 0.04 -20.71 1.64
CA SER L 140 -0.31 -20.57 0.24
C SER L 140 -1.26 -21.65 -0.24
N ALA L 141 -2.01 -21.32 -1.29
CA ALA L 141 -2.82 -22.31 -1.99
C ALA L 141 -2.01 -23.03 -3.07
N ILE L 142 -0.75 -22.64 -3.22
CA ILE L 142 0.12 -23.26 -4.21
C ILE L 142 1.29 -24.01 -3.61
N HIS L 143 1.79 -23.56 -2.48
CA HIS L 143 3.10 -23.95 -1.97
C HIS L 143 3.17 -23.43 -0.54
N ASN L 144 4.26 -23.71 0.15
CA ASN L 144 4.49 -23.25 1.51
C ASN L 144 4.08 -21.85 1.94
N TRP L 145 4.35 -20.84 1.16
CA TRP L 145 4.09 -19.48 1.59
C TRP L 145 3.83 -18.68 0.33
N GLY L 146 2.83 -17.81 0.41
CA GLY L 146 2.42 -17.02 -0.74
C GLY L 146 1.73 -15.77 -0.27
N LEU L 147 1.59 -14.84 -1.20
CA LEU L 147 1.06 -13.51 -0.92
C LEU L 147 -0.42 -13.44 -1.26
N TYR L 148 -1.15 -12.66 -0.47
CA TYR L 148 -2.60 -12.59 -0.55
C TYR L 148 -3.00 -11.13 -0.65
N ALA L 149 -3.48 -10.71 -1.82
CA ALA L 149 -3.76 -9.30 -2.10
C ALA L 149 -5.00 -8.85 -1.35
N LEU L 150 -4.82 -7.91 -0.42
CA LEU L 150 -5.87 -7.56 0.55
C LEU L 150 -6.83 -6.50 0.04
N GLU L 151 -6.85 -6.22 -1.25
CA GLU L 151 -7.77 -5.25 -1.83
C GLU L 151 -7.96 -5.59 -3.30
N PRO L 152 -9.06 -5.16 -3.92
CA PRO L 152 -9.20 -5.39 -5.38
C PRO L 152 -8.31 -4.50 -6.23
N ILE L 153 -7.09 -4.99 -6.48
CA ILE L 153 -6.12 -4.29 -7.33
C ILE L 153 -6.66 -4.19 -8.75
N ALA L 154 -6.43 -3.04 -9.38
CA ALA L 154 -6.80 -2.80 -10.76
C ALA L 154 -5.66 -3.21 -11.69
N ALA L 155 -5.90 -3.02 -13.01
CA ALA L 155 -5.03 -3.57 -14.06
C ALA L 155 -3.53 -3.36 -13.94
N LYS L 156 -3.07 -2.12 -13.99
CA LYS L 156 -1.63 -1.84 -13.99
C LYS L 156 -1.32 -0.90 -12.83
N GLU L 157 -1.15 -1.49 -11.65
CA GLU L 157 -0.66 -0.83 -10.46
C GLU L 157 0.47 -1.67 -9.88
N MET L 158 1.43 -1.03 -9.24
CA MET L 158 2.53 -1.75 -8.60
C MET L 158 2.02 -2.45 -7.36
N ILE L 159 2.24 -3.76 -7.27
CA ILE L 159 2.03 -4.42 -5.99
C ILE L 159 3.18 -4.11 -5.04
N ILE L 160 4.39 -4.62 -5.30
CA ILE L 160 5.51 -4.45 -4.38
C ILE L 160 6.79 -4.28 -5.19
N GLU L 161 7.60 -3.29 -4.85
CA GLU L 161 9.00 -3.23 -5.27
C GLU L 161 9.77 -4.42 -4.73
N TYR L 162 10.55 -5.08 -5.60
CA TYR L 162 11.44 -6.13 -5.13
C TYR L 162 12.64 -5.52 -4.42
N VAL L 163 12.86 -5.99 -3.19
CA VAL L 163 13.91 -5.49 -2.32
C VAL L 163 14.80 -6.67 -1.96
N GLY L 164 16.10 -6.39 -1.72
CA GLY L 164 16.99 -7.42 -1.20
C GLY L 164 18.45 -7.04 -1.10
N GLU L 165 19.32 -7.94 -1.55
CA GLU L 165 20.75 -7.67 -1.68
C GLU L 165 21.06 -7.17 -3.08
N SER L 166 22.34 -6.94 -3.33
CA SER L 166 22.83 -6.70 -4.68
C SER L 166 24.19 -7.39 -4.57
N ILE L 167 24.40 -8.41 -5.36
CA ILE L 167 25.65 -9.17 -5.36
C ILE L 167 25.76 -9.66 -6.80
N ARG L 168 26.99 -9.73 -7.31
CA ARG L 168 27.17 -9.98 -8.72
C ARG L 168 27.16 -11.48 -9.02
N GLN L 169 27.47 -11.82 -10.27
CA GLN L 169 27.34 -13.20 -10.75
C GLN L 169 28.32 -14.21 -10.13
N PRO L 170 29.68 -13.92 -9.97
CA PRO L 170 30.53 -14.96 -9.32
C PRO L 170 30.25 -15.23 -7.85
N VAL L 171 29.91 -14.21 -7.08
CA VAL L 171 29.60 -14.42 -5.67
C VAL L 171 28.24 -15.08 -5.50
N ALA L 172 27.29 -14.78 -6.41
CA ALA L 172 26.03 -15.51 -6.39
C ALA L 172 26.13 -16.88 -7.03
N GLU L 173 27.23 -17.19 -7.70
CA GLU L 173 27.43 -18.53 -8.20
C GLU L 173 27.75 -19.50 -7.05
N MET L 174 28.48 -19.01 -6.04
CA MET L 174 28.78 -19.84 -4.88
C MET L 174 27.53 -20.04 -4.03
N ARG L 175 26.75 -18.96 -3.83
CA ARG L 175 25.56 -19.01 -3.00
C ARG L 175 24.44 -19.81 -3.64
N GLU L 176 24.49 -19.97 -4.96
CA GLU L 176 23.49 -20.77 -5.67
C GLU L 176 23.61 -22.25 -5.32
N LYS L 177 24.81 -22.68 -4.94
CA LYS L 177 25.02 -24.05 -4.52
C LYS L 177 25.22 -24.20 -3.01
N ARG L 178 25.70 -23.16 -2.33
CA ARG L 178 26.03 -23.25 -0.91
C ARG L 178 24.79 -23.45 -0.05
N TYR L 179 23.70 -22.79 -0.41
CA TYR L 179 22.44 -22.99 0.28
C TYR L 179 21.85 -24.36 -0.04
N ILE L 180 22.10 -24.86 -1.25
CA ILE L 180 21.57 -26.17 -1.60
C ILE L 180 22.59 -27.27 -1.30
N LYS L 181 23.84 -26.90 -0.96
CA LYS L 181 24.73 -27.85 -0.31
C LYS L 181 24.19 -28.25 1.05
N SER L 182 23.78 -27.27 1.84
CA SER L 182 23.01 -27.55 3.04
C SER L 182 21.58 -27.95 2.71
N GLY L 183 21.05 -27.51 1.58
CA GLY L 183 19.73 -27.93 1.16
C GLY L 183 18.56 -27.10 1.65
N ILE L 184 18.54 -25.80 1.34
CA ILE L 184 17.34 -25.00 1.61
C ILE L 184 16.30 -25.35 0.56
N GLY L 185 16.62 -25.09 -0.71
CA GLY L 185 15.78 -25.54 -1.81
C GLY L 185 14.84 -24.49 -2.36
N SER L 186 15.32 -23.26 -2.52
CA SER L 186 14.51 -22.21 -3.13
C SER L 186 15.40 -21.19 -3.84
N SER L 187 14.99 -20.76 -5.02
CA SER L 187 15.81 -19.89 -5.86
C SER L 187 15.49 -18.43 -5.54
N TYR L 188 16.05 -17.96 -4.43
CA TYR L 188 15.76 -16.63 -3.92
C TYR L 188 16.64 -15.54 -4.50
N LEU L 189 17.16 -15.73 -5.70
CA LEU L 189 17.91 -14.68 -6.37
C LEU L 189 16.95 -13.95 -7.32
N PHE L 190 17.48 -13.02 -8.11
CA PHE L 190 16.72 -12.39 -9.19
C PHE L 190 17.75 -11.87 -10.19
N ARG L 191 17.37 -11.30 -11.28
CA ARG L 191 18.26 -10.57 -12.15
C ARG L 191 17.83 -9.16 -12.55
N ILE L 192 18.72 -8.19 -12.40
CA ILE L 192 18.42 -6.84 -12.85
C ILE L 192 18.99 -6.66 -14.25
N ASP L 193 20.32 -6.67 -14.33
CA ASP L 193 21.06 -6.86 -15.55
C ASP L 193 21.81 -8.17 -15.37
N GLU L 194 22.50 -8.63 -16.41
CA GLU L 194 23.06 -9.98 -16.37
C GLU L 194 24.27 -10.12 -15.45
N ASN L 195 24.84 -9.01 -14.98
CA ASN L 195 25.98 -9.10 -14.08
C ASN L 195 25.57 -9.35 -12.65
N THR L 196 24.49 -8.72 -12.17
CA THR L 196 24.19 -8.73 -10.74
C THR L 196 22.78 -9.26 -10.48
N VAL L 197 22.61 -9.83 -9.28
CA VAL L 197 21.33 -10.40 -8.86
C VAL L 197 20.79 -9.60 -7.67
N ILE L 198 19.56 -9.92 -7.27
CA ILE L 198 19.01 -9.46 -6.01
C ILE L 198 18.76 -10.70 -5.17
N ASP L 199 19.58 -10.91 -4.14
CA ASP L 199 19.39 -12.06 -3.27
C ASP L 199 18.23 -11.79 -2.33
N ALA L 200 17.53 -12.86 -1.93
CA ALA L 200 16.46 -12.75 -0.96
C ALA L 200 16.38 -13.94 -0.01
N THR L 201 17.49 -14.62 0.25
CA THR L 201 17.45 -15.68 1.26
C THR L 201 17.37 -15.09 2.66
N LYS L 202 18.42 -14.39 3.08
CA LYS L 202 18.46 -13.84 4.44
C LYS L 202 17.79 -12.47 4.50
N ARG L 203 18.19 -11.57 3.63
CA ARG L 203 17.56 -10.26 3.58
C ARG L 203 16.41 -10.30 2.58
N GLY L 204 15.80 -9.16 2.30
CA GLY L 204 14.82 -9.08 1.24
C GLY L 204 13.58 -8.30 1.65
N GLY L 205 12.64 -8.27 0.72
CA GLY L 205 11.35 -7.68 0.98
C GLY L 205 10.30 -8.75 1.15
N ILE L 206 9.04 -8.39 1.03
CA ILE L 206 7.95 -9.36 1.15
C ILE L 206 7.62 -9.79 -0.29
N ALA L 207 8.23 -9.09 -1.26
CA ALA L 207 8.03 -9.33 -2.69
C ALA L 207 8.53 -10.68 -3.16
N ARG L 208 9.42 -11.31 -2.38
CA ARG L 208 9.99 -12.60 -2.75
C ARG L 208 8.97 -13.74 -2.63
N PHE L 209 7.96 -13.55 -1.78
CA PHE L 209 7.16 -14.67 -1.30
C PHE L 209 6.22 -15.23 -2.34
N ILE L 210 5.96 -14.50 -3.41
CA ILE L 210 5.01 -14.99 -4.40
C ILE L 210 5.70 -16.00 -5.30
N ASN L 211 4.97 -17.05 -5.65
CA ASN L 211 5.56 -18.24 -6.23
C ASN L 211 5.33 -18.27 -7.74
N HIS L 212 5.71 -19.38 -8.34
CA HIS L 212 5.55 -19.53 -9.78
C HIS L 212 4.18 -20.11 -10.11
N CYS L 213 3.60 -19.55 -11.16
CA CYS L 213 2.56 -20.19 -11.93
C CYS L 213 2.82 -19.79 -13.37
N CYS L 214 2.62 -20.74 -14.30
CA CYS L 214 2.90 -20.46 -15.70
C CYS L 214 1.89 -19.50 -16.32
N GLU L 215 0.65 -19.52 -15.87
CA GLU L 215 -0.30 -18.46 -16.20
C GLU L 215 0.06 -17.22 -15.40
N PRO L 216 0.34 -16.08 -16.03
CA PRO L 216 0.76 -14.90 -15.27
C PRO L 216 -0.41 -14.09 -14.71
N SER L 217 -0.13 -13.47 -13.56
CA SER L 217 -0.94 -12.37 -13.05
C SER L 217 -0.08 -11.21 -12.61
N CYS L 218 1.24 -11.38 -12.60
CA CYS L 218 2.18 -10.29 -12.34
C CYS L 218 3.37 -10.45 -13.26
N THR L 219 3.94 -9.31 -13.65
CA THR L 219 5.25 -9.26 -14.27
C THR L 219 6.09 -8.29 -13.47
N ALA L 220 7.38 -8.23 -13.79
CA ALA L 220 8.28 -7.29 -13.14
C ALA L 220 9.14 -6.60 -14.18
N LYS L 221 8.72 -5.40 -14.58
CA LYS L 221 9.54 -4.55 -15.43
C LYS L 221 10.63 -3.97 -14.55
N ILE L 222 11.81 -3.76 -15.12
CA ILE L 222 12.90 -3.10 -14.42
C ILE L 222 12.85 -1.63 -14.78
N ILE L 223 12.59 -0.78 -13.80
CA ILE L 223 12.61 0.67 -13.99
C ILE L 223 13.85 1.19 -13.30
N LYS L 224 14.27 2.39 -13.68
CA LYS L 224 15.37 3.03 -12.99
C LYS L 224 14.88 4.20 -12.16
N VAL L 225 15.37 4.25 -10.92
CA VAL L 225 15.07 5.35 -10.02
C VAL L 225 16.41 5.96 -9.63
N ASP L 226 16.75 7.10 -10.26
CA ASP L 226 17.87 7.98 -9.91
C ASP L 226 19.22 7.28 -10.02
N GLY L 227 19.44 6.60 -11.14
CA GLY L 227 20.73 6.01 -11.42
C GLY L 227 20.87 4.54 -11.08
N ARG L 228 20.02 4.00 -10.21
CA ARG L 228 20.10 2.60 -9.85
C ARG L 228 18.74 1.96 -10.01
N LYS L 229 18.74 0.75 -10.54
CA LYS L 229 17.53 0.11 -11.03
C LYS L 229 16.88 -0.71 -9.93
N ARG L 230 15.74 -0.24 -9.44
CA ARG L 230 14.88 -1.07 -8.61
C ARG L 230 14.09 -2.01 -9.50
N ILE L 231 13.51 -3.04 -8.90
CA ILE L 231 12.74 -4.02 -9.63
C ILE L 231 11.34 -4.01 -9.02
N VAL L 232 10.35 -3.79 -9.86
CA VAL L 232 9.02 -3.41 -9.45
C VAL L 232 8.00 -4.35 -10.09
N ILE L 233 7.14 -4.93 -9.27
CA ILE L 233 6.25 -6.01 -9.70
C ILE L 233 4.85 -5.44 -9.87
N TYR L 234 4.44 -5.23 -11.11
CA TYR L 234 3.11 -4.70 -11.41
C TYR L 234 2.09 -5.82 -11.41
N ALA L 235 0.88 -5.52 -11.87
CA ALA L 235 -0.14 -6.52 -12.14
C ALA L 235 -0.39 -6.58 -13.64
N LEU L 236 -0.98 -7.67 -14.08
CA LEU L 236 -1.53 -7.75 -15.43
C LEU L 236 -3.03 -7.57 -15.45
N ARG L 237 -3.73 -8.29 -14.57
CA ARG L 237 -5.18 -8.34 -14.54
C ARG L 237 -5.68 -7.81 -13.21
N ASP L 238 -6.99 -7.65 -13.12
CA ASP L 238 -7.63 -7.12 -11.92
C ASP L 238 -7.63 -8.20 -10.85
N ILE L 239 -6.64 -8.14 -9.97
CA ILE L 239 -6.57 -9.09 -8.85
C ILE L 239 -7.63 -8.72 -7.82
N GLY L 240 -8.30 -9.72 -7.26
CA GLY L 240 -9.36 -9.51 -6.30
C GLY L 240 -8.87 -9.52 -4.86
N THR L 241 -9.82 -9.38 -3.95
CA THR L 241 -9.51 -9.50 -2.52
C THR L 241 -9.19 -10.95 -2.17
N ASN L 242 -7.99 -11.14 -1.61
CA ASN L 242 -7.35 -12.41 -1.25
C ASN L 242 -7.17 -13.37 -2.43
N GLU L 243 -7.22 -12.88 -3.67
CA GLU L 243 -6.86 -13.66 -4.84
C GLU L 243 -5.35 -13.82 -4.85
N GLU L 244 -4.86 -15.05 -4.80
CA GLU L 244 -3.43 -15.31 -4.70
C GLU L 244 -2.74 -14.96 -6.02
N LEU L 245 -1.71 -14.13 -5.92
CA LEU L 245 -0.96 -13.62 -7.06
C LEU L 245 -0.13 -14.73 -7.69
N THR L 246 0.25 -14.54 -8.94
CA THR L 246 1.18 -15.44 -9.60
C THR L 246 2.40 -14.65 -10.05
N TYR L 247 3.39 -15.33 -10.63
CA TYR L 247 4.53 -14.71 -11.28
C TYR L 247 5.15 -15.74 -12.22
N ASP L 248 5.53 -15.29 -13.40
CA ASP L 248 6.33 -16.10 -14.32
C ASP L 248 7.80 -15.83 -14.05
N TYR L 249 8.62 -16.84 -14.27
CA TYR L 249 10.03 -16.68 -13.95
C TYR L 249 10.92 -16.56 -15.18
N LYS L 250 10.62 -17.32 -16.25
CA LYS L 250 11.23 -17.20 -17.58
C LYS L 250 12.74 -17.42 -17.57
N PHE L 251 13.17 -18.62 -17.18
CA PHE L 251 14.59 -18.94 -17.05
C PHE L 251 15.31 -19.01 -18.40
N PRO L 262 8.36 -29.62 -10.90
CA PRO L 262 7.21 -29.50 -11.79
C PRO L 262 6.43 -28.21 -11.58
N CYS L 263 5.30 -28.06 -12.26
CA CYS L 263 4.37 -26.97 -11.95
C CYS L 263 3.40 -27.47 -10.90
N LEU L 264 3.64 -27.07 -9.65
CA LEU L 264 2.81 -27.50 -8.53
C LEU L 264 1.69 -26.50 -8.25
N CYS L 265 1.33 -25.68 -9.23
CA CYS L 265 0.17 -24.80 -9.10
C CYS L 265 -1.14 -25.58 -9.03
N GLY L 266 -1.23 -26.72 -9.72
CA GLY L 266 -2.49 -27.40 -9.91
C GLY L 266 -3.25 -26.93 -11.12
N ALA L 267 -2.71 -25.98 -11.88
CA ALA L 267 -3.37 -25.51 -13.08
C ALA L 267 -3.26 -26.56 -14.17
N PRO L 268 -4.28 -26.73 -15.01
CA PRO L 268 -4.14 -27.65 -16.14
C PRO L 268 -3.47 -26.97 -17.33
N SER L 269 -3.75 -25.68 -17.55
CA SER L 269 -3.42 -25.00 -18.82
C SER L 269 -2.02 -24.49 -18.49
N CYS L 270 -1.02 -25.27 -18.61
CA CYS L 270 0.30 -24.91 -18.17
C CYS L 270 1.22 -25.97 -18.77
N LYS L 271 2.54 -25.70 -18.65
CA LYS L 271 3.52 -26.74 -18.93
C LYS L 271 3.72 -27.46 -17.60
N GLY L 272 3.93 -28.76 -17.66
CA GLY L 272 4.01 -29.59 -16.47
C GLY L 272 5.24 -29.39 -15.60
N PHE L 273 6.23 -28.66 -16.10
CA PHE L 273 7.46 -28.33 -15.38
C PHE L 273 7.53 -26.83 -15.11
N LEU L 274 8.64 -26.42 -14.51
CA LEU L 274 8.98 -25.00 -14.47
C LEU L 274 9.48 -24.55 -15.84
N ASN L 275 10.55 -25.15 -16.33
CA ASN L 275 11.06 -24.90 -17.67
C ASN L 275 10.19 -25.60 -18.70
N ALA M 2 3.21 -7.24 30.09
CA ALA M 2 3.24 -6.73 28.73
C ALA M 2 4.47 -7.25 27.99
N ASN M 3 4.29 -8.34 27.24
CA ASN M 3 5.36 -8.92 26.46
C ASN M 3 5.14 -8.88 24.97
N LEU M 4 3.97 -8.41 24.51
CA LEU M 4 3.75 -8.29 23.08
C LEU M 4 4.55 -7.14 22.50
N LEU M 5 4.67 -6.04 23.24
CA LEU M 5 5.50 -4.91 22.83
C LEU M 5 6.99 -5.17 22.98
N LEU M 6 7.39 -6.25 23.66
CA LEU M 6 8.80 -6.61 23.68
C LEU M 6 9.21 -7.30 22.39
N GLN M 7 8.25 -7.83 21.64
CA GLN M 7 8.53 -8.58 20.43
C GLN M 7 8.04 -7.92 19.16
N ASP M 8 7.14 -6.94 19.27
CA ASP M 8 6.51 -6.34 18.08
C ASP M 8 7.47 -5.54 17.20
N PRO M 9 8.16 -4.45 17.66
CA PRO M 9 8.89 -3.63 16.68
C PRO M 9 10.33 -4.07 16.49
N PHE M 10 11.07 -3.24 15.75
CA PHE M 10 12.53 -3.25 15.89
C PHE M 10 13.00 -2.60 17.21
N GLY M 11 12.12 -1.83 17.83
CA GLY M 11 12.42 -1.07 19.02
C GLY M 11 11.82 0.31 19.03
N VAL M 12 11.09 0.69 17.99
CA VAL M 12 10.44 1.99 17.89
C VAL M 12 8.94 1.80 18.10
N LEU M 13 8.40 2.49 19.10
CA LEU M 13 6.98 2.47 19.38
C LEU M 13 6.51 3.90 19.57
N LYS M 14 5.30 4.20 19.10
CA LYS M 14 4.87 5.58 19.00
C LYS M 14 4.41 6.12 20.35
N GLU M 15 3.93 7.35 20.33
CA GLU M 15 3.50 8.05 21.53
C GLU M 15 2.09 8.60 21.38
N TYR M 16 1.35 8.12 20.38
CA TYR M 16 -0.05 8.40 20.12
C TYR M 16 -0.51 7.37 19.10
N PRO M 17 -1.75 6.93 19.14
CA PRO M 17 -2.25 6.08 18.05
C PRO M 17 -2.52 6.93 16.83
N GLU M 18 -2.48 6.33 15.65
CA GLU M 18 -2.70 7.07 14.41
C GLU M 18 -3.91 6.57 13.64
N LYS M 19 -4.15 5.27 13.61
CA LYS M 19 -5.23 4.69 12.83
C LYS M 19 -6.32 4.26 13.79
N LEU M 20 -7.54 4.11 13.27
CA LEU M 20 -8.61 3.48 14.03
C LEU M 20 -9.28 2.13 13.79
N THR M 21 -8.76 1.10 14.45
CA THR M 21 -9.08 -0.29 14.15
C THR M 21 -10.21 -1.12 14.71
N HIS M 22 -10.86 -0.66 15.76
CA HIS M 22 -12.08 -1.23 16.26
C HIS M 22 -13.20 -0.21 16.22
N THR M 23 -14.41 -0.72 16.38
CA THR M 23 -15.61 0.09 16.57
C THR M 23 -16.63 -0.77 17.31
N LEU M 24 -16.94 -0.37 18.54
CA LEU M 24 -17.88 -1.08 19.38
C LEU M 24 -19.28 -0.80 18.86
N GLU M 25 -19.92 -1.83 18.32
CA GLU M 25 -21.27 -1.69 17.78
C GLU M 25 -22.27 -1.68 18.93
N VAL M 26 -22.39 -0.55 19.61
CA VAL M 26 -23.33 -0.40 20.73
C VAL M 26 -24.46 0.49 20.25
N PRO M 27 -25.63 -0.07 19.90
CA PRO M 27 -26.66 0.75 19.23
C PRO M 27 -27.35 1.75 20.15
N VAL M 28 -27.54 1.41 21.41
CA VAL M 28 -27.96 2.39 22.39
C VAL M 28 -26.76 3.27 22.69
N ALA M 29 -26.95 4.59 22.66
CA ALA M 29 -25.85 5.53 22.67
C ALA M 29 -25.20 5.64 24.04
N ALA M 30 -24.12 6.40 24.10
CA ALA M 30 -23.35 6.50 25.34
C ALA M 30 -23.08 7.96 25.67
N VAL M 31 -22.63 8.19 26.90
CA VAL M 31 -22.19 9.50 27.33
C VAL M 31 -20.70 9.53 27.67
N CYS M 32 -20.22 8.64 28.54
CA CYS M 32 -18.81 8.65 28.90
C CYS M 32 -18.21 7.29 28.62
N VAL M 33 -16.93 7.28 28.26
CA VAL M 33 -16.17 6.05 28.09
C VAL M 33 -14.89 6.16 28.92
N LYS M 34 -14.74 5.24 29.87
CA LYS M 34 -13.58 5.23 30.73
C LYS M 34 -13.01 3.83 30.76
N PHE M 35 -11.71 3.72 30.52
CA PHE M 35 -11.07 2.43 30.59
C PHE M 35 -10.83 2.02 32.03
N SER M 36 -10.25 0.85 32.19
CA SER M 36 -9.78 0.41 33.50
C SER M 36 -8.42 1.07 33.74
N PRO M 37 -7.82 0.93 34.91
CA PRO M 37 -6.41 1.34 35.06
C PRO M 37 -5.40 0.46 34.32
N ARG M 38 -5.82 -0.66 33.74
CA ARG M 38 -5.10 -1.33 32.67
C ARG M 38 -5.94 -1.22 31.40
N GLY M 39 -5.46 -1.84 30.33
CA GLY M 39 -6.18 -1.72 29.07
C GLY M 39 -7.28 -2.73 28.83
N ASP M 40 -7.66 -3.49 29.86
CA ASP M 40 -8.48 -4.67 29.63
C ASP M 40 -9.96 -4.34 29.56
N TYR M 41 -10.43 -3.46 30.45
CA TYR M 41 -11.86 -3.26 30.65
C TYR M 41 -12.21 -1.83 30.31
N LEU M 42 -13.27 -1.66 29.54
CA LEU M 42 -13.79 -0.35 29.19
C LEU M 42 -15.15 -0.20 29.85
N ALA M 43 -15.27 0.74 30.76
CA ALA M 43 -16.59 1.10 31.28
C ALA M 43 -17.24 2.08 30.32
N VAL M 44 -18.47 1.79 29.93
CA VAL M 44 -19.20 2.62 28.99
C VAL M 44 -20.39 3.22 29.72
N GLY M 45 -20.44 4.55 29.78
CA GLY M 45 -21.57 5.23 30.38
C GLY M 45 -22.66 5.44 29.36
N CYS M 46 -23.69 4.61 29.42
CA CYS M 46 -24.69 4.49 28.37
C CYS M 46 -25.82 5.51 28.57
N SER M 47 -26.59 5.74 27.51
CA SER M 47 -27.51 6.86 27.51
C SER M 47 -28.80 6.59 28.28
N ASN M 48 -29.38 5.39 28.12
CA ASN M 48 -30.66 5.11 28.76
C ASN M 48 -30.50 4.90 30.26
N GLY M 49 -29.35 4.42 30.70
CA GLY M 49 -29.12 4.17 32.10
C GLY M 49 -28.41 2.87 32.37
N ALA M 50 -27.96 2.22 31.31
CA ALA M 50 -27.16 1.02 31.43
C ALA M 50 -25.70 1.38 31.64
N ILE M 51 -24.89 0.38 31.96
CA ILE M 51 -23.43 0.45 31.90
C ILE M 51 -23.01 -0.87 31.28
N ILE M 52 -22.55 -0.85 30.04
CA ILE M 52 -22.23 -2.08 29.31
C ILE M 52 -20.71 -2.18 29.24
N ILE M 53 -20.13 -2.91 30.19
CA ILE M 53 -18.69 -2.96 30.41
C ILE M 53 -18.10 -3.93 29.39
N TYR M 54 -17.07 -3.49 28.68
CA TYR M 54 -16.52 -4.27 27.59
C TYR M 54 -15.13 -4.79 27.92
N ASP M 55 -14.91 -6.06 27.63
CA ASP M 55 -13.57 -6.65 27.61
C ASP M 55 -12.89 -6.20 26.33
N MET M 56 -11.71 -5.60 26.47
CA MET M 56 -11.00 -5.05 25.31
C MET M 56 -10.01 -6.08 24.76
N ASP M 57 -10.55 -7.24 24.41
CA ASP M 57 -9.83 -8.20 23.60
C ASP M 57 -10.69 -8.84 22.52
N SER M 58 -12.01 -8.83 22.68
CA SER M 58 -12.89 -9.47 21.70
C SER M 58 -14.13 -8.65 21.36
N LEU M 59 -14.25 -7.44 21.94
CA LEU M 59 -15.29 -6.45 21.61
C LEU M 59 -16.70 -6.92 21.92
N LYS M 60 -16.83 -7.79 22.91
CA LYS M 60 -18.12 -8.29 23.36
C LYS M 60 -18.06 -8.36 24.88
N PRO M 61 -19.15 -8.05 25.58
CA PRO M 61 -19.02 -7.63 26.98
C PRO M 61 -18.80 -8.80 27.93
N ILE M 62 -18.60 -8.45 29.19
CA ILE M 62 -18.50 -9.44 30.26
C ILE M 62 -19.52 -9.24 31.36
N ALA M 63 -20.06 -8.04 31.56
CA ALA M 63 -20.97 -7.81 32.67
C ALA M 63 -21.93 -6.69 32.30
N MET M 64 -22.78 -6.34 33.27
CA MET M 64 -23.56 -5.12 33.22
C MET M 64 -23.89 -4.71 34.65
N LEU M 65 -23.28 -3.61 35.07
CA LEU M 65 -23.52 -3.02 36.38
C LEU M 65 -24.85 -2.28 36.33
N GLY M 66 -25.83 -2.78 37.07
CA GLY M 66 -27.18 -2.31 36.87
C GLY M 66 -28.15 -3.46 36.63
N THR M 67 -27.82 -4.64 37.14
CA THR M 67 -28.77 -5.75 37.16
C THR M 67 -29.38 -5.97 38.53
N HIS M 68 -28.56 -6.20 39.56
CA HIS M 68 -29.11 -6.60 40.85
C HIS M 68 -29.64 -5.41 41.64
N SER M 69 -28.79 -4.46 41.98
CA SER M 69 -29.24 -3.32 42.77
C SER M 69 -28.55 -2.06 42.29
N GLY M 70 -29.32 -0.99 42.12
CA GLY M 70 -28.78 0.32 41.85
C GLY M 70 -28.66 0.70 40.39
N ALA M 71 -29.53 0.17 39.53
CA ALA M 71 -29.48 0.50 38.11
C ALA M 71 -29.91 1.94 37.88
N HIS M 72 -29.26 2.59 36.93
CA HIS M 72 -29.55 4.00 36.67
C HIS M 72 -30.79 4.13 35.82
N THR M 73 -31.76 4.90 36.34
CA THR M 73 -33.02 5.09 35.63
C THR M 73 -32.86 6.12 34.53
N ARG M 74 -32.30 7.27 34.85
CA ARG M 74 -31.95 8.28 33.86
C ARG M 74 -30.52 8.00 33.38
N SER M 75 -29.93 8.95 32.67
CA SER M 75 -28.61 8.76 32.07
C SER M 75 -27.52 8.74 33.13
N VAL M 76 -26.39 8.15 32.75
CA VAL M 76 -25.20 8.12 33.60
C VAL M 76 -24.14 9.03 32.98
N GLN M 77 -23.61 9.92 33.81
CA GLN M 77 -22.83 11.06 33.32
C GLN M 77 -21.34 10.77 33.28
N SER M 78 -20.73 10.49 34.42
CA SER M 78 -19.30 10.23 34.43
C SER M 78 -19.02 9.03 35.31
N VAL M 79 -17.81 8.52 35.19
CA VAL M 79 -17.38 7.36 35.95
C VAL M 79 -15.87 7.46 36.11
N CYS M 80 -15.35 6.94 37.22
CA CYS M 80 -13.93 6.71 37.37
C CYS M 80 -13.71 5.30 37.90
N TRP M 81 -12.45 4.94 38.06
CA TRP M 81 -12.06 3.65 38.59
C TRP M 81 -11.12 3.85 39.77
N SER M 82 -10.72 2.75 40.37
CA SER M 82 -9.89 2.81 41.57
C SER M 82 -8.41 2.91 41.19
N ASN M 83 -7.55 2.73 42.20
CA ASN M 83 -6.13 2.61 41.94
C ASN M 83 -5.82 1.29 41.24
N ASP M 84 -6.47 0.21 41.66
CA ASP M 84 -6.21 -1.11 41.11
C ASP M 84 -7.24 -1.54 40.09
N GLY M 85 -8.33 -0.80 39.93
CA GLY M 85 -9.41 -1.22 39.08
C GLY M 85 -10.42 -2.12 39.75
N ARG M 86 -10.56 -2.05 41.06
CA ARG M 86 -11.45 -2.94 41.79
C ARG M 86 -12.87 -2.41 41.87
N TYR M 87 -13.02 -1.11 42.09
CA TYR M 87 -14.33 -0.50 42.27
C TYR M 87 -14.66 0.39 41.09
N LEU M 88 -15.80 1.06 41.17
CA LEU M 88 -16.31 1.89 40.09
C LEU M 88 -17.02 2.93 40.96
N TRP M 89 -16.97 4.18 40.59
CA TRP M 89 -17.72 5.24 41.27
C TRP M 89 -18.42 5.87 40.08
N SER M 90 -19.76 5.87 40.10
CA SER M 90 -20.56 6.19 38.91
C SER M 90 -21.55 7.30 39.21
N SER M 91 -21.41 8.43 38.51
CA SER M 91 -22.28 9.58 38.67
C SER M 91 -23.29 9.62 37.52
N GLY M 92 -24.56 9.86 37.85
CA GLY M 92 -25.61 9.80 36.87
C GLY M 92 -26.63 10.92 37.02
N ARG M 93 -27.62 10.89 36.13
CA ARG M 93 -28.71 11.86 36.14
C ARG M 93 -29.96 11.32 36.81
N ASP M 94 -29.88 10.14 37.42
CA ASP M 94 -30.95 9.62 38.26
C ASP M 94 -30.75 9.96 39.72
N TRP M 95 -29.91 10.97 40.00
CA TRP M 95 -29.70 11.61 41.29
C TRP M 95 -29.01 10.63 42.25
N TYR M 96 -28.11 9.81 41.70
CA TYR M 96 -27.57 8.64 42.37
C TYR M 96 -26.09 8.48 42.03
N ALA M 97 -25.26 8.35 43.07
CA ALA M 97 -23.83 8.03 42.90
C ALA M 97 -23.56 6.66 43.52
N LYS M 98 -23.49 5.65 42.67
CA LYS M 98 -23.34 4.27 43.13
C LYS M 98 -21.88 3.88 43.09
N LEU M 99 -21.33 3.55 44.25
CA LEU M 99 -20.04 2.87 44.32
C LEU M 99 -20.29 1.39 44.06
N TRP M 100 -19.84 0.90 42.91
CA TRP M 100 -19.95 -0.51 42.61
C TRP M 100 -18.66 -1.22 42.97
N ASP M 101 -18.74 -2.54 43.13
CA ASP M 101 -17.58 -3.38 43.29
C ASP M 101 -17.75 -4.61 42.42
N MET M 102 -16.68 -4.99 41.72
CA MET M 102 -16.79 -6.11 40.79
C MET M 102 -16.57 -7.45 41.44
N THR M 103 -16.41 -7.50 42.77
CA THR M 103 -16.51 -8.78 43.46
C THR M 103 -17.92 -9.31 43.38
N GLN M 104 -18.90 -8.44 43.54
CA GLN M 104 -20.29 -8.72 43.22
C GLN M 104 -20.66 -7.90 41.99
N PRO M 105 -20.44 -8.44 40.79
CA PRO M 105 -20.42 -7.62 39.57
C PRO M 105 -21.77 -7.23 38.99
N THR M 106 -22.84 -7.29 39.79
CA THR M 106 -24.15 -6.81 39.39
C THR M 106 -24.83 -5.93 40.42
N LYS M 107 -24.34 -5.87 41.65
CA LYS M 107 -25.00 -5.22 42.77
C LYS M 107 -24.19 -4.00 43.20
N CYS M 108 -24.88 -2.91 43.52
CA CYS M 108 -24.24 -1.74 44.12
C CYS M 108 -23.85 -2.04 45.57
N PHE M 109 -23.03 -1.15 46.15
CA PHE M 109 -22.78 -1.21 47.57
C PHE M 109 -23.43 -0.11 48.37
N GLN M 110 -23.28 1.14 47.96
CA GLN M 110 -23.88 2.24 48.71
C GLN M 110 -24.18 3.41 47.80
N GLN M 111 -25.39 3.95 47.90
CA GLN M 111 -25.88 4.96 46.98
C GLN M 111 -26.14 6.24 47.76
N TYR M 112 -26.56 7.28 47.05
CA TYR M 112 -27.04 8.49 47.71
C TYR M 112 -28.10 9.13 46.84
N LYS M 113 -29.30 9.32 47.39
CA LYS M 113 -30.33 10.09 46.70
C LYS M 113 -29.95 11.56 46.72
N PHE M 114 -29.69 12.11 45.55
CA PHE M 114 -29.27 13.49 45.48
C PHE M 114 -30.46 14.43 45.42
N ASP M 115 -30.16 15.70 45.54
CA ASP M 115 -31.14 16.78 45.46
C ASP M 115 -31.47 17.16 44.03
N GLY M 116 -30.72 16.63 43.09
CA GLY M 116 -30.91 16.92 41.69
C GLY M 116 -29.92 16.12 40.87
N PRO M 117 -29.79 16.45 39.58
CA PRO M 117 -28.85 15.71 38.71
C PRO M 117 -27.39 16.03 38.97
N LEU M 118 -26.49 15.46 38.16
CA LEU M 118 -25.06 15.61 38.38
C LEU M 118 -24.39 16.06 37.09
N TRP M 119 -23.11 16.38 37.18
CA TRP M 119 -22.26 16.53 36.01
C TRP M 119 -21.17 15.47 35.95
N SER M 120 -20.38 15.33 37.01
CA SER M 120 -19.18 14.52 36.93
C SER M 120 -18.87 13.90 38.29
N CYS M 121 -17.87 13.04 38.30
CA CYS M 121 -17.32 12.46 39.51
C CYS M 121 -15.82 12.36 39.36
N HIS M 122 -15.12 12.35 40.48
CA HIS M 122 -13.67 12.21 40.50
C HIS M 122 -13.27 11.60 41.83
N VAL M 123 -12.46 10.56 41.78
CA VAL M 123 -12.05 9.86 42.99
C VAL M 123 -10.64 10.30 43.37
N VAL M 124 -10.39 10.39 44.68
CA VAL M 124 -9.04 10.63 45.17
C VAL M 124 -8.44 9.35 45.72
N ARG M 125 -9.04 8.79 46.77
CA ARG M 125 -8.86 7.40 47.10
C ARG M 125 -9.98 6.63 46.43
N TRP M 126 -9.99 5.31 46.63
CA TRP M 126 -10.97 4.48 45.95
C TRP M 126 -12.36 4.59 46.54
N ASN M 127 -12.47 5.04 47.79
CA ASN M 127 -13.77 5.24 48.41
C ASN M 127 -14.27 6.68 48.26
N VAL M 128 -13.41 7.65 48.59
CA VAL M 128 -13.84 9.05 48.59
C VAL M 128 -13.93 9.56 47.16
N CYS M 129 -14.98 10.33 46.87
CA CYS M 129 -15.25 10.73 45.50
C CYS M 129 -15.90 12.09 45.51
N ILE M 130 -15.33 13.02 44.75
CA ILE M 130 -15.85 14.37 44.64
C ILE M 130 -16.86 14.41 43.52
N VAL M 131 -18.06 14.87 43.83
CA VAL M 131 -19.13 14.89 42.86
C VAL M 131 -19.49 16.35 42.61
N THR M 132 -20.05 16.61 41.43
CA THR M 132 -20.49 17.95 41.06
C THR M 132 -22.00 17.96 41.02
N VAL M 133 -22.58 18.34 42.16
CA VAL M 133 -24.01 18.58 42.25
C VAL M 133 -24.35 19.81 41.44
N VAL M 134 -25.38 19.72 40.60
CA VAL M 134 -25.75 20.84 39.75
C VAL M 134 -26.38 21.94 40.59
N GLU M 135 -26.05 23.19 40.25
CA GLU M 135 -26.49 24.42 40.90
C GLU M 135 -26.12 24.45 42.39
N GLU M 136 -24.83 24.21 42.64
CA GLU M 136 -24.32 24.23 44.00
C GLU M 136 -22.95 24.89 44.02
N PRO M 137 -22.77 25.99 44.75
CA PRO M 137 -21.45 26.66 44.76
C PRO M 137 -20.43 26.05 45.72
N THR M 138 -20.69 24.83 46.18
CA THR M 138 -19.69 24.02 46.85
C THR M 138 -19.77 22.61 46.29
N ALA M 139 -18.75 21.81 46.56
CA ALA M 139 -18.67 20.45 46.06
C ALA M 139 -18.82 19.51 47.24
N TYR M 140 -20.01 18.92 47.37
CA TYR M 140 -20.28 17.97 48.44
C TYR M 140 -19.61 16.65 48.10
N VAL M 141 -18.32 16.55 48.48
CA VAL M 141 -17.58 15.31 48.26
C VAL M 141 -18.07 14.24 49.21
N LEU M 142 -18.45 13.09 48.65
CA LEU M 142 -19.09 12.01 49.40
C LEU M 142 -18.04 10.94 49.68
N THR M 143 -17.82 10.65 50.95
CA THR M 143 -16.84 9.67 51.38
C THR M 143 -17.53 8.44 51.96
N LEU M 144 -17.11 7.26 51.53
CA LEU M 144 -17.51 6.01 52.15
C LEU M 144 -16.67 5.80 53.41
N THR M 145 -17.29 5.94 54.58
CA THR M 145 -16.59 5.86 55.84
C THR M 145 -16.67 4.42 56.37
N ASP M 146 -16.03 4.16 57.49
CA ASP M 146 -16.09 2.87 58.15
C ASP M 146 -17.47 2.22 58.12
N ARG M 147 -18.51 3.02 58.30
CA ARG M 147 -19.86 2.63 57.89
C ARG M 147 -20.12 3.22 56.51
N GLN M 148 -20.96 2.54 55.74
CA GLN M 148 -21.26 2.98 54.40
C GLN M 148 -22.28 4.11 54.37
N ASN M 149 -23.20 4.15 55.35
CA ASN M 149 -24.37 5.01 55.36
C ASN M 149 -24.03 6.49 55.52
N ALA M 150 -23.01 6.81 56.31
CA ALA M 150 -22.68 8.21 56.60
C ALA M 150 -21.85 8.79 55.46
N PHE M 151 -22.55 9.09 54.37
CA PHE M 151 -21.95 9.87 53.30
C PHE M 151 -21.83 11.32 53.76
N HIS M 152 -20.67 11.66 54.32
CA HIS M 152 -20.44 12.99 54.86
C HIS M 152 -20.39 14.02 53.74
N CYS M 153 -21.46 14.82 53.60
CA CYS M 153 -21.53 15.83 52.56
C CYS M 153 -20.60 16.99 52.89
N PHE M 154 -19.30 16.78 52.69
CA PHE M 154 -18.27 17.74 53.08
C PHE M 154 -18.33 18.91 52.12
N PRO M 155 -18.69 20.10 52.58
CA PRO M 155 -18.78 21.25 51.67
C PRO M 155 -17.40 21.77 51.34
N LEU M 156 -17.01 21.68 50.07
CA LEU M 156 -15.68 22.09 49.62
C LEU M 156 -15.65 23.60 49.46
N LEU M 157 -15.66 24.31 50.59
CA LEU M 157 -15.58 25.75 50.71
C LEU M 157 -15.27 26.07 52.15
N GLU M 158 -14.50 27.13 52.37
CA GLU M 158 -14.34 27.67 53.71
C GLU M 158 -15.61 28.36 54.14
N GLN M 159 -15.78 28.52 55.46
CA GLN M 159 -17.04 29.03 56.00
C GLN M 159 -17.23 30.53 55.74
N ASP M 160 -16.14 31.25 55.46
CA ASP M 160 -16.22 32.69 55.21
C ASP M 160 -16.21 33.02 53.72
N GLN M 161 -15.56 32.18 52.91
CA GLN M 161 -15.25 32.52 51.53
C GLN M 161 -16.47 32.49 50.61
N ASP M 162 -16.62 33.53 49.79
CA ASP M 162 -17.70 33.60 48.84
C ASP M 162 -17.17 33.39 47.42
N ILE M 163 -17.93 32.66 46.62
CA ILE M 163 -17.72 32.67 45.18
C ILE M 163 -18.99 33.27 44.58
N SER M 164 -19.59 34.20 45.32
CA SER M 164 -20.68 35.01 44.79
C SER M 164 -20.15 35.91 43.67
N GLY M 165 -20.76 35.79 42.51
CA GLY M 165 -20.22 36.35 41.29
C GLY M 165 -19.36 35.38 40.51
N HIS M 166 -19.16 34.16 41.03
CA HIS M 166 -18.41 33.14 40.30
C HIS M 166 -19.32 31.97 39.92
N GLY M 167 -20.53 31.93 40.44
CA GLY M 167 -21.48 30.90 40.06
C GLY M 167 -21.33 29.66 40.93
N TYR M 168 -21.56 28.50 40.34
CA TYR M 168 -21.41 27.23 41.02
C TYR M 168 -20.06 26.61 40.66
N THR M 169 -19.68 25.58 41.42
CA THR M 169 -18.53 24.78 41.05
C THR M 169 -19.00 23.63 40.17
N LEU M 170 -18.36 23.48 39.01
CA LEU M 170 -18.83 22.52 38.03
C LEU M 170 -17.79 21.44 37.73
N VAL M 171 -16.53 21.68 38.05
CA VAL M 171 -15.46 20.73 37.78
C VAL M 171 -14.68 20.59 39.08
N ALA M 172 -14.30 19.35 39.44
CA ALA M 172 -13.30 19.15 40.47
C ALA M 172 -12.43 17.96 40.09
N CYS M 173 -11.14 18.18 39.91
CA CYS M 173 -10.22 17.10 39.57
C CYS M 173 -9.07 17.08 40.56
N PRO M 174 -8.76 15.92 41.15
CA PRO M 174 -7.72 15.87 42.19
C PRO M 174 -6.32 15.93 41.60
N HIS M 175 -5.38 16.30 42.44
CA HIS M 175 -3.98 16.35 42.05
C HIS M 175 -3.43 14.93 41.97
N PRO M 176 -2.63 14.61 40.95
CA PRO M 176 -1.98 13.29 40.94
C PRO M 176 -0.92 13.11 42.02
N THR M 177 0.03 14.03 42.15
CA THR M 177 1.24 13.77 42.93
C THR M 177 1.11 14.13 44.40
N ILE M 178 0.25 15.09 44.77
CA ILE M 178 0.06 15.40 46.17
C ILE M 178 -0.97 14.48 46.79
N GLU M 179 -2.06 14.21 46.05
CA GLU M 179 -3.27 13.47 46.39
C GLU M 179 -4.13 14.15 47.45
N SER M 180 -3.80 15.35 47.90
CA SER M 180 -4.65 16.07 48.84
C SER M 180 -5.14 17.45 48.46
N ILE M 181 -4.53 18.11 47.47
CA ILE M 181 -5.04 19.39 46.98
C ILE M 181 -5.92 19.26 45.74
N ILE M 182 -7.16 19.70 45.86
CA ILE M 182 -8.17 19.48 44.84
C ILE M 182 -8.40 20.79 44.11
N ILE M 183 -8.15 20.77 42.80
CA ILE M 183 -8.36 21.93 41.94
C ILE M 183 -9.80 21.90 41.47
N THR M 184 -10.53 22.98 41.73
CA THR M 184 -11.89 23.13 41.21
C THR M 184 -12.01 24.44 40.48
N GLY M 185 -12.98 24.48 39.56
CA GLY M 185 -13.20 25.63 38.71
C GLY M 185 -14.66 26.04 38.75
N THR M 186 -14.89 27.34 38.87
CA THR M 186 -16.23 27.85 39.07
C THR M 186 -17.01 27.84 37.75
N SER M 187 -18.28 28.20 37.83
CA SER M 187 -19.09 28.38 36.63
C SER M 187 -18.82 29.72 35.95
N LYS M 188 -18.22 30.66 36.65
CA LYS M 188 -17.83 31.92 36.05
C LYS M 188 -16.36 32.19 36.41
N GLY M 189 -15.46 31.64 35.60
CA GLY M 189 -14.11 32.11 35.53
C GLY M 189 -13.13 31.62 36.57
N TRP M 190 -13.46 31.66 37.84
CA TRP M 190 -12.45 31.57 38.89
C TRP M 190 -12.08 30.10 39.14
N ILE M 191 -10.87 29.92 39.64
CA ILE M 191 -10.31 28.60 39.92
C ILE M 191 -9.90 28.57 41.38
N ASN M 192 -10.39 27.58 42.11
CA ASN M 192 -9.97 27.43 43.50
C ASN M 192 -9.06 26.22 43.62
N ALA M 193 -8.35 26.18 44.75
CA ALA M 193 -7.64 24.99 45.20
C ALA M 193 -8.25 24.61 46.54
N PHE M 194 -8.19 23.34 46.90
CA PHE M 194 -8.76 22.88 48.16
C PHE M 194 -7.94 21.74 48.72
N GLN M 195 -7.24 22.02 49.81
CA GLN M 195 -6.35 21.08 50.48
C GLN M 195 -7.17 20.32 51.51
N LEU M 196 -7.68 19.16 51.14
CA LEU M 196 -8.40 18.33 52.10
C LEU M 196 -7.41 17.59 52.99
N ASP M 197 -7.72 17.55 54.28
CA ASP M 197 -6.87 16.89 55.27
C ASP M 197 -7.17 15.42 55.45
N LEU M 198 -8.08 14.87 54.62
CA LEU M 198 -8.43 13.44 54.52
C LEU M 198 -8.93 12.82 55.82
N GLU M 203 -9.27 14.85 59.49
CA GLU M 203 -10.25 15.90 59.74
C GLU M 203 -10.73 16.51 58.43
N ASP M 204 -11.45 17.62 58.51
CA ASP M 204 -12.05 18.24 57.35
C ASP M 204 -11.70 19.72 57.24
N LYS M 205 -10.47 20.09 57.60
CA LYS M 205 -10.02 21.44 57.35
C LYS M 205 -9.59 21.57 55.89
N ILE M 206 -9.99 22.67 55.26
CA ILE M 206 -9.65 22.93 53.87
C ILE M 206 -9.12 24.35 53.74
N ARG M 207 -8.12 24.54 52.89
CA ARG M 207 -7.55 25.86 52.69
C ARG M 207 -7.73 26.34 51.25
N CYS M 208 -8.27 27.55 51.10
CA CYS M 208 -8.46 28.12 49.78
C CYS M 208 -7.14 28.79 49.44
N CYS M 209 -6.13 27.95 49.21
CA CYS M 209 -4.79 28.44 48.91
C CYS M 209 -4.74 29.24 47.61
N TYR M 210 -5.43 28.76 46.59
CA TYR M 210 -5.43 29.46 45.31
C TYR M 210 -6.80 29.83 44.76
N GLU M 211 -6.94 31.10 44.40
CA GLU M 211 -8.16 31.64 43.81
C GLU M 211 -7.68 32.58 42.72
N GLU M 212 -8.48 32.81 41.69
CA GLU M 212 -8.01 33.67 40.62
C GLU M 212 -9.24 33.70 39.72
N LYS M 213 -9.08 34.32 38.56
CA LYS M 213 -10.12 34.36 37.52
C LYS M 213 -9.14 34.44 36.35
N ILE M 214 -9.44 33.70 35.28
CA ILE M 214 -8.61 33.83 34.09
C ILE M 214 -9.37 34.52 32.97
N ALA M 215 -10.63 34.12 32.74
CA ALA M 215 -11.50 34.63 31.69
C ALA M 215 -12.90 34.18 32.01
N ASN M 216 -13.88 35.03 31.69
CA ASN M 216 -15.26 34.77 32.07
C ASN M 216 -15.86 33.76 31.11
N ALA M 217 -16.03 32.52 31.57
CA ALA M 217 -16.64 31.45 30.80
C ALA M 217 -17.14 30.39 31.77
N ASN M 218 -17.95 29.47 31.26
CA ASN M 218 -18.32 28.27 32.01
C ASN M 218 -17.24 27.24 31.77
N ILE M 219 -16.48 26.92 32.82
CA ILE M 219 -15.38 25.98 32.70
C ILE M 219 -15.95 24.57 32.60
N LYS M 220 -15.90 23.99 31.40
CA LYS M 220 -16.44 22.66 31.20
C LYS M 220 -15.54 21.58 31.77
N GLN M 221 -14.23 21.80 31.82
CA GLN M 221 -13.32 20.73 32.16
C GLN M 221 -11.98 21.29 32.61
N ILE M 222 -11.42 20.69 33.65
CA ILE M 222 -10.07 20.94 34.11
C ILE M 222 -9.35 19.60 34.18
N ILE M 223 -8.25 19.47 33.46
CA ILE M 223 -7.43 18.29 33.56
C ILE M 223 -6.06 18.70 34.08
N ILE M 224 -5.39 17.74 34.70
CA ILE M 224 -4.00 17.90 35.13
C ILE M 224 -3.21 16.84 34.39
N SER M 225 -2.00 17.19 33.97
CA SER M 225 -1.09 16.20 33.41
C SER M 225 -0.68 15.21 34.50
N PRO M 226 -0.40 13.95 34.16
CA PRO M 226 -0.08 12.96 35.21
C PRO M 226 1.27 13.15 35.88
N SER M 227 2.13 14.05 35.40
CA SER M 227 3.33 14.42 36.13
C SER M 227 3.08 15.61 37.06
N GLY M 228 1.86 16.12 37.11
CA GLY M 228 1.53 17.22 37.99
C GLY M 228 2.09 18.56 37.55
N THR M 229 2.60 18.64 36.32
CA THR M 229 3.23 19.84 35.81
C THR M 229 2.23 20.71 35.06
N ARG M 230 1.51 20.10 34.12
CA ARG M 230 0.64 20.86 33.23
C ARG M 230 -0.82 20.70 33.63
N ILE M 231 -1.57 21.80 33.53
CA ILE M 231 -2.98 21.83 33.84
C ILE M 231 -3.71 22.62 32.77
N ALA M 232 -4.66 21.99 32.09
CA ALA M 232 -5.35 22.60 30.98
C ALA M 232 -6.78 22.93 31.37
N ILE M 233 -7.28 24.07 30.90
CA ILE M 233 -8.60 24.57 31.22
C ILE M 233 -9.39 24.75 29.94
N ASN M 234 -10.59 24.19 29.90
CA ASN M 234 -11.49 24.28 28.75
C ASN M 234 -12.68 25.14 29.16
N GLY M 235 -12.75 26.35 28.62
CA GLY M 235 -13.84 27.23 28.96
C GLY M 235 -15.09 26.96 28.16
N SER M 236 -16.10 27.83 28.30
CA SER M 236 -17.25 27.80 27.40
C SER M 236 -17.04 28.70 26.19
N ASP M 237 -15.93 29.40 26.12
CA ASP M 237 -15.54 30.03 24.87
C ASP M 237 -14.52 29.13 24.17
N ARG M 238 -13.93 29.63 23.10
CA ARG M 238 -13.28 28.74 22.13
C ARG M 238 -11.82 28.45 22.43
N THR M 239 -11.41 28.53 23.70
CA THR M 239 -9.99 28.44 23.94
C THR M 239 -9.64 27.29 24.89
N ILE M 240 -8.39 26.84 24.77
CA ILE M 240 -7.80 25.89 25.70
C ILE M 240 -6.57 26.56 26.28
N ARG M 241 -6.58 26.80 27.58
CA ARG M 241 -5.44 27.39 28.26
C ARG M 241 -4.74 26.30 29.04
N GLN M 242 -3.60 25.83 28.53
CA GLN M 242 -2.76 24.98 29.35
C GLN M 242 -1.90 25.85 30.27
N TYR M 243 -1.82 25.45 31.53
CA TYR M 243 -1.10 26.20 32.54
C TYR M 243 -0.07 25.29 33.15
N GLN M 244 0.90 25.88 33.84
CA GLN M 244 1.93 25.13 34.53
C GLN M 244 1.67 25.19 36.03
N LEU M 245 1.80 24.05 36.70
CA LEU M 245 1.39 23.90 38.09
C LEU M 245 2.60 23.89 39.01
N ILE M 246 2.57 24.75 40.03
CA ILE M 246 3.64 24.89 41.01
C ILE M 246 3.03 24.64 42.39
N VAL M 247 3.14 23.40 42.88
CA VAL M 247 2.64 23.05 44.21
C VAL M 247 3.78 22.40 44.98
N GLU M 248 4.14 22.99 46.12
CA GLU M 248 5.16 22.39 46.97
C GLU M 248 4.51 21.74 48.19
N HIS M 258 -1.59 23.81 49.93
CA HIS M 258 -0.20 24.23 50.07
C HIS M 258 0.00 25.64 49.51
N SER M 259 0.91 25.77 48.54
CA SER M 259 1.26 27.05 47.94
C SER M 259 1.23 26.89 46.42
N VAL M 260 0.33 27.60 45.75
CA VAL M 260 0.04 27.35 44.34
C VAL M 260 -0.09 28.68 43.58
N SER M 261 0.46 28.69 42.37
CA SER M 261 0.36 29.77 41.41
C SER M 261 0.61 29.19 40.01
N ILE M 262 -0.18 29.65 39.03
CA ILE M 262 -0.08 29.15 37.67
C ILE M 262 0.32 30.29 36.75
N GLU M 263 0.78 29.93 35.56
CA GLU M 263 1.15 30.90 34.53
C GLU M 263 0.78 30.36 33.16
N LEU M 264 0.57 31.27 32.22
CA LEU M 264 0.05 30.91 30.92
C LEU M 264 1.13 30.28 30.05
N GLU M 265 0.89 29.05 29.61
CA GLU M 265 1.81 28.43 28.69
C GLU M 265 1.39 28.60 27.24
N HIS M 266 0.21 28.12 26.87
CA HIS M 266 -0.19 28.15 25.47
C HIS M 266 -1.70 28.25 25.35
N LYS M 267 -2.14 28.71 24.18
CA LYS M 267 -3.55 28.84 23.85
C LYS M 267 -3.80 28.12 22.55
N TYR M 268 -4.79 27.23 22.54
CA TYR M 268 -5.16 26.47 21.36
C TYR M 268 -6.58 26.78 20.96
N GLN M 269 -6.75 27.22 19.70
CA GLN M 269 -8.04 27.58 19.18
C GLN M 269 -8.20 26.99 17.79
N ASP M 270 -9.43 26.93 17.31
CA ASP M 270 -9.70 26.68 15.90
C ASP M 270 -10.03 28.02 15.27
N ILE M 271 -9.10 28.51 14.46
CA ILE M 271 -9.26 29.79 13.80
C ILE M 271 -10.33 29.72 12.70
N ILE M 272 -10.52 28.56 12.10
CA ILE M 272 -11.38 28.45 10.92
C ILE M 272 -12.85 28.43 11.32
N ASN M 273 -13.26 27.41 12.06
CA ASN M 273 -14.68 27.23 12.32
C ASN M 273 -15.13 27.84 13.65
N ARG M 274 -14.18 28.12 14.56
CA ARG M 274 -14.43 28.54 15.94
C ARG M 274 -15.37 27.60 16.68
N LEU M 275 -14.90 26.38 16.91
CA LEU M 275 -15.72 25.40 17.61
C LEU M 275 -15.42 25.40 19.09
N GLN M 276 -16.35 24.84 19.85
CA GLN M 276 -16.13 24.59 21.26
C GLN M 276 -15.43 23.25 21.42
N TRP M 277 -14.57 23.15 22.42
CA TRP M 277 -13.88 21.89 22.69
C TRP M 277 -14.63 21.17 23.77
N ASN M 278 -15.09 19.95 23.48
CA ASN M 278 -15.88 19.20 24.43
C ASN M 278 -15.02 18.65 25.56
N THR M 279 -14.10 17.75 25.24
CA THR M 279 -13.22 17.15 26.23
C THR M 279 -11.78 17.28 25.76
N ILE M 280 -10.87 17.33 26.73
CA ILE M 280 -9.45 17.42 26.46
C ILE M 280 -8.74 16.40 27.33
N PHE M 281 -7.62 15.87 26.84
CA PHE M 281 -6.90 14.84 27.57
C PHE M 281 -5.42 14.91 27.22
N PHE M 282 -4.59 14.50 28.18
CA PHE M 282 -3.15 14.67 28.09
C PHE M 282 -2.45 13.35 27.85
N SER M 283 -1.15 13.44 27.59
CA SER M 283 -0.31 12.28 27.35
C SER M 283 0.05 11.60 28.67
N ASN M 284 0.86 10.55 28.59
CA ASN M 284 1.11 9.66 29.71
C ASN M 284 2.11 10.19 30.73
N HIS M 285 3.34 10.47 30.31
CA HIS M 285 4.42 10.68 31.28
C HIS M 285 4.38 12.09 31.86
N SER M 286 4.64 13.09 31.01
CA SER M 286 4.62 14.47 31.45
C SER M 286 3.59 15.30 30.68
N GLY M 287 2.74 14.66 29.91
CA GLY M 287 1.74 15.35 29.13
C GLY M 287 2.33 16.13 27.98
N GLU M 288 3.00 15.45 27.07
CA GLU M 288 3.65 16.09 25.95
C GLU M 288 2.73 16.23 24.75
N TYR M 289 1.47 15.84 24.89
CA TYR M 289 0.54 15.90 23.77
C TYR M 289 -0.85 16.12 24.30
N LEU M 290 -1.55 17.10 23.73
CA LEU M 290 -2.91 17.45 24.13
C LEU M 290 -3.87 17.10 23.02
N VAL M 291 -4.96 16.40 23.37
CA VAL M 291 -5.99 16.07 22.41
C VAL M 291 -7.18 16.97 22.68
N ALA M 292 -8.13 17.01 21.75
CA ALA M 292 -9.45 17.60 21.97
C ALA M 292 -10.44 17.07 20.94
N SER M 293 -11.72 17.23 21.27
CA SER M 293 -12.81 16.87 20.37
C SER M 293 -13.70 18.09 20.22
N ALA M 294 -13.92 18.52 18.99
CA ALA M 294 -14.69 19.75 18.81
C ALA M 294 -16.19 19.45 18.92
N HIS M 295 -16.99 20.51 18.90
CA HIS M 295 -18.41 20.40 19.24
C HIS M 295 -19.31 20.42 18.01
N GLY M 296 -19.05 21.35 17.08
CA GLY M 296 -19.98 21.54 15.99
C GLY M 296 -19.90 20.44 14.95
N SER M 297 -20.96 20.33 14.15
CA SER M 297 -20.98 19.31 13.12
C SER M 297 -20.05 19.71 11.98
N SER M 298 -19.64 18.69 11.21
CA SER M 298 -18.57 18.55 10.22
C SER M 298 -17.18 18.54 10.85
N ALA M 299 -17.06 18.68 12.17
CA ALA M 299 -15.80 18.45 12.87
C ALA M 299 -15.79 16.98 13.25
N HIS M 300 -15.08 16.18 12.46
CA HIS M 300 -15.24 14.73 12.47
C HIS M 300 -14.03 14.02 13.05
N ASP M 301 -13.22 14.71 13.85
CA ASP M 301 -11.89 14.22 14.09
C ASP M 301 -11.32 14.78 15.38
N LEU M 302 -10.68 13.93 16.15
CA LEU M 302 -9.92 14.40 17.30
C LEU M 302 -8.68 15.12 16.85
N TYR M 303 -8.18 16.03 17.67
CA TYR M 303 -7.00 16.79 17.29
C TYR M 303 -5.84 16.36 18.18
N LEU M 304 -4.63 16.72 17.79
CA LEU M 304 -3.48 16.60 18.67
C LEU M 304 -2.75 17.93 18.69
N TRP M 305 -2.02 18.18 19.78
CA TRP M 305 -1.12 19.33 19.81
C TRP M 305 0.14 19.00 20.57
N GLU M 306 1.28 19.37 20.01
CA GLU M 306 2.53 19.43 20.75
C GLU M 306 2.39 20.52 21.80
N THR M 307 2.46 20.13 23.06
CA THR M 307 2.09 21.03 24.14
C THR M 307 3.13 22.11 24.42
N SER M 308 4.31 22.01 23.84
CA SER M 308 5.34 23.04 23.98
C SER M 308 5.31 24.02 22.81
N SER M 309 5.38 23.52 21.58
CA SER M 309 5.42 24.41 20.43
C SER M 309 4.05 25.02 20.16
N GLY M 310 3.00 24.21 20.26
CA GLY M 310 1.65 24.71 20.13
C GLY M 310 0.94 24.38 18.84
N SER M 311 1.64 23.80 17.86
CA SER M 311 1.10 23.62 16.54
C SER M 311 0.19 22.40 16.47
N LEU M 312 -0.77 22.45 15.56
CA LEU M 312 -1.57 21.28 15.22
C LEU M 312 -0.67 20.30 14.50
N VAL M 313 -0.30 19.22 15.18
CA VAL M 313 0.68 18.29 14.63
C VAL M 313 0.05 17.07 13.97
N ARG M 314 -1.08 16.58 14.47
CA ARG M 314 -1.71 15.42 13.86
C ARG M 314 -3.19 15.47 14.17
N VAL M 315 -3.96 14.76 13.35
CA VAL M 315 -5.41 14.75 13.44
C VAL M 315 -5.85 13.31 13.30
N LEU M 316 -6.66 12.84 14.24
CA LEU M 316 -7.14 11.47 14.22
C LEU M 316 -8.34 11.40 13.28
N GLU M 317 -8.04 11.31 11.98
CA GLU M 317 -9.06 11.33 10.94
C GLU M 317 -9.55 9.90 10.68
N GLY M 318 -10.47 9.48 11.53
CA GLY M 318 -11.02 8.14 11.36
C GLY M 318 -12.53 8.09 11.35
N ALA M 319 -13.17 9.14 11.86
CA ALA M 319 -14.58 9.01 12.18
C ALA M 319 -15.45 9.58 11.06
N ASP M 320 -16.76 9.58 11.32
CA ASP M 320 -17.74 10.18 10.45
C ASP M 320 -18.71 11.10 11.18
N GLU M 321 -18.63 11.18 12.51
CA GLU M 321 -19.61 11.91 13.29
C GLU M 321 -18.87 12.87 14.21
N GLU M 322 -19.61 13.50 15.11
CA GLU M 322 -18.97 14.31 16.15
C GLU M 322 -18.75 13.46 17.39
N LEU M 323 -17.54 13.55 17.95
CA LEU M 323 -17.09 12.69 19.04
C LEU M 323 -17.21 13.45 20.35
N LEU M 324 -17.88 12.87 21.32
CA LEU M 324 -18.19 13.64 22.51
C LEU M 324 -17.18 13.50 23.63
N ASP M 325 -17.01 12.30 24.19
CA ASP M 325 -16.09 12.10 25.30
C ASP M 325 -14.85 11.40 24.77
N ILE M 326 -13.88 11.21 25.65
CA ILE M 326 -12.58 10.69 25.24
C ILE M 326 -11.97 9.93 26.41
N ASP M 327 -11.08 8.99 26.12
CA ASP M 327 -10.23 8.36 27.12
C ASP M 327 -8.95 7.86 26.49
N TRP M 328 -7.85 8.02 27.21
CA TRP M 328 -6.52 7.59 26.77
C TRP M 328 -5.95 6.73 27.88
N ASN M 329 -6.05 5.41 27.75
CA ASN M 329 -5.29 4.52 28.61
C ASN M 329 -3.90 4.39 28.01
N PHE M 330 -2.89 4.30 28.87
CA PHE M 330 -1.54 4.47 28.36
C PHE M 330 -0.90 3.14 28.04
N TYR M 331 -1.49 2.04 28.51
CA TYR M 331 -0.92 0.73 28.26
C TYR M 331 -1.19 0.29 26.83
N SER M 332 -2.47 0.24 26.45
CA SER M 332 -2.84 -0.21 25.13
C SER M 332 -2.78 0.91 24.10
N MET M 333 -2.57 2.15 24.56
CA MET M 333 -2.45 3.37 23.75
C MET M 333 -3.66 3.57 22.84
N ARG M 334 -4.83 3.43 23.43
CA ARG M 334 -6.06 3.54 22.68
C ARG M 334 -6.76 4.85 22.99
N ILE M 335 -7.57 5.29 22.03
CA ILE M 335 -8.47 6.42 22.23
C ILE M 335 -9.89 5.93 22.03
N ALA M 336 -10.65 5.81 23.10
CA ALA M 336 -12.06 5.48 23.00
C ALA M 336 -12.87 6.77 23.02
N SER M 337 -13.87 6.82 22.16
CA SER M 337 -14.68 8.02 22.00
C SER M 337 -16.00 7.64 21.37
N ASN M 338 -17.08 8.05 22.02
CA ASN M 338 -18.42 7.84 21.51
C ASN M 338 -18.72 8.89 20.45
N GLY M 339 -18.91 8.42 19.21
CA GLY M 339 -19.52 9.26 18.20
C GLY M 339 -20.95 9.52 18.61
N PHE M 340 -21.25 10.78 18.94
CA PHE M 340 -22.45 11.12 19.69
C PHE M 340 -23.71 10.96 18.84
N GLU M 341 -23.58 11.05 17.53
CA GLU M 341 -24.72 11.04 16.64
C GLU M 341 -25.28 9.62 16.48
N SER M 342 -24.43 8.68 16.07
CA SER M 342 -24.87 7.30 15.96
C SER M 342 -24.92 6.61 17.31
N GLY M 343 -23.91 6.83 18.16
CA GLY M 343 -23.84 6.17 19.45
C GLY M 343 -22.68 5.21 19.57
N TRP M 344 -22.01 4.88 18.47
CA TRP M 344 -20.99 3.86 18.49
C TRP M 344 -19.67 4.41 19.04
N VAL M 345 -18.95 3.54 19.73
CA VAL M 345 -17.68 3.90 20.36
C VAL M 345 -16.61 3.71 19.30
N TYR M 346 -16.11 4.82 18.76
CA TYR M 346 -14.94 4.75 17.91
C TYR M 346 -13.71 4.44 18.75
N MET M 347 -12.78 3.69 18.17
CA MET M 347 -11.57 3.34 18.90
C MET M 347 -10.37 3.35 17.98
N TRP M 348 -9.31 3.99 18.45
CA TRP M 348 -8.03 4.04 17.78
C TRP M 348 -7.09 3.08 18.48
N SER M 349 -6.14 2.54 17.73
CA SER M 349 -5.14 1.65 18.28
C SER M 349 -3.86 1.76 17.47
N ILE M 350 -2.72 1.64 18.14
CA ILE M 350 -1.43 1.54 17.48
C ILE M 350 -1.39 0.19 16.80
N VAL M 351 -1.40 0.19 15.47
CA VAL M 351 -1.26 -1.06 14.74
C VAL M 351 0.18 -1.51 14.82
N ILE M 352 0.38 -2.82 14.70
CA ILE M 352 1.70 -3.39 14.49
C ILE M 352 1.59 -4.21 13.21
N PRO M 353 2.36 -3.88 12.17
CA PRO M 353 2.35 -4.70 10.95
C PRO M 353 3.03 -6.03 11.21
N PRO M 354 2.68 -7.09 10.46
CA PRO M 354 3.29 -8.40 10.71
C PRO M 354 4.73 -8.46 10.26
N LYS M 355 5.45 -9.49 10.68
CA LYS M 355 6.85 -9.61 10.32
C LYS M 355 7.15 -11.04 9.87
N TRP M 356 7.63 -11.16 8.65
CA TRP M 356 8.14 -12.42 8.14
C TRP M 356 9.54 -12.74 8.64
N SER M 357 10.18 -11.80 9.36
CA SER M 357 11.49 -11.99 9.96
C SER M 357 11.48 -13.01 11.08
N ALA M 358 10.29 -13.31 11.62
CA ALA M 358 10.11 -14.34 12.62
C ALA M 358 9.65 -15.67 12.03
N LEU M 359 9.77 -15.88 10.71
CA LEU M 359 9.46 -17.19 10.16
C LEU M 359 10.56 -18.18 10.49
N ALA M 360 11.78 -17.88 10.07
CA ALA M 360 13.00 -18.55 10.48
C ALA M 360 13.73 -17.66 11.48
N PRO M 361 14.64 -18.19 12.32
CA PRO M 361 15.36 -17.33 13.26
C PRO M 361 16.38 -16.37 12.65
N ASP M 362 16.65 -16.45 11.35
CA ASP M 362 17.41 -15.42 10.68
C ASP M 362 16.78 -15.07 9.33
N PHE M 363 15.86 -14.11 9.35
CA PHE M 363 15.57 -13.34 8.16
C PHE M 363 15.96 -11.90 8.46
N GLU M 364 15.75 -11.03 7.48
CA GLU M 364 15.97 -9.60 7.68
C GLU M 364 15.12 -8.84 6.67
N GLU M 365 14.49 -7.77 7.13
CA GLU M 365 13.62 -6.94 6.30
C GLU M 365 14.30 -5.60 6.08
N VAL M 366 15.18 -5.55 5.09
CA VAL M 366 15.87 -4.31 4.75
C VAL M 366 15.01 -3.58 3.73
N GLU M 367 14.83 -2.27 3.92
CA GLU M 367 13.95 -1.47 3.07
C GLU M 367 14.57 -1.05 1.75
N GLU M 368 15.82 -1.42 1.48
CA GLU M 368 16.50 -0.92 0.29
C GLU M 368 17.42 -2.02 -0.22
N ASN M 369 17.75 -1.98 -1.51
CA ASN M 369 18.67 -2.95 -2.08
C ASN M 369 20.08 -2.59 -1.62
N ILE M 370 20.57 -3.32 -0.62
CA ILE M 370 21.85 -3.00 0.00
C ILE M 370 23.00 -3.50 -0.86
N ASP M 371 24.05 -2.68 -0.97
CA ASP M 371 25.28 -3.08 -1.66
C ASP M 371 26.26 -3.69 -0.65
N TYR M 372 26.05 -4.98 -0.41
CA TYR M 372 26.88 -5.75 0.51
C TYR M 372 28.28 -5.92 -0.06
N GLN M 373 29.28 -5.58 0.74
CA GLN M 373 30.67 -5.71 0.31
C GLN M 373 31.10 -7.17 0.29
N GLU M 374 32.06 -7.48 -0.58
CA GLU M 374 32.40 -8.86 -0.87
C GLU M 374 33.60 -9.26 -0.03
N LYS M 375 33.38 -10.16 0.93
CA LYS M 375 34.43 -10.57 1.84
C LYS M 375 35.14 -11.83 1.33
N GLU M 376 36.06 -12.32 2.16
CA GLU M 376 36.90 -13.45 1.77
C GLU M 376 36.14 -14.77 1.92
N ASN M 377 35.14 -14.81 2.81
CA ASN M 377 34.52 -16.04 3.28
C ASN M 377 33.70 -16.74 2.22
N GLU M 378 33.31 -16.03 1.16
CA GLU M 378 32.35 -16.52 0.16
C GLU M 378 32.89 -17.67 -0.69
N PHE M 379 34.21 -17.85 -0.74
CA PHE M 379 34.81 -18.92 -1.51
C PHE M 379 35.46 -19.99 -0.64
N ASP M 380 35.50 -19.80 0.67
CA ASP M 380 35.95 -20.88 1.55
C ASP M 380 34.86 -21.93 1.69
N ILE M 381 35.28 -23.15 2.02
CA ILE M 381 34.34 -24.26 2.10
C ILE M 381 33.98 -24.59 3.54
N GLU M 395 27.82 -22.35 29.00
CA GLU M 395 27.01 -21.15 29.23
C GLU M 395 27.28 -20.56 30.61
N GLU M 396 26.42 -20.94 31.58
CA GLU M 396 26.47 -20.52 32.99
C GLU M 396 26.36 -19.00 33.14
N ILE M 397 25.27 -18.42 32.66
CA ILE M 397 24.90 -17.06 33.02
C ILE M 397 24.03 -17.17 34.27
N ALA M 398 23.80 -16.04 34.96
CA ALA M 398 22.90 -16.03 36.10
C ALA M 398 21.46 -16.25 35.65
N ILE M 399 20.75 -17.13 36.37
CA ILE M 399 19.40 -17.55 36.01
C ILE M 399 18.50 -17.28 37.21
N ASP M 400 17.45 -16.48 37.01
CA ASP M 400 16.49 -16.19 38.04
C ASP M 400 15.09 -16.52 37.54
N LEU M 401 14.30 -17.12 38.43
CA LEU M 401 12.99 -17.65 38.06
C LEU M 401 11.86 -17.11 38.93
N CYS M 402 12.16 -16.21 39.86
CA CYS M 402 11.21 -15.85 40.91
C CYS M 402 10.56 -14.50 40.72
N THR M 403 11.30 -13.48 40.31
CA THR M 403 10.78 -12.12 40.24
C THR M 403 9.87 -11.95 39.03
N PRO M 404 8.82 -11.15 39.11
CA PRO M 404 8.10 -10.75 37.89
C PRO M 404 8.83 -9.64 37.16
N GLU M 405 8.20 -9.14 36.11
CA GLU M 405 8.76 -8.01 35.40
C GLU M 405 8.56 -6.73 36.21
N LYS M 406 9.40 -5.75 35.94
CA LYS M 406 9.39 -4.51 36.70
C LYS M 406 9.03 -3.28 35.87
N TYR M 407 9.49 -3.21 34.62
CA TYR M 407 9.18 -2.10 33.73
C TYR M 407 8.97 -2.65 32.33
N ASP M 408 7.91 -2.21 31.67
CA ASP M 408 7.66 -2.61 30.30
C ASP M 408 8.48 -1.75 29.34
N VAL M 409 8.19 -1.88 28.04
CA VAL M 409 8.86 -1.05 27.04
C VAL M 409 8.35 0.38 27.12
N ARG M 410 7.10 0.56 27.52
CA ARG M 410 6.56 1.91 27.69
C ARG M 410 7.10 2.58 28.94
N GLY M 411 7.58 1.81 29.92
CA GLY M 411 8.05 2.41 31.15
C GLY M 411 6.90 2.83 32.03
N ASN M 412 6.10 1.87 32.47
CA ASN M 412 4.89 2.13 33.22
C ASN M 412 5.07 1.70 34.67
N ASP M 413 3.97 1.74 35.41
CA ASP M 413 3.95 1.30 36.80
C ASP M 413 3.44 -0.08 36.40
N ILE M 414 4.26 -1.07 36.41
CA ILE M 414 3.90 -2.44 36.06
C ILE M 414 4.70 -3.03 37.21
N SER M 415 4.42 -4.31 37.52
CA SER M 415 4.67 -5.12 38.74
C SER M 415 3.65 -4.85 39.83
N MET M 416 2.48 -4.33 39.46
CA MET M 416 1.30 -4.37 40.32
C MET M 416 0.31 -5.28 39.62
N PRO M 417 0.17 -6.54 40.05
CA PRO M 417 -0.80 -7.45 39.43
C PRO M 417 -2.22 -7.00 39.75
N SER M 418 -2.92 -6.55 38.70
CA SER M 418 -4.14 -5.78 38.85
C SER M 418 -5.30 -6.64 39.33
N PHE M 419 -6.35 -5.97 39.79
CA PHE M 419 -7.61 -6.63 40.13
C PHE M 419 -8.24 -7.08 38.83
N VAL M 420 -8.07 -8.37 38.54
CA VAL M 420 -8.80 -8.97 37.44
C VAL M 420 -10.28 -8.99 37.79
N ILE M 421 -11.09 -8.50 36.88
CA ILE M 421 -12.54 -8.58 37.05
C ILE M 421 -12.89 -10.05 36.84
N PRO M 422 -13.47 -10.72 37.83
CA PRO M 422 -13.89 -12.10 37.60
C PRO M 422 -15.12 -12.13 36.72
N ILE M 423 -15.20 -13.14 35.85
CA ILE M 423 -16.40 -13.31 35.06
C ILE M 423 -17.50 -13.85 35.97
N ASP M 424 -18.74 -13.72 35.51
CA ASP M 424 -19.88 -14.09 36.36
C ASP M 424 -19.98 -15.60 36.52
N TYR M 425 -19.36 -16.11 37.58
CA TYR M 425 -19.39 -17.53 37.94
C TYR M 425 -20.50 -17.83 38.94
N GLU M 426 -21.57 -17.03 38.91
CA GLU M 426 -22.83 -17.31 39.60
C GLU M 426 -23.90 -17.82 38.67
N GLY M 427 -23.85 -17.43 37.40
CA GLY M 427 -24.90 -17.74 36.45
C GLY M 427 -24.41 -18.02 35.04
N VAL M 428 -23.19 -18.54 34.93
CA VAL M 428 -22.56 -18.79 33.63
C VAL M 428 -23.23 -19.97 32.94
N ILE M 429 -23.79 -20.89 33.73
CA ILE M 429 -24.48 -22.07 33.20
C ILE M 429 -25.80 -21.67 32.55
N ILE M 430 -26.41 -20.59 33.05
CA ILE M 430 -27.67 -20.08 32.52
C ILE M 430 -27.48 -19.47 31.14
N GLN M 431 -26.31 -18.86 30.87
CA GLN M 431 -26.08 -17.97 29.72
C GLN M 431 -26.23 -18.55 28.32
N GLN M 432 -26.48 -19.86 28.21
CA GLN M 432 -27.06 -20.39 26.97
C GLN M 432 -28.55 -20.09 26.88
N HIS M 433 -29.26 -20.11 28.00
CA HIS M 433 -30.71 -19.92 28.03
C HIS M 433 -31.02 -18.53 28.58
N TRP M 434 -31.45 -17.64 27.68
CA TRP M 434 -32.27 -16.45 27.99
C TRP M 434 -31.53 -15.44 28.89
N ALA M 435 -30.40 -14.96 28.37
CA ALA M 435 -29.57 -13.88 28.93
C ALA M 435 -29.09 -14.12 30.37
N THR N 1 18.65 -16.56 -12.74
CA THR N 1 17.49 -16.90 -11.92
C THR N 1 16.40 -15.82 -11.97
N MET N 2 15.21 -16.29 -12.38
CA MET N 2 13.92 -15.60 -12.28
C MET N 2 13.78 -14.31 -13.11
N GLN N 3 14.77 -13.99 -13.94
CA GLN N 3 14.82 -12.81 -14.83
C GLN N 3 14.57 -11.47 -14.14
N LYS O 195 -28.36 -32.71 55.43
CA LYS O 195 -27.31 -31.76 55.09
C LYS O 195 -27.57 -31.14 53.72
N LEU O 196 -27.27 -31.92 52.67
CA LEU O 196 -27.41 -31.55 51.25
C LEU O 196 -26.64 -30.27 50.92
N SER O 197 -25.40 -30.19 51.40
CA SER O 197 -24.51 -29.01 51.40
C SER O 197 -24.06 -28.55 50.00
N LYS O 198 -24.44 -29.19 48.89
CA LYS O 198 -24.08 -28.73 47.56
C LYS O 198 -25.21 -28.04 46.82
N LEU O 199 -26.47 -28.27 47.23
CA LEU O 199 -27.63 -27.63 46.63
C LEU O 199 -28.21 -26.51 47.47
N ASN O 200 -28.19 -26.65 48.81
CA ASN O 200 -28.94 -25.75 49.70
C ASN O 200 -28.34 -24.34 49.72
N GLU O 201 -27.08 -24.20 49.32
CA GLU O 201 -26.46 -22.90 49.08
C GLU O 201 -27.16 -22.15 47.96
N GLU O 202 -27.64 -22.88 46.94
CA GLU O 202 -28.50 -22.24 45.95
C GLU O 202 -29.88 -21.98 46.51
N ASP O 203 -30.43 -22.95 47.24
CA ASP O 203 -31.79 -22.78 47.74
C ASP O 203 -31.84 -21.90 48.98
N ALA O 204 -30.69 -21.50 49.52
CA ALA O 204 -30.66 -20.30 50.35
C ALA O 204 -30.77 -19.06 49.50
N VAL O 205 -30.09 -19.03 48.35
CA VAL O 205 -30.03 -17.79 47.57
C VAL O 205 -31.10 -17.74 46.48
N ILE O 206 -31.74 -18.85 46.14
CA ILE O 206 -32.95 -18.77 45.33
C ILE O 206 -34.10 -18.25 46.19
N GLU O 207 -34.13 -18.68 47.45
CA GLU O 207 -35.17 -18.25 48.39
C GLU O 207 -34.84 -16.87 48.98
N LYS O 208 -33.58 -16.42 48.85
CA LYS O 208 -33.20 -15.06 49.22
C LYS O 208 -33.89 -14.02 48.33
N TYR O 209 -34.14 -14.39 47.07
CA TYR O 209 -35.00 -13.60 46.19
C TYR O 209 -36.43 -13.54 46.72
N VAL O 210 -36.91 -14.62 47.32
CA VAL O 210 -38.28 -14.67 47.79
C VAL O 210 -38.45 -13.92 49.10
N ASN O 211 -37.52 -14.12 50.05
CA ASN O 211 -37.70 -13.59 51.40
C ASN O 211 -36.71 -12.48 51.75
N TRP O 212 -35.41 -12.69 51.55
CA TRP O 212 -34.43 -11.69 51.99
C TRP O 212 -34.44 -10.47 51.05
N ILE O 213 -34.65 -10.70 49.75
CA ILE O 213 -35.01 -9.58 48.88
C ILE O 213 -36.43 -9.13 49.20
N GLY O 214 -37.31 -10.10 49.47
CA GLY O 214 -38.71 -9.89 49.80
C GLY O 214 -38.98 -9.05 51.04
N GLU O 215 -38.49 -9.45 52.22
CA GLU O 215 -38.82 -8.63 53.41
C GLU O 215 -37.96 -7.33 53.52
N VAL O 216 -37.18 -6.92 52.52
CA VAL O 216 -36.58 -5.59 52.47
C VAL O 216 -37.19 -4.76 51.33
N ASN O 217 -37.25 -5.33 50.13
CA ASN O 217 -37.74 -4.55 48.99
C ASN O 217 -39.26 -4.53 48.87
N GLU O 218 -40.01 -5.14 49.80
CA GLU O 218 -41.45 -4.91 49.84
C GLU O 218 -41.75 -3.51 50.34
N ARG O 219 -40.88 -2.97 51.20
CA ARG O 219 -41.11 -1.67 51.81
C ARG O 219 -40.74 -0.50 50.92
N LEU O 220 -40.30 -0.75 49.68
CA LEU O 220 -40.16 0.32 48.71
C LEU O 220 -41.52 0.84 48.25
N SER O 221 -42.52 -0.05 48.20
CA SER O 221 -43.85 0.38 47.80
C SER O 221 -44.60 1.22 48.85
N PRO O 222 -44.40 1.04 50.16
CA PRO O 222 -44.76 2.12 51.10
C PRO O 222 -43.72 3.21 51.27
N HIS O 223 -42.70 3.30 50.41
CA HIS O 223 -41.86 4.50 50.39
C HIS O 223 -42.33 5.52 49.37
N PHE O 224 -43.32 5.17 48.53
CA PHE O 224 -44.08 6.17 47.81
C PHE O 224 -45.02 6.94 48.72
N ASN O 225 -45.42 6.34 49.84
CA ASN O 225 -46.44 6.83 50.76
C ASN O 225 -45.97 7.98 51.66
N GLN O 226 -44.85 8.69 51.40
CA GLN O 226 -44.50 9.81 52.28
C GLN O 226 -45.36 11.05 52.06
N PRO O 227 -45.49 11.66 50.80
CA PRO O 227 -46.36 12.85 50.70
C PRO O 227 -47.84 12.53 50.86
N THR O 228 -48.34 11.64 50.00
CA THR O 228 -49.73 11.24 49.98
C THR O 228 -49.75 9.80 49.46
N GLY O 229 -50.92 9.18 49.54
CA GLY O 229 -51.09 7.82 49.04
C GLY O 229 -50.48 7.43 47.71
N TRP O 290 -43.13 14.89 37.89
CA TRP O 290 -42.76 13.52 38.22
C TRP O 290 -41.23 13.37 38.23
N ILE O 291 -40.52 14.41 37.79
CA ILE O 291 -39.05 14.40 37.88
C ILE O 291 -38.61 14.51 39.34
N THR O 292 -39.43 15.15 40.17
CA THR O 292 -39.42 14.84 41.59
C THR O 292 -40.16 13.52 41.80
N LEU O 293 -39.46 12.55 42.43
CA LEU O 293 -39.96 11.21 42.75
C LEU O 293 -40.40 10.46 41.49
N SER O 294 -39.43 10.06 40.67
CA SER O 294 -39.70 9.25 39.49
C SER O 294 -39.56 7.76 39.78
N GLN O 295 -39.84 7.37 41.03
CA GLN O 295 -39.62 6.00 41.48
C GLN O 295 -40.83 5.10 41.29
N ASN O 296 -41.82 5.55 40.51
CA ASN O 296 -43.06 4.77 40.39
C ASN O 296 -42.92 3.67 39.35
N ASP O 297 -42.18 3.92 38.27
CA ASP O 297 -42.02 2.92 37.23
C ASP O 297 -41.01 1.84 37.62
N LEU O 298 -40.16 2.09 38.63
CA LEU O 298 -39.22 1.05 39.05
C LEU O 298 -39.87 0.03 39.99
N SER O 299 -41.16 0.16 40.27
CA SER O 299 -41.93 -0.95 40.80
C SER O 299 -42.20 -2.02 39.76
N GLU O 300 -42.07 -1.70 38.46
CA GLU O 300 -42.20 -2.70 37.40
C GLU O 300 -41.20 -2.57 36.26
N GLN O 301 -40.17 -1.73 36.38
CA GLN O 301 -39.07 -1.70 35.41
C GLN O 301 -37.75 -2.13 36.03
N LYS O 302 -37.44 -1.68 37.24
CA LYS O 302 -36.33 -2.28 37.96
C LYS O 302 -36.78 -3.58 38.62
N ASP O 303 -38.06 -3.71 38.92
CA ASP O 303 -38.60 -5.00 39.30
C ASP O 303 -39.13 -5.79 38.12
N SER O 304 -38.83 -5.35 36.89
CA SER O 304 -39.13 -6.17 35.71
C SER O 304 -38.25 -7.40 35.68
N LEU O 305 -36.97 -7.23 36.01
CA LEU O 305 -36.07 -8.37 36.13
C LEU O 305 -36.39 -9.22 37.36
N GLU O 306 -37.01 -8.62 38.37
CA GLU O 306 -37.38 -9.37 39.57
C GLU O 306 -38.52 -10.35 39.28
N ASN O 307 -39.46 -9.96 38.42
CA ASN O 307 -40.52 -10.89 38.02
C ASN O 307 -40.10 -11.79 36.88
N VAL O 308 -38.97 -11.48 36.21
CA VAL O 308 -38.37 -12.37 35.22
C VAL O 308 -37.22 -13.16 35.87
N LYS O 309 -36.93 -12.88 37.16
CA LYS O 309 -36.01 -13.73 37.92
C LYS O 309 -36.59 -15.10 38.21
N ARG O 310 -37.91 -15.27 38.12
CA ARG O 310 -38.52 -16.59 38.26
C ARG O 310 -38.21 -17.48 37.07
N ARG O 311 -37.87 -16.89 35.91
CA ARG O 311 -37.44 -17.69 34.77
C ARG O 311 -36.07 -18.31 35.01
N LEU O 312 -35.24 -17.67 35.84
CA LEU O 312 -33.87 -18.11 36.06
C LEU O 312 -33.63 -18.74 37.44
N ASP O 313 -34.40 -18.36 38.46
CA ASP O 313 -34.14 -18.88 39.80
C ASP O 313 -34.60 -20.33 39.93
N LEU O 314 -35.60 -20.74 39.16
CA LEU O 314 -35.88 -22.16 39.08
C LEU O 314 -34.95 -22.87 38.11
N LEU O 315 -34.32 -22.13 37.19
CA LEU O 315 -33.34 -22.73 36.30
C LEU O 315 -32.05 -23.04 37.06
N ILE O 316 -31.75 -22.26 38.10
CA ILE O 316 -30.73 -22.68 39.05
C ILE O 316 -31.27 -23.81 39.91
N SER O 317 -32.54 -23.79 40.22
CA SER O 317 -33.11 -24.85 41.04
C SER O 317 -33.44 -26.11 40.25
N VAL O 318 -33.17 -26.24 38.95
CA VAL O 318 -33.33 -27.53 38.27
C VAL O 318 -31.99 -28.07 37.78
N ARG O 319 -30.87 -27.56 38.28
CA ARG O 319 -29.61 -28.22 37.96
C ARG O 319 -29.46 -29.50 38.76
N THR O 320 -29.96 -29.52 40.00
CA THR O 320 -29.91 -30.73 40.80
C THR O 320 -31.01 -31.70 40.40
N ASN O 321 -32.05 -31.20 39.73
CA ASN O 321 -33.00 -32.08 39.06
C ASN O 321 -32.34 -32.81 37.90
N GLN O 322 -31.33 -32.19 37.28
CA GLN O 322 -30.50 -32.92 36.33
C GLN O 322 -29.44 -33.75 37.05
N LEU O 323 -29.04 -33.34 38.26
CA LEU O 323 -27.86 -33.92 38.87
C LEU O 323 -28.18 -35.10 39.78
N ARG O 324 -29.27 -35.01 40.57
CA ARG O 324 -29.61 -36.09 41.50
C ARG O 324 -30.18 -37.30 40.75
N ILE O 325 -30.68 -37.07 39.54
CA ILE O 325 -31.04 -38.18 38.66
C ILE O 325 -29.83 -38.67 37.86
N SER O 326 -28.70 -37.94 37.90
CA SER O 326 -27.50 -38.35 37.19
C SER O 326 -26.59 -39.25 38.01
N PHE O 327 -26.96 -39.57 39.26
CA PHE O 327 -26.38 -40.69 39.99
C PHE O 327 -27.39 -41.20 41.01
N SER P 2 28.12 -15.94 -44.57
CA SER P 2 27.00 -15.14 -45.05
C SER P 2 27.39 -13.67 -45.19
N VAL P 3 28.30 -13.23 -44.34
CA VAL P 3 28.71 -11.83 -44.29
C VAL P 3 30.03 -11.65 -45.03
N PRO P 4 30.28 -10.49 -45.64
CA PRO P 4 31.58 -10.25 -46.26
C PRO P 4 32.62 -9.78 -45.25
N VAL P 5 33.87 -9.77 -45.72
CA VAL P 5 34.94 -9.20 -44.90
C VAL P 5 34.81 -7.69 -44.87
N ILE P 6 35.34 -7.08 -43.82
CA ILE P 6 35.16 -5.66 -43.56
C ILE P 6 36.36 -4.88 -44.09
N PRO P 7 36.15 -3.85 -44.93
CA PRO P 7 37.29 -3.08 -45.49
C PRO P 7 38.02 -2.19 -44.50
N TYR P 8 38.96 -1.40 -45.02
CA TYR P 8 39.84 -0.56 -44.23
C TYR P 8 39.25 0.84 -44.10
N LEU P 9 39.57 1.50 -42.98
CA LEU P 9 39.04 2.81 -42.65
C LEU P 9 40.19 3.81 -42.56
N ASP P 10 39.88 5.01 -42.05
CA ASP P 10 40.80 6.15 -42.14
C ASP P 10 42.01 5.99 -41.23
N TYR P 11 41.87 5.25 -40.14
CA TYR P 11 43.00 4.97 -39.26
C TYR P 11 43.68 3.65 -39.61
N ASP P 12 43.17 2.94 -40.62
CA ASP P 12 43.70 1.61 -40.93
C ASP P 12 44.96 1.71 -41.80
N ILE P 13 44.87 2.40 -42.94
CA ILE P 13 46.05 2.61 -43.77
C ILE P 13 46.81 3.82 -43.24
N VAL P 14 47.97 3.58 -42.65
CA VAL P 14 48.69 4.57 -41.85
C VAL P 14 49.86 5.10 -42.66
N ASP P 15 50.09 6.42 -42.57
CA ASP P 15 51.19 7.11 -43.25
C ASP P 15 52.52 6.74 -42.57
N LEU P 16 53.64 7.05 -43.22
CA LEU P 16 54.99 6.80 -42.71
C LEU P 16 55.27 7.60 -41.45
N GLY P 17 55.09 8.92 -41.51
CA GLY P 17 55.32 9.76 -40.36
C GLY P 17 54.25 9.72 -39.31
N SER P 18 53.08 9.14 -39.65
CA SER P 18 52.04 8.93 -38.66
C SER P 18 52.43 7.78 -37.74
N ASP P 19 52.92 8.12 -36.54
CA ASP P 19 53.27 7.13 -35.53
C ASP P 19 52.13 6.81 -34.60
N ILE P 20 50.88 6.92 -35.09
CA ILE P 20 49.72 6.50 -34.33
C ILE P 20 49.74 4.99 -34.16
N LYS P 21 49.15 4.51 -33.07
CA LYS P 21 49.20 3.09 -32.80
C LYS P 21 47.97 2.39 -33.37
N LYS P 22 48.16 1.14 -33.78
CA LYS P 22 47.22 0.53 -34.72
C LYS P 22 45.93 0.04 -34.05
N PRO P 23 45.94 -0.62 -32.84
CA PRO P 23 44.69 -0.60 -32.06
C PRO P 23 44.67 0.56 -31.07
N ASP P 24 43.50 1.06 -30.70
CA ASP P 24 43.45 2.26 -29.88
C ASP P 24 43.73 1.93 -28.43
N PHE P 25 44.51 2.80 -27.78
CA PHE P 25 45.12 2.58 -26.48
C PHE P 25 44.05 2.48 -25.40
N PRO P 26 44.19 1.55 -24.42
CA PRO P 26 43.31 1.59 -23.25
C PRO P 26 43.66 2.79 -22.38
N GLN P 27 42.84 3.83 -22.48
CA GLN P 27 43.24 5.15 -22.02
C GLN P 27 43.15 5.25 -20.50
N LEU P 28 44.08 6.02 -19.92
CA LEU P 28 44.31 6.00 -18.48
C LEU P 28 43.50 7.06 -17.77
N SER P 29 42.86 6.70 -16.67
CA SER P 29 42.02 7.60 -15.90
C SER P 29 42.14 7.27 -14.42
N GLU P 30 42.14 8.31 -13.59
CA GLU P 30 42.54 8.20 -12.18
C GLU P 30 41.51 7.45 -11.35
N SER P 31 41.94 6.33 -10.76
CA SER P 31 41.07 5.49 -9.94
C SER P 31 41.28 5.69 -8.45
N HIS P 32 42.47 5.41 -7.95
CA HIS P 32 42.79 5.53 -6.53
C HIS P 32 44.28 5.75 -6.40
N ARG P 33 44.73 5.93 -5.16
CA ARG P 33 46.10 6.32 -4.85
C ARG P 33 46.71 5.39 -3.79
N ILE P 34 47.13 4.22 -4.24
CA ILE P 34 47.68 3.21 -3.35
C ILE P 34 49.17 3.08 -3.66
N ASN P 35 49.94 2.79 -2.61
CA ASN P 35 51.41 2.78 -2.55
C ASN P 35 52.09 4.10 -2.82
N GLU P 36 51.32 5.22 -2.66
CA GLU P 36 51.63 6.62 -3.05
C GLU P 36 51.85 6.77 -4.56
N GLN P 37 51.15 5.99 -5.37
CA GLN P 37 51.18 6.07 -6.81
C GLN P 37 49.74 6.28 -7.25
N GLN P 38 49.56 6.73 -8.48
CA GLN P 38 48.23 6.91 -9.05
C GLN P 38 48.04 5.74 -10.00
N TYR P 39 47.04 4.92 -9.73
CA TYR P 39 46.71 3.80 -10.58
C TYR P 39 45.60 4.22 -11.55
N TYR P 40 45.53 3.52 -12.69
CA TYR P 40 44.72 3.99 -13.79
C TYR P 40 43.92 2.84 -14.38
N ILE P 41 42.76 3.17 -14.95
CA ILE P 41 41.80 2.20 -15.43
C ILE P 41 41.87 2.14 -16.95
N THR P 42 41.12 1.20 -17.53
CA THR P 42 40.86 1.15 -18.97
C THR P 42 39.40 1.51 -19.21
N GLU P 43 39.16 2.53 -20.03
CA GLU P 43 37.82 3.12 -20.14
C GLU P 43 36.97 2.57 -21.28
N ASP P 44 37.40 2.67 -22.53
CA ASP P 44 36.51 2.40 -23.65
C ASP P 44 36.75 1.05 -24.31
N THR P 45 37.61 0.20 -23.77
CA THR P 45 37.85 -1.06 -24.46
C THR P 45 36.77 -2.08 -24.08
N PRO P 46 36.49 -3.04 -24.97
CA PRO P 46 35.59 -4.13 -24.60
C PRO P 46 36.27 -5.14 -23.68
N LEU P 47 35.44 -5.81 -22.88
CA LEU P 47 35.88 -6.73 -21.85
C LEU P 47 35.18 -8.08 -22.06
N ASN P 48 35.77 -9.13 -21.49
CA ASN P 48 35.37 -10.51 -21.76
C ASN P 48 34.09 -10.85 -21.01
N LYS P 49 32.99 -11.03 -21.74
CA LYS P 49 31.69 -11.32 -21.16
C LYS P 49 30.96 -12.34 -22.02
N ARG P 50 29.95 -12.99 -21.40
CA ARG P 50 29.06 -13.98 -22.01
C ARG P 50 29.81 -15.18 -22.60
N ASN P 51 30.85 -15.62 -21.88
CA ASN P 51 31.83 -16.64 -22.30
C ASN P 51 32.44 -16.31 -23.66
N PHE P 52 32.92 -15.07 -23.80
CA PHE P 52 33.66 -14.65 -24.98
C PHE P 52 34.88 -13.86 -24.52
N MET P 53 35.58 -13.27 -25.47
CA MET P 53 36.76 -12.46 -25.18
C MET P 53 36.89 -11.39 -26.25
N TYR P 54 37.91 -10.54 -26.13
CA TYR P 54 38.16 -9.49 -27.10
C TYR P 54 39.66 -9.35 -27.33
N GLN P 55 40.03 -9.10 -28.58
CA GLN P 55 41.45 -9.06 -28.91
C GLN P 55 41.73 -7.99 -29.95
N PRO P 56 42.83 -7.22 -29.80
CA PRO P 56 43.23 -6.29 -30.87
C PRO P 56 43.61 -6.94 -32.19
N CYS P 57 43.14 -6.35 -33.28
CA CYS P 57 43.58 -6.75 -34.59
C CYS P 57 44.24 -5.57 -35.31
N ALA P 58 44.99 -5.89 -36.36
CA ALA P 58 45.58 -4.89 -37.24
C ALA P 58 45.03 -5.12 -38.63
N ALA P 59 44.84 -4.03 -39.36
CA ALA P 59 44.37 -4.10 -40.73
C ALA P 59 45.50 -4.54 -41.63
N ASN P 60 45.72 -5.84 -41.74
CA ASN P 60 46.77 -6.39 -42.57
C ASN P 60 46.34 -6.31 -44.03
N LEU P 61 47.23 -5.77 -44.88
CA LEU P 61 46.90 -5.55 -46.28
C LEU P 61 47.42 -6.65 -47.20
N MET P 62 48.27 -7.55 -46.71
CA MET P 62 49.02 -8.41 -47.59
C MET P 62 48.22 -9.62 -48.05
N LEU P 63 47.11 -9.94 -47.37
CA LEU P 63 46.38 -11.17 -47.66
C LEU P 63 45.06 -10.87 -48.35
N ASP P 64 44.50 -11.89 -49.00
CA ASP P 64 43.27 -11.74 -49.77
C ASP P 64 42.04 -12.13 -48.95
N LYS P 65 42.06 -13.31 -48.32
CA LYS P 65 40.92 -13.76 -47.54
C LYS P 65 40.79 -12.99 -46.24
N LEU P 66 41.87 -12.92 -45.47
CA LEU P 66 41.90 -12.10 -44.27
C LEU P 66 42.38 -10.70 -44.61
N LYS P 67 41.55 -9.71 -44.26
CA LYS P 67 42.01 -8.33 -44.22
C LYS P 67 42.45 -7.94 -42.81
N TYR P 68 42.41 -8.87 -41.87
CA TYR P 68 42.83 -8.65 -40.50
C TYR P 68 43.56 -9.88 -39.98
N CYS P 69 44.69 -9.65 -39.34
CA CYS P 69 45.42 -10.72 -38.66
C CYS P 69 45.84 -10.21 -37.29
N GLY P 70 46.48 -11.07 -36.51
CA GLY P 70 46.68 -10.78 -35.11
C GLY P 70 47.84 -9.84 -34.87
N THR P 71 47.76 -9.09 -33.77
CA THR P 71 48.81 -8.18 -33.32
C THR P 71 48.56 -7.89 -31.85
N ASP P 72 49.47 -7.16 -31.22
CA ASP P 72 49.36 -6.82 -29.81
C ASP P 72 49.68 -5.34 -29.57
N TYR P 73 49.32 -4.88 -28.37
CA TYR P 73 49.65 -3.52 -27.95
C TYR P 73 51.09 -3.45 -27.44
N PHE P 74 51.34 -4.09 -26.31
CA PHE P 74 52.54 -3.86 -25.52
C PHE P 74 53.70 -4.64 -26.10
N ASP P 75 54.91 -4.08 -25.95
CA ASP P 75 56.10 -4.66 -26.58
C ASP P 75 56.53 -5.94 -25.88
N LYS P 76 56.63 -5.90 -24.57
CA LYS P 76 56.91 -7.10 -23.78
C LYS P 76 55.56 -7.61 -23.28
N SER P 77 55.61 -8.72 -22.57
CA SER P 77 54.42 -9.17 -21.87
C SER P 77 54.04 -8.32 -20.66
N SER P 78 52.74 -8.34 -20.34
CA SER P 78 52.19 -7.75 -19.13
C SER P 78 50.74 -8.20 -19.07
N ILE P 79 50.04 -7.79 -18.04
CA ILE P 79 48.62 -8.03 -17.87
C ILE P 79 47.86 -7.80 -19.17
N ASN P 80 47.02 -8.74 -19.55
CA ASN P 80 46.20 -8.54 -20.73
C ASN P 80 45.06 -7.61 -20.35
N LEU P 81 44.64 -6.75 -21.26
CA LEU P 81 43.61 -5.76 -20.96
C LEU P 81 42.20 -6.30 -21.15
N MET P 82 42.07 -7.49 -21.71
CA MET P 82 40.76 -8.01 -22.04
C MET P 82 40.09 -8.63 -20.81
N ASP P 83 40.88 -9.28 -19.97
CA ASP P 83 40.39 -9.98 -18.78
C ASP P 83 40.70 -8.79 -17.87
N ARG P 84 39.72 -8.08 -17.45
CA ARG P 84 39.87 -6.93 -16.57
C ARG P 84 38.45 -6.71 -16.07
N SER P 85 38.33 -6.14 -14.87
CA SER P 85 37.06 -5.67 -14.37
C SER P 85 36.84 -4.22 -14.83
N ASP P 86 35.84 -3.56 -14.27
CA ASP P 86 35.61 -2.15 -14.57
C ASP P 86 36.05 -1.27 -13.41
N LYS P 87 36.14 -1.81 -12.20
CA LYS P 87 36.69 -1.10 -11.06
C LYS P 87 38.07 -1.64 -10.70
N LEU P 88 38.86 -2.03 -11.69
CA LEU P 88 40.20 -2.56 -11.51
C LEU P 88 41.17 -1.59 -12.16
N ALA P 89 42.29 -1.34 -11.50
CA ALA P 89 43.21 -0.29 -11.92
C ALA P 89 44.64 -0.83 -12.06
N PHE P 90 45.41 -0.22 -12.95
CA PHE P 90 46.80 -0.59 -13.16
C PHE P 90 47.63 0.67 -13.43
N SER P 91 48.93 0.49 -13.63
CA SER P 91 49.81 1.63 -13.82
C SER P 91 50.88 1.30 -14.84
N LEU P 92 51.61 2.33 -15.26
CA LEU P 92 52.77 2.15 -16.11
C LEU P 92 54.06 2.12 -15.31
N ASP P 93 53.98 2.29 -13.99
CA ASP P 93 55.16 2.31 -13.13
C ASP P 93 55.56 0.91 -12.68
N ASP P 94 54.62 0.19 -12.07
CA ASP P 94 54.89 -1.14 -11.54
C ASP P 94 54.06 -2.23 -12.17
N HIS P 95 53.05 -1.87 -13.00
CA HIS P 95 52.11 -2.78 -13.68
C HIS P 95 51.35 -3.68 -12.70
N SER P 96 51.04 -3.16 -11.52
CA SER P 96 50.27 -3.91 -10.53
C SER P 96 48.79 -3.76 -10.80
N VAL P 97 48.03 -4.82 -10.58
CA VAL P 97 46.58 -4.74 -10.67
C VAL P 97 46.04 -4.42 -9.29
N SER P 98 45.07 -3.52 -9.24
CA SER P 98 44.51 -3.07 -7.97
C SER P 98 43.06 -2.69 -8.17
N VAL P 99 42.17 -3.42 -7.50
CA VAL P 99 40.78 -3.01 -7.40
C VAL P 99 40.65 -1.90 -6.36
N SER P 100 39.47 -1.29 -6.32
CA SER P 100 39.25 -0.12 -5.48
C SER P 100 39.17 -0.50 -4.00
N GLU P 101 39.02 0.53 -3.15
CA GLU P 101 39.05 0.32 -1.71
C GLU P 101 37.78 -0.33 -1.21
N ASN P 102 36.67 -0.17 -1.92
CA ASN P 102 35.43 -0.86 -1.59
C ASN P 102 35.06 -1.92 -2.61
N CYS P 103 35.95 -2.22 -3.55
CA CYS P 103 35.71 -3.25 -4.56
C CYS P 103 36.08 -4.61 -4.02
N GLY P 104 35.62 -5.65 -4.72
CA GLY P 104 35.68 -7.01 -4.23
C GLY P 104 36.78 -7.83 -4.86
N TRP P 105 36.61 -9.15 -4.74
CA TRP P 105 37.58 -10.13 -5.20
C TRP P 105 37.61 -10.28 -6.72
N ARG P 106 38.60 -9.70 -7.39
CA ARG P 106 38.76 -9.88 -8.83
C ARG P 106 40.12 -10.48 -9.15
N SER P 107 40.42 -10.66 -10.44
CA SER P 107 41.67 -11.28 -10.88
C SER P 107 41.95 -10.85 -12.31
N VAL P 108 43.24 -10.89 -12.69
CA VAL P 108 43.67 -10.59 -14.05
C VAL P 108 44.73 -11.63 -14.44
N ARG P 109 44.56 -12.22 -15.63
CA ARG P 109 45.56 -13.12 -16.18
C ARG P 109 46.56 -12.33 -17.02
N SER P 110 47.75 -12.90 -17.19
CA SER P 110 48.77 -12.37 -18.09
C SER P 110 48.88 -13.31 -19.29
N ASP P 111 49.04 -12.72 -20.48
CA ASP P 111 48.72 -13.38 -21.74
C ASP P 111 49.72 -14.42 -22.25
N VAL P 112 50.61 -14.93 -21.41
CA VAL P 112 51.56 -15.96 -21.84
C VAL P 112 50.81 -17.29 -21.99
N CYS P 113 51.02 -17.95 -23.12
CA CYS P 113 50.26 -19.14 -23.44
C CYS P 113 51.10 -20.37 -23.15
N MET P 114 50.80 -21.03 -22.03
CA MET P 114 51.75 -21.96 -21.41
C MET P 114 51.28 -23.39 -21.69
N LYS P 115 51.93 -24.03 -22.67
CA LYS P 115 51.55 -25.34 -23.17
C LYS P 115 52.56 -26.42 -22.77
N GLU P 116 53.83 -26.24 -23.11
CA GLU P 116 54.84 -27.24 -22.85
C GLU P 116 56.14 -26.54 -22.45
N GLY P 117 57.16 -27.35 -22.16
CA GLY P 117 58.45 -26.84 -21.74
C GLY P 117 58.46 -26.45 -20.28
N LYS P 118 59.62 -25.97 -19.85
CA LYS P 118 59.80 -25.42 -18.51
C LYS P 118 59.78 -23.90 -18.61
N ILE P 119 58.72 -23.29 -18.07
CA ILE P 119 58.53 -21.85 -18.09
C ILE P 119 58.54 -21.34 -16.65
N TYR P 120 59.25 -20.24 -16.42
CA TYR P 120 59.37 -19.68 -15.08
C TYR P 120 59.26 -18.15 -15.14
N TRP P 121 58.50 -17.60 -14.20
CA TRP P 121 58.38 -16.15 -14.03
C TRP P 121 58.14 -15.86 -12.56
N GLU P 122 58.50 -14.66 -12.13
CA GLU P 122 58.31 -14.28 -10.73
C GLU P 122 57.24 -13.21 -10.63
N VAL P 123 56.57 -13.15 -9.48
CA VAL P 123 55.41 -12.29 -9.24
C VAL P 123 55.74 -11.40 -8.05
N GLU P 124 55.81 -10.09 -8.27
CA GLU P 124 56.14 -9.16 -7.19
C GLU P 124 54.94 -8.95 -6.27
N VAL P 125 55.16 -9.09 -4.96
CA VAL P 125 54.16 -8.76 -3.95
C VAL P 125 54.50 -7.38 -3.39
N LYS P 126 53.88 -6.36 -3.94
CA LYS P 126 54.22 -4.97 -3.64
C LYS P 126 53.71 -4.51 -2.28
N ASN P 127 52.48 -4.87 -1.92
CA ASN P 127 51.92 -4.42 -0.64
C ASN P 127 50.90 -5.42 -0.15
N VAL P 128 50.81 -5.54 1.17
CA VAL P 128 49.74 -6.30 1.82
C VAL P 128 49.42 -5.61 3.15
N SER P 129 48.13 -5.59 3.50
CA SER P 129 47.68 -5.09 4.79
C SER P 129 47.00 -6.20 5.57
N ASP P 130 46.47 -5.84 6.73
CA ASP P 130 45.67 -6.77 7.52
C ASP P 130 44.31 -7.01 6.87
N THR P 131 43.80 -6.01 6.16
CA THR P 131 42.52 -6.12 5.48
C THR P 131 42.64 -6.46 4.00
N SER P 132 43.86 -6.50 3.46
CA SER P 132 44.06 -6.78 2.05
C SER P 132 44.60 -8.18 1.84
N HIS P 133 44.07 -8.85 0.81
CA HIS P 133 44.49 -10.20 0.45
C HIS P 133 44.89 -10.24 -1.02
N ILE P 134 45.81 -11.15 -1.34
CA ILE P 134 46.35 -11.30 -2.70
C ILE P 134 46.42 -12.79 -3.02
N ARG P 135 45.89 -13.19 -4.17
CA ARG P 135 45.98 -14.59 -4.58
C ARG P 135 46.61 -14.69 -5.96
N CYS P 136 47.94 -14.69 -6.02
CA CYS P 136 48.69 -14.92 -7.25
C CYS P 136 48.79 -16.42 -7.51
N GLY P 137 48.59 -16.83 -8.76
CA GLY P 137 48.58 -18.24 -9.08
C GLY P 137 48.49 -18.56 -10.56
N ILE P 138 47.78 -19.63 -10.88
CA ILE P 138 47.64 -20.09 -12.26
C ILE P 138 46.14 -20.20 -12.57
N SER P 139 45.79 -20.00 -13.85
CA SER P 139 44.43 -20.17 -14.35
C SER P 139 44.49 -20.33 -15.86
N ARG P 140 43.42 -20.89 -16.42
CA ARG P 140 43.37 -21.14 -17.84
C ARG P 140 42.74 -19.98 -18.60
N ARG P 141 42.68 -20.13 -19.92
CA ARG P 141 41.83 -19.28 -20.74
C ARG P 141 40.35 -19.62 -20.53
N GLU P 142 40.05 -20.87 -20.18
CA GLU P 142 38.73 -21.31 -19.76
C GLU P 142 38.20 -20.55 -18.54
N ALA P 143 39.00 -20.39 -17.50
CA ALA P 143 38.59 -19.66 -16.31
C ALA P 143 38.58 -18.16 -16.60
N SER P 144 37.63 -17.45 -16.00
CA SER P 144 37.42 -16.04 -16.29
C SER P 144 38.12 -15.18 -15.25
N THR P 145 38.05 -13.86 -15.47
CA THR P 145 38.73 -12.88 -14.63
C THR P 145 38.06 -12.36 -13.37
N GLU P 146 36.74 -12.28 -13.34
CA GLU P 146 36.06 -11.65 -12.22
C GLU P 146 36.03 -12.54 -10.98
N THR P 147 35.97 -13.85 -11.17
CA THR P 147 36.11 -14.76 -10.06
C THR P 147 37.58 -14.84 -9.64
N PRO P 148 37.88 -14.79 -8.34
CA PRO P 148 39.23 -15.15 -7.89
C PRO P 148 39.49 -16.63 -8.14
N VAL P 149 40.66 -16.93 -8.70
CA VAL P 149 40.91 -18.26 -9.21
C VAL P 149 41.25 -19.20 -8.07
N GLY P 150 41.02 -20.49 -8.29
CA GLY P 150 40.96 -21.44 -7.20
C GLY P 150 39.51 -21.80 -6.95
N CYS P 151 38.64 -21.34 -7.87
CA CYS P 151 37.23 -21.70 -7.79
C CYS P 151 36.96 -23.06 -8.40
N ASP P 152 37.72 -23.45 -9.42
CA ASP P 152 37.52 -24.71 -10.13
C ASP P 152 38.89 -25.32 -10.41
N PHE P 153 38.89 -26.42 -11.18
CA PHE P 153 40.11 -27.07 -11.62
C PHE P 153 40.64 -26.48 -12.93
N TYR P 154 40.15 -25.32 -13.33
CA TYR P 154 40.74 -24.53 -14.41
C TYR P 154 41.82 -23.60 -13.91
N GLY P 155 42.25 -23.76 -12.66
CA GLY P 155 43.26 -22.90 -12.09
C GLY P 155 43.50 -23.14 -10.61
N TYR P 156 44.74 -22.90 -10.19
CA TYR P 156 45.15 -23.04 -8.80
C TYR P 156 45.92 -21.79 -8.39
N SER P 157 45.67 -21.32 -7.18
CA SER P 157 46.32 -20.11 -6.73
C SER P 157 46.96 -20.34 -5.38
N ILE P 158 47.56 -19.28 -4.85
CA ILE P 158 48.30 -19.32 -3.60
C ILE P 158 47.61 -18.37 -2.65
N ARG P 159 47.40 -18.80 -1.40
CA ARG P 159 46.77 -17.95 -0.41
C ARG P 159 47.72 -16.82 0.01
N ASP P 160 47.13 -15.79 0.63
CA ASP P 160 47.90 -14.60 1.00
C ASP P 160 48.83 -14.90 2.17
N LYS P 161 48.28 -15.24 3.32
CA LYS P 161 49.07 -15.65 4.46
C LYS P 161 49.08 -17.17 4.53
N GLY P 162 50.26 -17.73 4.75
CA GLY P 162 50.40 -19.16 4.95
C GLY P 162 50.53 -20.00 3.70
N LEU P 163 50.26 -19.43 2.51
CA LEU P 163 50.44 -20.05 1.19
C LEU P 163 49.63 -21.34 1.05
N GLN P 164 48.41 -21.35 1.59
CA GLN P 164 47.54 -22.51 1.47
C GLN P 164 47.07 -22.64 0.03
N VAL P 165 47.55 -23.67 -0.67
CA VAL P 165 47.42 -23.75 -2.12
C VAL P 165 45.98 -24.10 -2.49
N ILE P 166 45.41 -23.31 -3.39
CA ILE P 166 43.97 -23.23 -3.59
C ILE P 166 43.56 -24.15 -4.73
N HIS P 167 42.49 -24.92 -4.52
CA HIS P 167 41.95 -25.80 -5.55
C HIS P 167 40.48 -26.02 -5.23
N GLU P 168 39.60 -25.56 -6.15
CA GLU P 168 38.14 -25.64 -6.06
C GLU P 168 37.57 -25.00 -4.80
N GLY P 169 38.22 -23.94 -4.30
CA GLY P 169 37.81 -23.32 -3.06
C GLY P 169 38.43 -23.90 -1.80
N ARG P 170 39.16 -25.01 -1.90
CA ARG P 170 39.83 -25.59 -0.74
C ARG P 170 41.18 -24.93 -0.51
N LEU P 171 41.71 -25.10 0.69
CA LEU P 171 42.96 -24.45 1.10
C LEU P 171 43.90 -25.51 1.66
N HIS P 172 44.79 -26.01 0.81
CA HIS P 172 45.71 -27.08 1.16
C HIS P 172 47.06 -26.50 1.60
N THR P 173 47.48 -26.84 2.82
CA THR P 173 48.78 -26.43 3.37
C THR P 173 49.80 -27.55 3.14
N VAL P 174 50.21 -27.71 1.89
CA VAL P 174 51.12 -28.79 1.49
C VAL P 174 52.53 -28.29 1.24
N LEU P 175 52.71 -26.99 1.05
CA LEU P 175 54.04 -26.41 0.90
C LEU P 175 54.55 -25.95 2.25
N LYS P 176 55.64 -25.21 2.25
CA LYS P 176 56.13 -24.59 3.47
C LYS P 176 55.42 -23.26 3.67
N PRO P 177 54.73 -23.03 4.80
CA PRO P 177 53.99 -21.78 4.98
C PRO P 177 54.93 -20.62 5.33
N HIS P 178 54.88 -19.56 4.53
CA HIS P 178 55.55 -18.32 4.85
C HIS P 178 54.79 -17.16 4.23
N GLU P 179 54.28 -16.27 5.08
CA GLU P 179 53.31 -15.25 4.72
C GLU P 179 53.95 -14.12 3.92
N MET P 180 53.13 -13.47 3.09
CA MET P 180 53.61 -12.31 2.34
C MET P 180 53.74 -11.09 3.23
N GLN P 181 54.69 -10.23 2.88
CA GLN P 181 54.91 -8.97 3.56
C GLN P 181 55.00 -7.88 2.51
N ALA P 182 55.44 -6.68 2.92
CA ALA P 182 55.50 -5.54 2.01
C ALA P 182 56.66 -5.61 1.03
N GLY P 183 57.64 -6.49 1.24
CA GLY P 183 58.75 -6.61 0.32
C GLY P 183 58.94 -8.01 -0.20
N ASP P 184 57.86 -8.70 -0.52
CA ASP P 184 57.94 -10.11 -0.89
C ASP P 184 57.80 -10.28 -2.41
N ARG P 185 57.95 -11.52 -2.86
CA ARG P 185 57.93 -11.91 -4.26
C ARG P 185 57.61 -13.40 -4.33
N ILE P 186 56.97 -13.83 -5.42
CA ILE P 186 56.54 -15.22 -5.61
C ILE P 186 57.02 -15.70 -6.96
N GLY P 187 57.75 -16.81 -7.00
CA GLY P 187 58.32 -17.32 -8.22
C GLY P 187 57.80 -18.71 -8.59
N PHE P 188 57.01 -18.75 -9.65
CA PHE P 188 56.30 -19.96 -10.06
C PHE P 188 57.18 -20.81 -10.97
N LEU P 189 57.88 -21.77 -10.38
CA LEU P 189 58.66 -22.75 -11.13
C LEU P 189 57.66 -23.77 -11.66
N LEU P 190 57.33 -23.65 -12.93
CA LEU P 190 56.16 -24.29 -13.49
C LEU P 190 56.61 -25.32 -14.52
N THR P 191 56.78 -26.57 -14.06
CA THR P 191 57.21 -27.67 -14.93
C THR P 191 55.97 -28.22 -15.64
N LEU P 192 55.94 -28.06 -16.96
CA LEU P 192 54.93 -28.70 -17.78
C LEU P 192 55.66 -29.73 -18.64
N PRO P 193 55.09 -30.90 -18.85
CA PRO P 193 55.70 -31.83 -19.82
C PRO P 193 55.48 -31.41 -21.27
N SER P 194 55.98 -32.21 -22.19
CA SER P 194 56.03 -31.86 -23.60
C SER P 194 54.65 -31.87 -24.25
N LEU P 195 54.58 -31.29 -25.43
CA LEU P 195 53.32 -31.26 -26.18
C LEU P 195 53.02 -32.63 -26.79
N GLN P 196 54.03 -33.47 -26.97
CA GLN P 196 53.78 -34.87 -27.33
C GLN P 196 53.20 -35.63 -26.15
N SER P 197 53.56 -35.23 -24.92
CA SER P 197 53.01 -35.87 -23.74
C SER P 197 51.56 -35.43 -23.52
N GLN P 198 51.21 -34.22 -23.97
CA GLN P 198 49.83 -33.78 -23.87
C GLN P 198 48.98 -34.40 -24.96
N SER P 199 49.59 -34.72 -26.11
CA SER P 199 48.82 -35.15 -27.27
C SER P 199 48.37 -36.59 -27.14
N GLU P 200 49.05 -37.38 -26.31
CA GLU P 200 48.63 -38.76 -26.10
C GLU P 200 47.63 -38.88 -24.97
N GLN P 201 47.53 -37.86 -24.11
CA GLN P 201 46.40 -37.79 -23.20
C GLN P 201 45.17 -37.26 -23.91
N ALA P 202 45.38 -36.55 -25.03
CA ALA P 202 44.27 -36.03 -25.82
C ALA P 202 43.54 -37.14 -26.56
N MET P 203 44.27 -38.17 -26.98
CA MET P 203 43.62 -39.33 -27.59
C MET P 203 43.04 -40.24 -26.52
N ASP P 204 43.46 -40.07 -25.26
CA ASP P 204 42.97 -40.90 -24.17
C ASP P 204 41.55 -40.51 -23.79
N TYR P 205 41.23 -39.22 -23.88
CA TYR P 205 39.84 -38.79 -23.70
C TYR P 205 39.06 -38.90 -25.00
N SER P 206 39.77 -38.95 -26.13
CA SER P 206 39.09 -39.12 -27.41
C SER P 206 38.60 -40.56 -27.59
N LEU P 207 39.38 -41.53 -27.10
CA LEU P 207 39.05 -42.92 -27.35
C LEU P 207 38.15 -43.50 -26.27
N LYS P 208 38.00 -42.81 -25.14
CA LYS P 208 37.22 -43.34 -24.03
C LYS P 208 35.90 -42.61 -23.82
N ARG P 209 35.60 -41.61 -24.64
CA ARG P 209 34.28 -40.99 -24.66
C ARG P 209 33.47 -41.39 -25.88
N ILE P 210 34.06 -42.10 -26.83
CA ILE P 210 33.34 -42.42 -28.06
C ILE P 210 32.41 -43.57 -27.73
N GLN P 211 33.02 -44.75 -27.42
CA GLN P 211 32.28 -46.00 -27.43
C GLN P 211 32.43 -46.92 -26.22
N GLU P 212 33.06 -46.46 -25.12
CA GLU P 212 33.44 -47.36 -24.03
C GLU P 212 32.20 -47.33 -23.15
N LEU P 213 31.69 -46.16 -22.80
CA LEU P 213 30.47 -46.04 -22.00
C LEU P 213 29.21 -45.51 -22.68
N ASN P 214 29.19 -45.46 -24.02
CA ASN P 214 28.15 -44.77 -24.78
C ASN P 214 27.13 -45.66 -25.46
N ASN P 215 26.76 -46.77 -24.82
CA ASN P 215 25.82 -47.80 -25.31
C ASN P 215 26.13 -48.35 -26.71
N LYS P 226 20.22 -39.35 -23.34
CA LYS P 226 20.00 -38.75 -24.65
C LYS P 226 19.40 -39.77 -25.62
N PHE P 227 19.21 -39.35 -26.87
CA PHE P 227 18.58 -40.18 -27.90
C PHE P 227 19.50 -40.50 -29.06
N ASN P 228 20.32 -39.55 -29.51
CA ASN P 228 21.34 -39.77 -30.52
C ASN P 228 22.66 -39.27 -29.99
N LYS P 229 23.64 -40.16 -29.86
CA LYS P 229 24.96 -39.79 -29.38
C LYS P 229 26.09 -40.22 -30.31
N GLU P 230 25.79 -40.70 -31.52
CA GLU P 230 26.84 -40.98 -32.49
C GLU P 230 27.40 -39.71 -33.09
N PHE P 231 26.57 -38.66 -33.19
CA PHE P 231 27.05 -37.38 -33.71
C PHE P 231 27.84 -36.60 -32.67
N TYR P 232 27.68 -36.93 -31.38
CA TYR P 232 28.61 -36.48 -30.35
C TYR P 232 29.80 -37.42 -30.21
N LYS P 233 29.64 -38.67 -30.62
CA LYS P 233 30.78 -39.58 -30.74
C LYS P 233 31.70 -39.16 -31.88
N PHE P 234 31.11 -38.66 -32.97
CA PHE P 234 31.85 -38.24 -34.16
C PHE P 234 32.75 -37.04 -33.88
N LEU P 235 32.32 -36.14 -32.99
CA LEU P 235 33.17 -35.02 -32.62
C LEU P 235 34.30 -35.44 -31.70
N LEU P 236 34.10 -36.51 -30.92
CA LEU P 236 35.19 -37.09 -30.16
C LEU P 236 35.93 -38.18 -30.94
N ARG P 237 35.36 -38.64 -32.05
CA ARG P 237 36.12 -39.43 -33.01
C ARG P 237 37.14 -38.56 -33.73
N SER P 238 36.67 -37.53 -34.43
CA SER P 238 37.54 -36.51 -35.02
C SER P 238 37.85 -35.48 -33.95
N CYS P 239 38.73 -35.88 -33.02
CA CYS P 239 39.23 -35.04 -31.94
C CYS P 239 40.74 -35.15 -32.03
N GLU P 240 41.32 -34.31 -32.87
CA GLU P 240 42.71 -34.40 -33.28
C GLU P 240 43.59 -33.56 -32.35
N PRO P 241 44.82 -34.03 -32.05
CA PRO P 241 45.55 -33.52 -30.87
C PRO P 241 46.04 -32.08 -30.93
N THR P 242 46.18 -31.48 -32.11
CA THR P 242 46.69 -30.12 -32.22
C THR P 242 45.81 -29.30 -33.18
N ASN P 243 44.96 -29.97 -33.96
CA ASN P 243 44.26 -29.36 -35.09
C ASN P 243 43.15 -28.40 -34.66
N VAL P 244 43.03 -27.30 -35.40
CA VAL P 244 42.31 -26.10 -34.98
C VAL P 244 41.13 -25.84 -35.92
N VAL P 245 39.95 -25.64 -35.34
CA VAL P 245 38.82 -25.04 -36.03
C VAL P 245 38.51 -23.74 -35.30
N ARG P 246 39.07 -22.63 -35.80
CA ARG P 246 38.94 -21.34 -35.15
C ARG P 246 37.94 -20.45 -35.90
N ASP P 247 37.11 -19.76 -35.13
CA ASP P 247 36.24 -18.70 -35.65
C ASP P 247 36.64 -17.42 -34.94
N GLN P 248 37.68 -16.77 -35.46
CA GLN P 248 38.20 -15.53 -34.88
C GLN P 248 38.08 -14.45 -35.95
N ILE P 249 37.01 -13.68 -35.86
CA ILE P 249 36.68 -12.68 -36.87
C ILE P 249 36.82 -11.28 -36.27
N ALA P 250 37.03 -10.31 -37.14
CA ALA P 250 37.27 -8.93 -36.74
C ALA P 250 35.98 -8.15 -36.73
N ILE P 251 35.80 -7.30 -35.71
CA ILE P 251 34.62 -6.48 -35.57
C ILE P 251 35.06 -5.06 -35.18
N ARG P 252 34.31 -4.06 -35.62
CA ARG P 252 34.49 -2.71 -35.12
C ARG P 252 33.63 -2.51 -33.87
N TYR P 253 34.17 -1.73 -32.92
CA TYR P 253 33.59 -1.63 -31.58
C TYR P 253 34.12 -0.38 -30.89
N LYS P 254 33.19 0.52 -30.52
CA LYS P 254 33.47 1.86 -29.99
C LYS P 254 34.42 2.64 -30.90
N ASN P 255 34.09 2.63 -32.19
CA ASN P 255 34.72 3.23 -33.38
C ASN P 255 36.05 2.56 -33.75
N GLN P 256 36.43 1.46 -33.10
CA GLN P 256 37.76 0.90 -33.31
C GLN P 256 37.64 -0.61 -33.43
N LEU P 257 38.72 -1.19 -33.91
CA LEU P 257 38.82 -2.55 -34.42
C LEU P 257 39.20 -3.54 -33.32
N PHE P 258 38.49 -4.66 -33.28
CA PHE P 258 38.72 -5.69 -32.26
C PHE P 258 38.27 -7.05 -32.81
N TYR P 259 38.40 -8.08 -31.97
CA TYR P 259 38.07 -9.46 -32.32
C TYR P 259 36.91 -9.99 -31.51
N GLU P 260 36.08 -10.82 -32.14
CA GLU P 260 35.14 -11.70 -31.43
C GLU P 260 35.70 -13.12 -31.47
N SER P 261 36.61 -13.40 -30.55
CA SER P 261 37.28 -14.70 -30.51
C SER P 261 36.52 -15.62 -29.56
N THR P 262 36.38 -16.89 -29.96
CA THR P 262 35.56 -17.82 -29.20
C THR P 262 36.26 -18.27 -27.93
N ASP P 263 35.45 -18.60 -26.92
CA ASP P 263 35.95 -18.93 -25.61
C ASP P 263 35.24 -20.20 -25.15
N TYR P 264 35.92 -20.97 -24.32
CA TYR P 264 35.45 -22.26 -23.88
C TYR P 264 34.38 -22.13 -22.80
N VAL P 265 33.51 -23.14 -22.72
CA VAL P 265 32.43 -23.17 -21.73
C VAL P 265 32.79 -24.15 -20.62
N LYS P 266 32.14 -23.99 -19.48
CA LYS P 266 32.52 -24.72 -18.27
C LYS P 266 32.03 -26.17 -18.32
N THR P 267 32.89 -27.10 -17.89
CA THR P 267 32.62 -28.53 -17.99
C THR P 267 32.91 -29.18 -16.64
N THR P 268 32.88 -30.51 -16.62
CA THR P 268 32.98 -31.31 -15.39
C THR P 268 34.32 -32.01 -15.30
N LYS P 269 34.45 -32.87 -14.29
CA LYS P 269 35.70 -33.56 -13.98
C LYS P 269 35.90 -34.76 -14.89
N PRO P 270 37.03 -34.86 -15.59
CA PRO P 270 37.28 -36.03 -16.44
C PRO P 270 37.70 -37.27 -15.65
N GLU P 271 36.77 -38.21 -15.50
CA GLU P 271 36.98 -39.40 -14.68
C GLU P 271 36.85 -40.62 -15.58
N TYR P 272 37.99 -41.12 -16.07
CA TYR P 272 38.03 -42.28 -16.94
C TYR P 272 38.22 -43.53 -16.07
N TYR P 273 37.40 -44.54 -16.30
CA TYR P 273 37.46 -45.73 -15.45
C TYR P 273 38.58 -46.63 -15.94
N ASP P 274 39.74 -46.53 -15.29
CA ASP P 274 40.74 -47.58 -15.41
C ASP P 274 40.23 -48.81 -14.69
N ASN P 275 40.32 -49.97 -15.36
CA ASN P 275 39.85 -51.23 -14.79
C ASN P 275 40.68 -51.66 -13.58
N ARG P 276 41.94 -51.23 -13.53
CA ARG P 276 42.86 -51.66 -12.47
C ARG P 276 42.55 -50.96 -11.15
N ASP P 277 42.29 -49.65 -11.20
CA ASP P 277 42.13 -48.86 -9.99
C ASP P 277 40.78 -49.05 -9.30
N ASP P 278 39.80 -49.66 -9.99
CA ASP P 278 38.49 -50.07 -9.45
C ASP P 278 37.68 -48.88 -8.91
N MET P 279 37.89 -47.72 -9.53
CA MET P 279 37.37 -46.45 -9.04
C MET P 279 37.52 -45.45 -10.18
N GLN P 280 37.08 -44.22 -9.94
CA GLN P 280 37.31 -43.16 -10.90
C GLN P 280 38.78 -42.74 -10.90
N LYS P 281 39.40 -42.78 -12.08
CA LYS P 281 40.77 -42.35 -12.26
C LYS P 281 40.78 -41.01 -12.99
N PHE P 282 41.70 -40.13 -12.59
CA PHE P 282 41.74 -38.76 -13.07
C PHE P 282 42.88 -38.55 -14.04
N TYR P 283 42.68 -37.62 -14.97
CA TYR P 283 43.68 -37.27 -15.97
C TYR P 283 44.63 -36.24 -15.39
N GLU P 284 45.87 -36.64 -15.13
CA GLU P 284 46.89 -35.76 -14.62
C GLU P 284 48.10 -35.81 -15.55
N LEU P 285 48.86 -34.72 -15.58
CA LEU P 285 49.93 -34.59 -16.55
C LEU P 285 51.16 -35.37 -16.13
N GLU P 286 52.18 -35.36 -16.99
CA GLU P 286 53.41 -36.12 -16.80
C GLU P 286 54.36 -35.32 -15.92
N ASN P 287 54.20 -35.50 -14.61
CA ASN P 287 55.07 -34.96 -13.55
C ASN P 287 55.14 -33.44 -13.57
N SER P 288 53.99 -32.81 -13.32
CA SER P 288 53.94 -31.37 -13.15
C SER P 288 54.50 -30.97 -11.79
N SER P 289 54.93 -29.72 -11.67
CA SER P 289 55.54 -29.23 -10.46
C SER P 289 55.11 -27.80 -10.20
N PHE P 290 54.61 -27.56 -8.99
CA PHE P 290 54.06 -26.26 -8.60
C PHE P 290 54.85 -25.77 -7.39
N GLU P 291 55.87 -24.95 -7.65
CA GLU P 291 56.77 -24.44 -6.63
C GLU P 291 56.72 -22.92 -6.60
N VAL P 292 56.76 -22.37 -5.39
CA VAL P 292 56.82 -20.93 -5.19
C VAL P 292 58.24 -20.55 -4.77
N PHE P 293 58.66 -19.36 -5.17
CA PHE P 293 59.88 -18.73 -4.63
C PHE P 293 59.48 -17.52 -3.82
N VAL P 294 59.19 -17.76 -2.54
CA VAL P 294 59.15 -16.68 -1.56
C VAL P 294 60.60 -16.37 -1.21
N ASN P 295 61.13 -15.27 -1.77
CA ASN P 295 62.51 -14.78 -1.63
C ASN P 295 63.58 -15.82 -1.97
N GLY P 296 63.25 -16.72 -2.90
CA GLY P 296 64.23 -17.59 -3.51
C GLY P 296 64.66 -18.79 -2.70
N VAL P 297 63.75 -19.41 -1.96
CA VAL P 297 64.03 -20.65 -1.25
C VAL P 297 63.04 -21.68 -1.76
N SER P 298 63.49 -22.94 -1.87
CA SER P 298 62.63 -24.01 -2.35
C SER P 298 61.57 -24.36 -1.32
N HIS P 299 60.32 -24.45 -1.78
CA HIS P 299 59.19 -24.68 -0.90
C HIS P 299 58.51 -26.02 -1.13
N GLY P 300 59.09 -26.89 -1.95
CA GLY P 300 58.46 -28.15 -2.26
C GLY P 300 57.55 -28.05 -3.45
N ILE P 301 56.87 -29.15 -3.75
CA ILE P 301 56.03 -29.25 -4.94
C ILE P 301 54.59 -29.45 -4.48
N ALA P 302 53.71 -28.53 -4.87
CA ALA P 302 52.30 -28.62 -4.50
C ALA P 302 51.54 -29.54 -5.43
N PHE P 303 51.49 -29.19 -6.72
CA PHE P 303 50.64 -29.86 -7.68
C PHE P 303 51.46 -30.70 -8.67
N GLU P 304 51.33 -32.02 -8.53
CA GLU P 304 51.67 -32.95 -9.59
C GLU P 304 50.48 -33.14 -10.54
N GLY P 305 49.33 -32.56 -10.22
CA GLY P 305 48.11 -32.82 -10.94
C GLY P 305 47.55 -31.66 -11.74
N LEU P 306 48.41 -30.94 -12.46
CA LEU P 306 47.93 -30.05 -13.51
C LEU P 306 47.31 -30.89 -14.62
N THR P 307 46.24 -30.39 -15.19
CA THR P 307 45.46 -31.17 -16.12
C THR P 307 46.11 -31.17 -17.50
N PRO P 308 46.08 -32.30 -18.22
CA PRO P 308 46.26 -32.25 -19.68
C PRO P 308 45.06 -31.88 -20.54
N PHE P 309 45.13 -30.60 -21.09
CA PHE P 309 43.87 -30.14 -21.63
C PHE P 309 43.46 -29.89 -23.08
N LEU P 310 44.33 -30.07 -24.11
CA LEU P 310 44.17 -29.17 -25.27
C LEU P 310 42.97 -29.47 -26.21
N PRO P 311 42.77 -30.60 -26.95
CA PRO P 311 41.42 -30.72 -27.58
C PRO P 311 40.35 -31.14 -26.57
N PRO P 312 40.41 -32.30 -25.91
CA PRO P 312 39.14 -32.87 -25.42
C PRO P 312 38.73 -32.51 -24.00
N PHE P 313 39.38 -31.57 -23.32
CA PHE P 313 39.07 -31.30 -21.93
C PHE P 313 38.33 -29.98 -21.73
N SER P 314 38.43 -29.06 -22.68
CA SER P 314 37.67 -27.82 -22.67
C SER P 314 36.80 -27.74 -23.91
N GLU P 315 35.53 -27.43 -23.69
CA GLU P 315 34.52 -27.43 -24.74
C GLU P 315 34.29 -26.00 -25.19
N LEU P 316 34.40 -25.77 -26.51
CA LEU P 316 34.27 -24.43 -27.07
C LEU P 316 32.84 -23.92 -27.01
N GLN P 317 32.66 -22.67 -27.43
CA GLN P 317 31.32 -22.18 -27.72
C GLN P 317 30.81 -22.87 -28.97
N TYR P 318 29.95 -23.87 -28.78
CA TYR P 318 29.43 -24.70 -29.86
C TYR P 318 27.92 -24.77 -29.73
N ASN P 319 27.25 -24.90 -30.88
CA ASN P 319 25.80 -24.90 -30.94
C ASN P 319 25.27 -26.32 -31.03
N GLU P 320 24.25 -26.62 -30.23
CA GLU P 320 23.72 -27.97 -30.13
C GLU P 320 22.48 -28.06 -31.03
N LYS P 321 21.62 -27.12 -31.10
CA LYS P 321 20.46 -27.16 -31.98
C LYS P 321 20.45 -26.58 -33.38
N PHE P 322 21.15 -25.46 -33.58
CA PHE P 322 21.32 -24.83 -34.88
C PHE P 322 22.12 -25.81 -35.72
N TYR P 323 23.24 -26.34 -35.17
CA TYR P 323 24.26 -27.03 -35.94
C TYR P 323 24.13 -28.52 -36.20
N LEU P 324 23.29 -29.24 -35.44
CA LEU P 324 23.24 -30.69 -35.56
C LEU P 324 22.48 -31.17 -36.79
N HIS P 325 21.69 -30.29 -37.41
CA HIS P 325 20.86 -30.66 -38.55
C HIS P 325 21.68 -30.90 -39.82
N HIS P 326 22.91 -30.41 -39.87
CA HIS P 326 23.68 -30.45 -41.10
C HIS P 326 24.89 -31.39 -41.00
N GLU P 337 31.69 -28.62 -43.45
CA GLU P 337 30.63 -27.64 -43.21
C GLU P 337 30.60 -27.21 -41.75
N ILE P 338 30.11 -28.10 -40.89
CA ILE P 338 29.90 -27.81 -39.46
C ILE P 338 31.20 -28.12 -38.72
N ARG P 339 31.51 -27.31 -37.72
CA ARG P 339 32.74 -27.42 -36.93
C ARG P 339 32.69 -28.61 -35.97
N ASN P 340 33.71 -28.71 -35.13
CA ASN P 340 33.86 -29.79 -34.18
C ASN P 340 33.87 -29.23 -32.76
N LYS P 341 33.48 -30.08 -31.80
CA LYS P 341 33.21 -29.62 -30.43
C LYS P 341 34.50 -29.34 -29.66
N TYR P 342 35.46 -30.26 -29.69
CA TYR P 342 36.67 -30.16 -28.87
C TYR P 342 37.90 -29.94 -29.75
N VAL P 343 38.15 -28.68 -30.14
CA VAL P 343 39.33 -28.37 -30.95
C VAL P 343 40.23 -27.36 -30.24
N ASN P 344 41.33 -27.00 -30.89
CA ASN P 344 42.38 -26.16 -30.32
C ASN P 344 42.32 -24.76 -30.93
N ASN P 345 43.32 -23.96 -30.54
CA ASN P 345 43.61 -22.66 -31.14
C ASN P 345 44.97 -22.22 -30.61
N ASN P 346 45.50 -21.14 -31.02
CA ASN P 346 46.67 -20.53 -30.39
C ASN P 346 46.51 -19.84 -29.04
N ARG P 347 45.31 -19.88 -28.45
CA ARG P 347 45.03 -19.26 -27.15
C ARG P 347 44.87 -20.21 -25.98
N LEU P 348 44.90 -21.49 -26.16
CA LEU P 348 44.72 -22.44 -25.07
C LEU P 348 45.92 -22.80 -24.21
N GLY P 349 45.72 -22.79 -22.90
CA GLY P 349 46.83 -22.96 -21.99
C GLY P 349 46.49 -22.39 -20.65
N TYR P 350 47.39 -22.63 -19.71
CA TYR P 350 47.30 -21.96 -18.42
C TYR P 350 47.98 -20.60 -18.51
N TYR P 351 47.50 -19.65 -17.73
CA TYR P 351 47.96 -18.28 -17.89
C TYR P 351 48.48 -17.77 -16.55
N ALA P 352 49.41 -16.81 -16.63
CA ALA P 352 49.98 -16.21 -15.43
C ALA P 352 48.94 -15.33 -14.77
N THR P 353 48.46 -15.76 -13.61
CA THR P 353 47.26 -15.21 -13.01
C THR P 353 47.61 -14.39 -11.77
N LEU P 354 46.83 -13.34 -11.52
CA LEU P 354 47.06 -12.48 -10.37
C LEU P 354 45.72 -11.90 -9.91
N SER P 355 45.41 -12.12 -8.63
CA SER P 355 44.14 -11.68 -8.06
C SER P 355 44.38 -10.64 -6.98
N SER P 356 43.37 -9.81 -6.72
CA SER P 356 43.44 -8.76 -5.72
C SER P 356 42.13 -8.68 -4.94
N PHE P 357 42.22 -8.09 -3.74
CA PHE P 357 41.07 -8.03 -2.82
C PHE P 357 41.12 -6.71 -2.09
N GLN P 358 40.19 -5.81 -2.43
CA GLN P 358 40.00 -4.47 -1.86
C GLN P 358 41.25 -3.59 -1.97
N GLY P 359 42.08 -3.81 -2.97
CA GLY P 359 43.31 -3.06 -3.14
C GLY P 359 44.58 -3.76 -2.72
N GLY P 360 44.66 -5.07 -2.80
CA GLY P 360 45.90 -5.78 -2.54
C GLY P 360 46.81 -5.71 -3.74
N THR P 361 47.87 -4.90 -3.66
CA THR P 361 48.66 -4.55 -4.84
C THR P 361 49.78 -5.57 -5.00
N ALA P 362 49.80 -6.24 -6.15
CA ALA P 362 50.88 -7.13 -6.51
C ALA P 362 51.15 -7.00 -7.99
N SER P 363 52.41 -7.23 -8.38
CA SER P 363 52.86 -7.00 -9.74
C SER P 363 53.39 -8.29 -10.34
N ILE P 364 53.27 -8.43 -11.66
CA ILE P 364 53.94 -9.51 -12.38
C ILE P 364 55.27 -9.00 -12.88
N ILE P 365 56.29 -9.86 -12.87
CA ILE P 365 57.65 -9.51 -13.25
C ILE P 365 58.07 -10.40 -14.40
N THR P 366 58.52 -9.78 -15.49
CA THR P 366 58.73 -10.47 -16.76
C THR P 366 60.17 -10.90 -17.00
N GLU P 367 61.13 -9.97 -17.05
CA GLU P 367 62.44 -10.26 -17.60
C GLU P 367 63.47 -10.47 -16.50
N ALA P 368 64.58 -11.10 -16.90
CA ALA P 368 65.55 -11.61 -15.94
C ALA P 368 66.37 -10.50 -15.30
N MET P 369 66.39 -9.31 -15.93
CA MET P 369 67.05 -8.16 -15.31
C MET P 369 66.28 -7.64 -14.10
N GLU P 370 64.97 -7.85 -14.08
CA GLU P 370 64.14 -7.49 -12.94
C GLU P 370 63.93 -8.67 -11.99
N LEU P 371 64.22 -9.89 -12.43
CA LEU P 371 64.31 -11.06 -11.57
C LEU P 371 65.40 -10.90 -10.53
N LYS P 372 65.03 -11.01 -9.27
CA LYS P 372 65.97 -10.89 -8.17
C LYS P 372 66.44 -12.23 -7.63
N PHE P 373 65.59 -13.26 -7.69
CA PHE P 373 65.91 -14.58 -7.14
C PHE P 373 65.63 -15.63 -8.22
N LEU P 374 66.63 -15.86 -9.06
CA LEU P 374 66.56 -16.81 -10.15
C LEU P 374 67.12 -18.15 -9.73
N PRO P 375 66.47 -19.26 -10.07
CA PRO P 375 67.07 -20.58 -9.83
C PRO P 375 68.16 -20.86 -10.85
N LYS P 376 69.01 -21.84 -10.52
CA LYS P 376 70.15 -22.18 -11.36
C LYS P 376 69.10 -23.12 -11.94
N ASP P 377 69.01 -23.21 -13.22
CA ASP P 377 68.28 -24.23 -13.96
C ASP P 377 69.03 -24.12 -15.28
N VAL P 378 68.59 -24.90 -16.26
CA VAL P 378 69.12 -24.80 -17.62
C VAL P 378 67.96 -24.37 -18.52
N ASP P 379 66.73 -24.72 -18.13
CA ASP P 379 65.55 -24.42 -18.91
C ASP P 379 64.73 -23.27 -18.33
N ILE P 380 65.38 -22.23 -17.80
CA ILE P 380 64.69 -21.04 -17.34
C ILE P 380 64.17 -20.26 -18.54
N LYS P 381 62.86 -20.27 -18.74
CA LYS P 381 62.23 -19.56 -19.84
C LYS P 381 61.26 -18.54 -19.29
N THR P 382 61.42 -17.29 -19.69
CA THR P 382 60.54 -16.21 -19.28
C THR P 382 59.29 -16.21 -20.15
N LEU P 383 58.42 -15.21 -19.93
CA LEU P 383 57.24 -15.03 -20.78
C LEU P 383 57.64 -14.65 -22.19
N ASN P 384 58.66 -13.79 -22.32
CA ASN P 384 58.96 -13.10 -23.57
C ASN P 384 59.58 -14.03 -24.62
N ASP P 385 60.10 -15.18 -24.20
CA ASP P 385 60.43 -16.22 -25.16
C ASP P 385 59.14 -16.77 -25.76
N ILE P 386 58.16 -17.09 -24.91
CA ILE P 386 56.90 -17.66 -25.38
C ILE P 386 56.00 -16.57 -25.94
N TYR P 387 56.13 -15.34 -25.42
CA TYR P 387 55.36 -14.20 -25.94
C TYR P 387 55.80 -13.82 -27.35
N ASN P 388 57.11 -13.91 -27.63
CA ASN P 388 57.57 -13.75 -29.01
C ASN P 388 57.14 -14.93 -29.87
N GLU P 389 57.06 -16.12 -29.26
CA GLU P 389 56.49 -17.26 -29.96
C GLU P 389 54.98 -17.13 -30.09
N GLN P 390 54.35 -16.34 -29.23
CA GLN P 390 52.93 -16.06 -29.40
C GLN P 390 52.69 -15.11 -30.56
N ILE P 391 53.61 -14.16 -30.79
CA ILE P 391 53.50 -13.28 -31.95
C ILE P 391 53.77 -14.04 -33.24
N ALA P 392 54.80 -14.87 -33.24
CA ALA P 392 55.24 -15.53 -34.47
C ALA P 392 54.38 -16.73 -34.86
N SER P 393 53.67 -17.35 -33.92
CA SER P 393 52.83 -18.48 -34.31
C SER P 393 51.45 -18.04 -34.75
N ASP P 394 50.92 -16.98 -34.12
CA ASP P 394 49.54 -16.54 -34.35
C ASP P 394 49.34 -15.98 -35.75
N ILE P 395 50.40 -15.39 -36.31
CA ILE P 395 50.36 -15.02 -37.72
C ILE P 395 50.32 -16.26 -38.61
N VAL P 396 51.17 -17.26 -38.31
CA VAL P 396 51.32 -18.40 -39.20
C VAL P 396 50.32 -19.51 -38.85
N TRP P 397 49.63 -19.38 -37.72
CA TRP P 397 48.44 -20.19 -37.53
C TRP P 397 47.30 -19.67 -38.39
N ASP P 398 47.33 -18.38 -38.73
CA ASP P 398 46.38 -17.81 -39.67
C ASP P 398 46.95 -17.62 -41.08
N LEU P 399 48.22 -17.99 -41.31
CA LEU P 399 48.70 -18.10 -42.69
C LEU P 399 48.36 -19.46 -43.29
N ILE P 400 47.77 -20.36 -42.49
CA ILE P 400 47.15 -21.54 -43.07
C ILE P 400 45.67 -21.26 -43.30
N ASP P 401 45.14 -20.23 -42.62
CA ASP P 401 43.76 -19.78 -42.82
C ASP P 401 43.58 -19.04 -44.13
N GLU P 402 44.65 -18.52 -44.73
CA GLU P 402 44.55 -17.70 -45.94
C GLU P 402 44.24 -18.52 -47.19
N ILE P 403 44.34 -19.84 -47.14
CA ILE P 403 44.08 -20.68 -48.30
C ILE P 403 42.62 -21.09 -48.33
N SER Q 85 37.64 -28.52 -45.31
CA SER Q 85 39.04 -28.52 -44.88
C SER Q 85 39.85 -29.51 -45.73
N THR Q 86 40.59 -28.98 -46.71
CA THR Q 86 41.46 -29.79 -47.56
C THR Q 86 42.92 -29.41 -47.36
N THR Q 87 43.23 -28.11 -47.45
CA THR Q 87 44.56 -27.63 -47.06
C THR Q 87 44.74 -27.74 -45.55
N ARG Q 88 43.65 -27.56 -44.80
CA ARG Q 88 43.68 -27.75 -43.35
C ARG Q 88 43.80 -29.22 -42.98
N ARG Q 89 43.37 -30.11 -43.88
CA ARG Q 89 43.53 -31.54 -43.65
C ARG Q 89 44.99 -31.96 -43.88
N TYR Q 90 45.55 -31.56 -45.02
CA TYR Q 90 46.85 -32.10 -45.44
C TYR Q 90 48.00 -31.45 -44.68
N LEU Q 91 47.96 -30.12 -44.54
CA LEU Q 91 49.14 -29.41 -44.04
C LEU Q 91 49.30 -29.58 -42.53
N ASN Q 92 48.18 -29.70 -41.80
CA ASN Q 92 48.24 -29.79 -40.34
C ASN Q 92 48.83 -31.12 -39.84
N GLU Q 93 48.89 -32.14 -40.69
CA GLU Q 93 49.68 -33.32 -40.35
C GLU Q 93 51.17 -33.04 -40.50
N HIS Q 94 51.55 -32.04 -41.31
CA HIS Q 94 52.93 -31.83 -41.73
C HIS Q 94 53.50 -30.49 -41.31
N VAL Q 95 52.73 -29.40 -41.44
CA VAL Q 95 53.30 -28.07 -41.26
C VAL Q 95 53.38 -27.70 -39.78
N THR Q 96 52.72 -28.46 -38.90
CA THR Q 96 52.56 -28.05 -37.52
C THR Q 96 53.81 -28.42 -36.70
N LYS Q 97 54.49 -29.49 -37.07
CA LYS Q 97 55.63 -29.94 -36.29
C LYS Q 97 56.88 -29.12 -36.56
N HIS Q 98 57.35 -29.06 -37.81
CA HIS Q 98 58.68 -28.53 -38.04
C HIS Q 98 58.68 -27.03 -38.36
N LEU Q 99 57.71 -26.56 -39.15
CA LEU Q 99 57.77 -25.14 -39.54
C LEU Q 99 57.31 -24.24 -38.40
N LEU Q 100 56.43 -24.74 -37.53
CA LEU Q 100 56.10 -23.98 -36.32
C LEU Q 100 57.27 -23.96 -35.34
N GLU Q 101 58.01 -25.07 -35.22
CA GLU Q 101 59.23 -25.06 -34.43
C GLU Q 101 60.32 -24.27 -35.12
N GLY Q 102 60.25 -24.15 -36.45
CA GLY Q 102 61.17 -23.28 -37.15
C GLY Q 102 60.84 -21.81 -36.97
N MET Q 103 59.58 -21.50 -36.70
CA MET Q 103 59.23 -20.11 -36.43
C MET Q 103 59.22 -19.81 -34.94
N LYS Q 104 59.24 -20.85 -34.10
CA LYS Q 104 59.42 -20.63 -32.67
C LYS Q 104 60.90 -20.41 -32.32
N LEU Q 105 61.82 -20.66 -33.25
CA LEU Q 105 63.23 -20.41 -32.97
C LEU Q 105 63.64 -19.00 -33.43
N ILE Q 106 63.06 -18.51 -34.54
CA ILE Q 106 63.41 -17.18 -35.03
C ILE Q 106 62.73 -16.08 -34.24
N ALA Q 107 61.77 -16.41 -33.38
CA ALA Q 107 61.12 -15.41 -32.55
C ALA Q 107 62.02 -14.92 -31.43
N ARG Q 108 63.03 -15.72 -31.04
CA ARG Q 108 63.86 -15.40 -29.89
C ARG Q 108 64.82 -14.26 -30.19
N GLU Q 109 65.67 -14.42 -31.22
CA GLU Q 109 66.61 -13.37 -31.59
C GLU Q 109 66.72 -13.34 -33.11
N LYS Q 110 67.02 -12.15 -33.65
CA LYS Q 110 66.96 -11.90 -35.08
C LYS Q 110 68.22 -11.23 -35.58
N PRO Q 111 68.91 -11.82 -36.56
CA PRO Q 111 70.01 -11.13 -37.23
C PRO Q 111 69.48 -10.23 -38.36
N GLU Q 112 70.42 -9.70 -39.14
CA GLU Q 112 70.04 -8.83 -40.25
C GLU Q 112 69.44 -9.60 -41.42
N ASP Q 113 69.69 -10.91 -41.48
CA ASP Q 113 69.07 -11.77 -42.50
C ASP Q 113 68.81 -12.97 -41.60
N PRO Q 114 67.54 -13.37 -41.44
CA PRO Q 114 67.24 -14.55 -40.64
C PRO Q 114 66.62 -15.51 -41.64
N LEU Q 115 66.51 -15.13 -42.91
CA LEU Q 115 65.95 -16.00 -43.92
C LEU Q 115 66.96 -17.05 -44.37
N ARG Q 116 68.23 -16.87 -44.03
CA ARG Q 116 69.25 -17.85 -44.38
C ARG Q 116 69.33 -18.97 -43.36
N VAL Q 117 69.14 -18.65 -42.07
CA VAL Q 117 69.36 -19.64 -41.03
C VAL Q 117 68.16 -20.57 -40.89
N LEU Q 118 66.94 -20.06 -41.04
CA LEU Q 118 65.77 -20.93 -40.99
C LEU Q 118 65.62 -21.72 -42.29
N GLY Q 119 66.05 -21.12 -43.41
CA GLY Q 119 66.11 -21.85 -44.66
C GLY Q 119 67.14 -22.96 -44.64
N GLN Q 120 68.24 -22.75 -43.91
CA GLN Q 120 69.21 -23.83 -43.69
C GLN Q 120 68.65 -24.88 -42.74
N PHE Q 121 67.94 -24.45 -41.69
CA PHE Q 121 67.44 -25.37 -40.67
C PHE Q 121 66.34 -26.28 -41.19
N LEU Q 122 65.63 -25.86 -42.25
CA LEU Q 122 64.61 -26.72 -42.84
C LEU Q 122 65.23 -27.76 -43.77
N ILE Q 123 66.47 -27.54 -44.22
CA ILE Q 123 67.20 -28.63 -44.86
C ILE Q 123 67.62 -29.66 -43.80
N ASP Q 124 67.87 -29.20 -42.57
CA ASP Q 124 68.14 -30.13 -41.49
C ASP Q 124 66.88 -30.85 -41.02
N ALA Q 125 65.71 -30.29 -41.32
CA ALA Q 125 64.45 -30.94 -40.94
C ALA Q 125 64.15 -32.15 -41.81
N SER Q 126 64.69 -32.18 -43.03
CA SER Q 126 64.48 -33.32 -43.94
C SER Q 126 65.58 -34.35 -43.74
N PRO R 78 54.06 2.53 -44.58
CA PRO R 78 54.34 1.18 -45.05
C PRO R 78 53.79 0.11 -44.11
N VAL R 79 54.36 -1.09 -44.15
CA VAL R 79 53.87 -2.23 -43.38
C VAL R 79 54.58 -2.31 -42.02
N ALA R 80 55.44 -1.33 -41.71
CA ALA R 80 56.16 -1.31 -40.43
C ALA R 80 55.22 -1.04 -39.26
N MET R 81 54.13 -0.31 -39.49
CA MET R 81 53.13 -0.06 -38.47
C MET R 81 51.75 -0.57 -38.83
N ILE R 82 51.50 -0.89 -40.11
CA ILE R 82 50.21 -1.43 -40.52
C ILE R 82 50.06 -2.87 -40.07
N GLY R 83 51.16 -3.59 -39.95
CA GLY R 83 51.14 -4.92 -39.39
C GLY R 83 50.97 -4.91 -37.88
N GLY R 84 51.43 -3.84 -37.26
CA GLY R 84 51.18 -3.63 -35.84
C GLY R 84 52.07 -2.54 -35.30
N SER R 85 51.64 -1.98 -34.17
CA SER R 85 52.39 -0.91 -33.49
C SER R 85 53.11 -1.69 -32.39
N THR R 86 54.26 -2.24 -32.71
CA THR R 86 55.07 -3.02 -31.79
C THR R 86 56.46 -3.05 -32.41
N THR R 87 57.49 -3.00 -31.57
CA THR R 87 58.86 -3.22 -32.04
C THR R 87 59.14 -4.68 -32.37
N ARG R 88 58.30 -5.61 -31.91
CA ARG R 88 58.33 -7.00 -32.33
C ARG R 88 57.43 -7.28 -33.53
N ARG R 89 56.90 -6.22 -34.17
CA ARG R 89 56.16 -6.34 -35.41
C ARG R 89 57.00 -6.15 -36.67
N TYR R 90 58.30 -6.42 -36.58
CA TYR R 90 59.16 -6.38 -37.75
C TYR R 90 58.75 -7.36 -38.84
N LEU R 91 57.96 -8.37 -38.49
CA LEU R 91 57.81 -9.57 -39.30
C LEU R 91 56.94 -9.35 -40.53
N ASN R 92 55.94 -8.47 -40.43
CA ASN R 92 55.00 -8.33 -41.54
C ASN R 92 55.57 -7.48 -42.67
N GLU R 93 56.71 -6.84 -42.44
CA GLU R 93 57.40 -6.11 -43.50
C GLU R 93 58.67 -6.84 -43.93
N HIS R 94 59.52 -7.22 -42.97
CA HIS R 94 60.84 -7.72 -43.31
C HIS R 94 60.82 -9.17 -43.73
N VAL R 95 60.44 -10.08 -42.84
CA VAL R 95 60.67 -11.50 -43.11
C VAL R 95 59.44 -12.19 -43.70
N THR R 96 58.26 -12.03 -43.11
CA THR R 96 57.16 -12.96 -43.40
C THR R 96 56.39 -12.57 -44.66
N LYS R 97 56.79 -11.48 -45.34
CA LYS R 97 56.22 -11.11 -46.63
C LYS R 97 56.47 -12.15 -47.72
N HIS R 98 57.73 -12.48 -47.97
CA HIS R 98 58.02 -13.47 -48.99
C HIS R 98 58.09 -14.89 -48.42
N LEU R 99 57.93 -15.04 -47.11
CA LEU R 99 57.66 -16.36 -46.55
C LEU R 99 56.25 -16.81 -46.88
N LEU R 100 55.28 -15.90 -46.77
CA LEU R 100 53.94 -16.25 -47.24
C LEU R 100 53.88 -16.27 -48.75
N GLU R 101 54.69 -15.45 -49.42
CA GLU R 101 54.68 -15.44 -50.88
C GLU R 101 55.51 -16.58 -51.47
N GLY R 102 56.33 -17.24 -50.66
CA GLY R 102 56.84 -18.54 -51.04
C GLY R 102 55.81 -19.63 -50.82
N MET R 103 54.86 -19.38 -49.92
CA MET R 103 53.78 -20.32 -49.62
C MET R 103 52.58 -20.14 -50.54
N LYS R 104 52.53 -19.07 -51.35
CA LYS R 104 51.44 -18.91 -52.31
C LYS R 104 51.55 -19.83 -53.52
N LEU R 105 52.69 -20.47 -53.73
CA LEU R 105 52.80 -21.54 -54.70
C LEU R 105 52.56 -22.91 -54.08
N ILE R 106 52.88 -23.05 -52.79
CA ILE R 106 52.69 -24.29 -52.07
C ILE R 106 51.24 -24.45 -51.62
N ASP R 113 53.22 -31.15 -51.16
CA ASP R 113 54.51 -30.58 -51.51
C ASP R 113 55.56 -30.91 -50.43
N PRO R 114 56.80 -31.19 -50.86
CA PRO R 114 57.85 -31.52 -49.89
C PRO R 114 58.33 -30.34 -49.07
N LEU R 115 59.26 -30.62 -48.15
CA LEU R 115 59.76 -29.61 -47.23
C LEU R 115 61.12 -29.05 -47.63
N ARG R 116 61.91 -29.78 -48.42
CA ARG R 116 63.24 -29.31 -48.77
C ARG R 116 63.21 -28.18 -49.79
N VAL R 117 62.14 -28.12 -50.59
CA VAL R 117 61.99 -27.01 -51.53
C VAL R 117 61.44 -25.78 -50.81
N LEU R 118 60.81 -25.97 -49.64
CA LEU R 118 60.41 -24.84 -48.80
C LEU R 118 61.58 -24.16 -48.13
N GLY R 119 62.74 -24.83 -48.04
CA GLY R 119 63.91 -24.18 -47.48
C GLY R 119 64.52 -23.15 -48.41
N GLN R 120 64.25 -23.26 -49.71
CA GLN R 120 64.77 -22.30 -50.66
C GLN R 120 63.72 -21.31 -51.13
N PHE R 121 62.45 -21.51 -50.77
CA PHE R 121 61.47 -20.43 -50.83
C PHE R 121 61.63 -19.47 -49.65
N LEU R 122 62.36 -19.89 -48.61
CA LEU R 122 62.94 -19.01 -47.61
C LEU R 122 64.09 -18.17 -48.16
N ILE R 123 64.72 -18.60 -49.25
CA ILE R 123 65.91 -17.94 -49.77
C ILE R 123 65.59 -16.80 -50.74
N ASP R 124 64.57 -16.96 -51.59
CA ASP R 124 64.40 -16.05 -52.74
C ASP R 124 63.86 -14.61 -52.38
N ALA R 125 63.87 -14.16 -51.13
CA ALA R 125 63.77 -12.76 -50.80
C ALA R 125 65.14 -12.11 -50.61
N SER R 126 66.21 -12.89 -50.70
CA SER R 126 67.56 -12.37 -50.51
C SER R 126 68.34 -12.36 -51.82
N SAM S . 8.15 -20.22 -2.79
CA SAM S . 9.12 -19.29 -2.24
C SAM S . 8.66 -18.70 -0.93
O SAM S . 9.46 -18.51 -0.01
OXT SAM S . 7.48 -18.41 -0.76
CB SAM S . 9.38 -18.17 -3.24
CG SAM S . 9.60 -18.65 -4.66
SD SAM S . 11.33 -19.06 -4.99
CE SAM S . 11.57 -18.07 -6.47
C5' SAM S . 11.24 -20.70 -5.74
C4' SAM S . 10.39 -21.69 -4.95
O4' SAM S . 9.10 -21.78 -5.52
C3' SAM S . 11.01 -23.08 -5.00
O3' SAM S . 11.40 -23.47 -3.70
C2' SAM S . 9.94 -23.99 -5.53
O2' SAM S . 9.68 -25.02 -4.60
C1' SAM S . 8.71 -23.12 -5.69
N9 SAM S . 8.18 -23.26 -7.05
C8 SAM S . 8.88 -23.08 -8.20
N7 SAM S . 8.05 -23.31 -9.23
C5 SAM S . 6.83 -23.62 -8.75
C6 SAM S . 5.64 -23.93 -9.38
N6 SAM S . 5.57 -23.96 -10.71
N1 SAM S . 4.53 -24.22 -8.61
C2 SAM S . 4.63 -24.20 -7.25
N3 SAM S . 5.81 -23.88 -6.63
C4 SAM S . 6.90 -23.60 -7.38
ZN ZN T . 0.01 -24.45 -12.90
#